data_2GVQ
#
_entry.id   2GVQ
#
_cell.length_a   91.814
_cell.length_b   65.621
_cell.length_c   115.607
_cell.angle_alpha   90.00
_cell.angle_beta   107.39
_cell.angle_gamma   90.00
#
_symmetry.space_group_name_H-M   'P 1 2 1'
#
loop_
_entity.id
_entity.type
_entity.pdbx_description
1 polymer 'Anthranilate phosphoribosyltransferase'
2 non-polymer '2-AMINOBENZOIC ACID'
3 water water
#
_entity_poly.entity_id   1
_entity_poly.type   'polypeptide(L)'
_entity_poly.pdbx_seq_one_letter_code
;MNINEILKKLINKSDLEINEAEELAKAIIRGEVPEILVSAILVALRMKGESKNEIVGFARAMRELAIKIDVPNAIDTAGT
GGDGLGTVNVSTASAILLSLVNPVAKHGNRAVSGKSGSADVLEALGYNIIVPPERAKELVNKTNFVFLFAQYYHPAMKNV
ANVRKTLGIRTIFNILGPLTNPANAKYQLMGVFSKDHLDLLSKSAYELDFNKIILVYGEPGIDEVSPIGNTFMKIVSKRG
IEEVKLNVTDFGISPIPIEKLIVNSAEDSAIKIVRAFLGKDEHVAEFIKINTAVALFALDRVGDFREGYEYADHLIEKSL
DKLNEIISMNGDVTKLKTIVVKSSG
;
_entity_poly.pdbx_strand_id   A,B,C,D
#
# COMPACT_ATOMS: atom_id res chain seq x y z
N MET A 1 -9.21 20.60 -3.90
CA MET A 1 -10.61 20.65 -3.39
C MET A 1 -11.59 20.84 -4.55
N ASN A 2 -12.20 19.73 -4.98
CA ASN A 2 -13.15 19.75 -6.08
C ASN A 2 -14.57 19.63 -5.51
N ILE A 3 -15.36 20.69 -5.66
CA ILE A 3 -16.72 20.69 -5.12
C ILE A 3 -17.65 19.60 -5.66
N ASN A 4 -17.46 19.18 -6.90
CA ASN A 4 -18.34 18.13 -7.43
C ASN A 4 -18.05 16.80 -6.78
N GLU A 5 -16.77 16.54 -6.52
CA GLU A 5 -16.37 15.31 -5.86
C GLU A 5 -16.97 15.32 -4.46
N ILE A 6 -16.87 16.47 -3.79
CA ILE A 6 -17.39 16.64 -2.44
C ILE A 6 -18.90 16.43 -2.49
N LEU A 7 -19.56 17.10 -3.44
CA LEU A 7 -21.00 16.98 -3.60
C LEU A 7 -21.41 15.52 -3.77
N LYS A 8 -20.79 14.81 -4.72
CA LYS A 8 -21.13 13.43 -4.94
C LYS A 8 -20.90 12.61 -3.67
N LYS A 9 -19.84 12.92 -2.96
CA LYS A 9 -19.53 12.22 -1.71
C LYS A 9 -20.66 12.44 -0.68
N LEU A 10 -21.17 13.67 -0.60
CA LEU A 10 -22.26 14.00 0.33
C LEU A 10 -23.54 13.33 -0.18
N ILE A 11 -23.75 13.37 -1.50
CA ILE A 11 -24.94 12.75 -2.08
C ILE A 11 -24.98 11.27 -1.73
N ASN A 12 -23.82 10.63 -1.65
CA ASN A 12 -23.76 9.21 -1.29
C ASN A 12 -23.82 9.05 0.22
N LYS A 13 -24.16 10.14 0.89
CA LYS A 13 -24.29 10.16 2.33
C LYS A 13 -23.08 9.67 3.12
N SER A 14 -21.90 10.11 2.72
CA SER A 14 -20.67 9.74 3.44
C SER A 14 -20.06 11.03 4.02
N ASP A 15 -19.55 10.95 5.25
CA ASP A 15 -18.95 12.11 5.91
C ASP A 15 -17.65 12.55 5.25
N LEU A 16 -17.23 13.77 5.51
CA LEU A 16 -16.01 14.29 4.93
C LEU A 16 -14.90 14.37 5.97
N GLU A 17 -13.67 14.47 5.50
CA GLU A 17 -12.55 14.58 6.41
C GLU A 17 -12.58 16.01 6.93
N ILE A 18 -11.93 16.25 8.05
CA ILE A 18 -11.89 17.59 8.62
C ILE A 18 -11.40 18.66 7.66
N ASN A 19 -10.22 18.47 7.06
CA ASN A 19 -9.68 19.47 6.15
C ASN A 19 -10.36 19.48 4.80
N GLU A 20 -11.05 18.39 4.49
CA GLU A 20 -11.79 18.28 3.24
C GLU A 20 -13.00 19.22 3.39
N ALA A 21 -13.59 19.21 4.59
CA ALA A 21 -14.74 20.05 4.92
C ALA A 21 -14.27 21.47 5.15
N GLU A 22 -13.03 21.62 5.61
CA GLU A 22 -12.49 22.95 5.87
C GLU A 22 -12.20 23.71 4.59
N GLU A 23 -11.68 23.01 3.58
CA GLU A 23 -11.39 23.67 2.32
C GLU A 23 -12.70 24.03 1.63
N LEU A 24 -13.69 23.16 1.77
CA LEU A 24 -15.01 23.39 1.19
C LEU A 24 -15.64 24.64 1.80
N ALA A 25 -15.53 24.76 3.11
CA ALA A 25 -16.08 25.91 3.82
C ALA A 25 -15.35 27.19 3.43
N LYS A 26 -14.02 27.13 3.34
CA LYS A 26 -13.26 28.32 2.96
C LYS A 26 -13.65 28.79 1.58
N ALA A 27 -13.86 27.86 0.66
CA ALA A 27 -14.23 28.24 -0.70
C ALA A 27 -15.63 28.85 -0.71
N ILE A 28 -16.52 28.29 0.10
CA ILE A 28 -17.89 28.81 0.16
C ILE A 28 -17.96 30.19 0.82
N ILE A 29 -17.33 30.31 1.97
CA ILE A 29 -17.32 31.55 2.71
C ILE A 29 -16.60 32.65 1.96
N ARG A 30 -15.72 32.26 1.04
CA ARG A 30 -14.99 33.23 0.23
C ARG A 30 -15.76 33.59 -1.03
N GLY A 31 -16.91 32.94 -1.23
CA GLY A 31 -17.74 33.23 -2.39
C GLY A 31 -17.13 32.77 -3.70
N GLU A 32 -16.46 31.63 -3.66
CA GLU A 32 -15.81 31.05 -4.84
C GLU A 32 -16.60 29.87 -5.40
N VAL A 33 -17.81 29.67 -4.90
CA VAL A 33 -18.64 28.57 -5.35
C VAL A 33 -19.99 29.12 -5.79
N PRO A 34 -20.44 28.75 -6.98
CA PRO A 34 -21.73 29.23 -7.49
C PRO A 34 -22.85 28.99 -6.48
N GLU A 35 -23.79 29.92 -6.40
CA GLU A 35 -24.90 29.79 -5.44
C GLU A 35 -25.59 28.44 -5.59
N ILE A 36 -25.74 27.99 -6.82
CA ILE A 36 -26.40 26.72 -7.07
C ILE A 36 -25.74 25.56 -6.33
N LEU A 37 -24.41 25.56 -6.28
CA LEU A 37 -23.69 24.49 -5.59
C LEU A 37 -23.63 24.69 -4.08
N VAL A 38 -23.54 25.93 -3.63
CA VAL A 38 -23.52 26.20 -2.18
C VAL A 38 -24.85 25.64 -1.66
N SER A 39 -25.92 25.97 -2.39
CA SER A 39 -27.25 25.50 -2.03
C SER A 39 -27.33 23.97 -1.99
N ALA A 40 -26.88 23.31 -3.05
CA ALA A 40 -26.91 21.86 -3.11
C ALA A 40 -26.10 21.30 -1.95
N ILE A 41 -24.93 21.89 -1.71
CA ILE A 41 -24.05 21.46 -0.64
C ILE A 41 -24.66 21.58 0.75
N LEU A 42 -25.28 22.72 1.06
CA LEU A 42 -25.90 22.86 2.39
C LEU A 42 -27.05 21.87 2.54
N VAL A 43 -27.83 21.67 1.49
CA VAL A 43 -28.95 20.73 1.55
C VAL A 43 -28.49 19.28 1.70
N ALA A 44 -27.40 18.92 1.04
CA ALA A 44 -26.89 17.55 1.14
C ALA A 44 -26.40 17.30 2.57
N LEU A 45 -25.71 18.30 3.11
CA LEU A 45 -25.17 18.28 4.47
C LEU A 45 -26.30 18.08 5.48
N ARG A 46 -27.35 18.87 5.34
CA ARG A 46 -28.47 18.72 6.26
C ARG A 46 -29.12 17.35 6.12
N MET A 47 -29.44 16.95 4.90
CA MET A 47 -30.08 15.66 4.69
C MET A 47 -29.20 14.47 4.99
N LYS A 48 -27.89 14.62 4.86
CA LYS A 48 -27.02 13.51 5.20
C LYS A 48 -26.88 13.48 6.71
N GLY A 49 -26.87 14.66 7.31
CA GLY A 49 -26.68 14.78 8.73
C GLY A 49 -25.23 15.14 8.92
N GLU A 50 -24.97 16.37 9.36
CA GLU A 50 -23.61 16.82 9.55
C GLU A 50 -22.92 16.04 10.67
N SER A 51 -21.71 15.56 10.36
CA SER A 51 -20.92 14.80 11.32
C SER A 51 -19.96 15.74 12.03
N LYS A 52 -19.23 15.18 12.99
CA LYS A 52 -18.26 15.93 13.78
C LYS A 52 -17.23 16.68 12.93
N ASN A 53 -16.57 15.96 12.03
CA ASN A 53 -15.53 16.53 11.19
C ASN A 53 -15.98 17.69 10.32
N GLU A 54 -17.21 17.59 9.80
CA GLU A 54 -17.74 18.65 8.98
C GLU A 54 -17.95 19.89 9.84
N ILE A 55 -18.34 19.69 11.09
CA ILE A 55 -18.57 20.81 12.00
C ILE A 55 -17.23 21.46 12.30
N VAL A 56 -16.28 20.63 12.73
CA VAL A 56 -14.94 21.13 13.02
C VAL A 56 -14.40 21.86 11.79
N GLY A 57 -14.53 21.23 10.63
CA GLY A 57 -14.03 21.82 9.41
C GLY A 57 -14.56 23.22 9.16
N PHE A 58 -15.87 23.36 9.28
CA PHE A 58 -16.51 24.66 9.06
C PHE A 58 -16.15 25.70 10.10
N ALA A 59 -16.11 25.28 11.36
CA ALA A 59 -15.76 26.18 12.43
C ALA A 59 -14.34 26.71 12.23
N ARG A 60 -13.39 25.80 12.00
CA ARG A 60 -12.02 26.25 11.79
C ARG A 60 -11.93 27.24 10.62
N ALA A 61 -12.78 27.02 9.62
CA ALA A 61 -12.77 27.89 8.45
C ALA A 61 -13.30 29.29 8.77
N MET A 62 -14.41 29.37 9.49
CA MET A 62 -14.95 30.68 9.84
C MET A 62 -14.00 31.40 10.76
N ARG A 63 -13.33 30.65 11.64
CA ARG A 63 -12.37 31.24 12.57
C ARG A 63 -11.24 31.96 11.82
N GLU A 64 -10.69 31.31 10.80
CA GLU A 64 -9.62 31.92 10.02
C GLU A 64 -10.02 33.16 9.25
N LEU A 65 -11.22 33.13 8.67
CA LEU A 65 -11.71 34.25 7.86
C LEU A 65 -12.38 35.37 8.66
N ALA A 66 -12.56 35.13 9.95
CA ALA A 66 -13.20 36.12 10.80
C ALA A 66 -12.26 37.24 11.20
N ILE A 67 -12.86 38.37 11.58
CA ILE A 67 -12.11 39.51 12.07
C ILE A 67 -11.83 39.11 13.51
N LYS A 68 -10.57 38.95 13.85
CA LYS A 68 -10.20 38.52 15.20
C LYS A 68 -9.58 39.58 16.10
N ILE A 69 -9.55 39.26 17.38
CA ILE A 69 -8.93 40.08 18.42
C ILE A 69 -8.52 38.96 19.36
N ASP A 70 -7.56 39.22 20.23
CA ASP A 70 -7.11 38.14 21.09
C ASP A 70 -7.36 38.29 22.59
N VAL A 71 -8.19 37.40 23.11
CA VAL A 71 -8.54 37.37 24.53
C VAL A 71 -8.91 35.92 24.86
N PRO A 72 -7.96 34.99 24.72
CA PRO A 72 -8.21 33.57 25.00
C PRO A 72 -8.66 33.31 26.44
N ASN A 73 -8.19 34.17 27.34
CA ASN A 73 -8.51 34.08 28.77
C ASN A 73 -9.98 34.40 29.08
N ALA A 74 -10.68 34.99 28.12
CA ALA A 74 -12.09 35.37 28.31
C ALA A 74 -13.03 34.21 28.23
N ILE A 75 -14.25 34.43 28.71
CA ILE A 75 -15.28 33.40 28.64
C ILE A 75 -16.42 33.97 27.81
N ASP A 76 -17.16 33.09 27.16
CA ASP A 76 -18.31 33.49 26.36
C ASP A 76 -19.48 32.62 26.78
N THR A 77 -20.69 33.14 26.63
CA THR A 77 -21.88 32.41 27.02
C THR A 77 -22.87 32.30 25.86
N ALA A 78 -22.35 32.21 24.65
CA ALA A 78 -23.19 32.13 23.45
C ALA A 78 -23.78 30.75 23.24
N GLY A 79 -25.08 30.68 22.98
CA GLY A 79 -25.72 29.41 22.72
C GLY A 79 -26.12 29.36 21.27
N THR A 80 -27.02 28.45 20.90
CA THR A 80 -27.50 28.35 19.52
C THR A 80 -28.84 29.08 19.45
N GLY A 84 -37.11 28.40 20.78
CA GLY A 84 -37.77 29.64 20.43
C GLY A 84 -38.96 29.97 21.31
N LEU A 85 -38.91 29.54 22.57
CA LEU A 85 -39.99 29.78 23.52
C LEU A 85 -40.18 31.23 23.97
N GLY A 86 -39.21 32.09 23.68
CA GLY A 86 -39.34 33.49 24.07
C GLY A 86 -38.81 33.80 25.46
N THR A 87 -38.16 32.82 26.07
CA THR A 87 -37.58 32.96 27.40
C THR A 87 -36.60 34.15 27.38
N VAL A 88 -36.48 34.84 28.50
CA VAL A 88 -35.56 35.99 28.59
C VAL A 88 -34.13 35.53 28.35
N ASN A 89 -33.34 36.35 27.65
CA ASN A 89 -31.95 35.99 27.38
C ASN A 89 -31.07 36.14 28.60
N VAL A 90 -30.85 35.03 29.28
CA VAL A 90 -30.04 35.03 30.48
C VAL A 90 -28.54 34.96 30.19
N SER A 91 -28.15 34.49 29.01
CA SER A 91 -26.73 34.41 28.70
C SER A 91 -26.17 35.83 28.66
N THR A 92 -26.99 36.79 28.26
CA THR A 92 -26.53 38.17 28.24
C THR A 92 -26.40 38.73 29.66
N ALA A 93 -27.40 38.47 30.49
CA ALA A 93 -27.37 38.97 31.86
C ALA A 93 -26.25 38.25 32.60
N SER A 94 -26.14 36.96 32.31
CA SER A 94 -25.13 36.12 32.92
C SER A 94 -23.74 36.59 32.51
N ALA A 95 -23.59 37.06 31.27
CA ALA A 95 -22.30 37.56 30.81
C ALA A 95 -21.91 38.73 31.70
N ILE A 96 -22.89 39.54 32.07
CA ILE A 96 -22.63 40.69 32.92
C ILE A 96 -22.07 40.26 34.29
N LEU A 97 -22.69 39.28 34.94
CA LEU A 97 -22.20 38.89 36.26
C LEU A 97 -20.76 38.40 36.16
N LEU A 98 -20.49 37.60 35.14
CA LEU A 98 -19.15 37.06 34.97
C LEU A 98 -18.07 38.13 34.73
N SER A 99 -18.45 39.27 34.15
CA SER A 99 -17.47 40.29 33.86
C SER A 99 -16.92 40.91 35.14
N LEU A 100 -17.49 40.53 36.27
CA LEU A 100 -17.04 41.02 37.57
C LEU A 100 -15.78 40.25 38.00
N VAL A 101 -15.67 39.00 37.60
CA VAL A 101 -14.53 38.22 38.01
C VAL A 101 -13.72 37.61 36.88
N ASN A 102 -14.00 38.00 35.65
CA ASN A 102 -13.27 37.44 34.52
C ASN A 102 -13.63 38.16 33.23
N PRO A 103 -12.68 38.26 32.30
CA PRO A 103 -12.98 38.94 31.03
C PRO A 103 -14.03 38.16 30.23
N VAL A 104 -15.03 38.88 29.75
CA VAL A 104 -16.11 38.30 28.98
C VAL A 104 -16.11 38.84 27.57
N ALA A 105 -16.09 37.93 26.60
CA ALA A 105 -16.13 38.31 25.19
C ALA A 105 -17.40 37.65 24.65
N LYS A 106 -18.52 38.35 24.81
CA LYS A 106 -19.83 37.86 24.40
C LYS A 106 -20.01 37.98 22.90
N HIS A 107 -20.20 36.83 22.25
CA HIS A 107 -20.38 36.77 20.81
C HIS A 107 -21.87 36.51 20.53
N GLY A 108 -22.47 37.24 19.60
CA GLY A 108 -23.88 37.02 19.30
C GLY A 108 -24.44 37.86 18.17
N ASN A 109 -25.71 37.64 17.83
CA ASN A 109 -26.40 38.37 16.76
C ASN A 109 -27.75 38.85 17.29
N ARG A 110 -28.52 39.50 16.43
CA ARG A 110 -29.87 39.95 16.77
C ARG A 110 -30.79 38.76 16.51
N ALA A 111 -31.95 38.75 17.14
CA ALA A 111 -32.90 37.68 16.92
C ALA A 111 -33.64 38.06 15.65
N VAL A 112 -34.03 37.06 14.86
CA VAL A 112 -34.75 37.31 13.63
C VAL A 112 -36.08 37.98 13.95
N SER A 113 -36.81 37.36 14.86
CA SER A 113 -38.12 37.84 15.25
C SER A 113 -38.16 39.03 16.21
N GLY A 114 -38.86 38.83 17.33
CA GLY A 114 -39.05 39.86 18.34
C GLY A 114 -37.97 40.17 19.35
N LYS A 115 -36.83 40.63 18.85
CA LYS A 115 -35.70 41.02 19.69
C LYS A 115 -35.56 40.25 21.00
N SER A 116 -34.92 39.09 20.91
CA SER A 116 -34.67 38.24 22.05
C SER A 116 -33.18 37.94 22.01
N GLY A 117 -32.55 38.40 20.93
CA GLY A 117 -31.13 38.20 20.74
C GLY A 117 -30.31 39.04 21.69
N SER A 118 -29.12 38.55 22.02
CA SER A 118 -28.23 39.26 22.92
C SER A 118 -28.01 40.68 22.42
N ALA A 119 -27.85 40.82 21.12
CA ALA A 119 -27.64 42.15 20.55
C ALA A 119 -28.84 43.06 20.76
N ASP A 120 -30.05 42.50 20.70
CA ASP A 120 -31.27 43.29 20.88
C ASP A 120 -31.41 43.73 22.34
N VAL A 121 -31.15 42.82 23.27
CA VAL A 121 -31.26 43.15 24.69
C VAL A 121 -30.22 44.23 25.08
N LEU A 122 -28.96 43.97 24.75
CA LEU A 122 -27.89 44.91 25.05
C LEU A 122 -28.21 46.28 24.53
N GLU A 123 -28.66 46.34 23.28
CA GLU A 123 -29.00 47.61 22.67
C GLU A 123 -30.13 48.28 23.45
N ALA A 124 -31.10 47.49 23.92
CA ALA A 124 -32.21 48.05 24.68
C ALA A 124 -31.68 48.59 26.02
N LEU A 125 -30.59 48.01 26.54
CA LEU A 125 -30.02 48.49 27.80
C LEU A 125 -29.23 49.78 27.57
N GLY A 126 -28.98 50.13 26.31
CA GLY A 126 -28.25 51.36 26.02
C GLY A 126 -26.84 51.11 25.52
N TYR A 127 -26.48 49.84 25.40
CA TYR A 127 -25.14 49.47 24.93
C TYR A 127 -25.06 49.66 23.41
N ASN A 128 -23.88 50.01 22.93
CA ASN A 128 -23.64 50.18 21.51
C ASN A 128 -23.07 48.89 20.95
N ILE A 129 -23.97 47.97 20.60
CA ILE A 129 -23.59 46.67 20.07
C ILE A 129 -22.62 46.60 18.89
N ILE A 130 -22.46 47.68 18.14
CA ILE A 130 -21.53 47.71 17.00
C ILE A 130 -20.18 48.24 17.49
N VAL A 131 -19.30 47.32 17.89
CA VAL A 131 -17.99 47.66 18.43
C VAL A 131 -16.84 47.33 17.48
N PRO A 132 -16.15 48.37 16.96
CA PRO A 132 -15.01 48.20 16.03
C PRO A 132 -13.99 47.32 16.73
N PRO A 133 -13.35 46.41 15.99
CA PRO A 133 -12.34 45.51 16.58
C PRO A 133 -11.18 46.13 17.34
N GLU A 134 -10.72 47.31 16.94
CA GLU A 134 -9.61 47.94 17.65
C GLU A 134 -10.08 48.46 19.00
N ARG A 135 -11.32 48.96 19.04
CA ARG A 135 -11.87 49.47 20.28
C ARG A 135 -12.27 48.31 21.19
N ALA A 136 -12.58 47.17 20.59
CA ALA A 136 -13.02 46.00 21.33
C ALA A 136 -12.07 45.54 22.41
N LYS A 137 -10.78 45.46 22.11
CA LYS A 137 -9.85 44.99 23.14
C LYS A 137 -9.61 46.02 24.25
N GLU A 138 -9.72 47.30 23.91
CA GLU A 138 -9.53 48.32 24.91
C GLU A 138 -10.65 48.20 25.95
N LEU A 139 -11.88 48.04 25.46
CA LEU A 139 -13.05 47.91 26.32
C LEU A 139 -13.02 46.68 27.23
N VAL A 140 -12.34 45.61 26.80
CA VAL A 140 -12.26 44.40 27.62
C VAL A 140 -11.24 44.60 28.74
N ASN A 141 -10.23 45.43 28.47
CA ASN A 141 -9.21 45.68 29.49
C ASN A 141 -9.82 46.60 30.52
N LYS A 142 -10.44 47.67 30.02
CA LYS A 142 -11.05 48.67 30.86
C LYS A 142 -12.28 48.22 31.63
N THR A 143 -13.14 47.41 31.01
CA THR A 143 -14.36 46.99 31.69
C THR A 143 -14.56 45.50 31.85
N ASN A 144 -13.64 44.69 31.34
CA ASN A 144 -13.73 43.24 31.47
C ASN A 144 -14.90 42.65 30.69
N PHE A 145 -15.42 43.40 29.73
CA PHE A 145 -16.54 42.92 28.97
C PHE A 145 -16.68 43.64 27.64
N VAL A 146 -17.04 42.89 26.62
CA VAL A 146 -17.28 43.49 25.33
C VAL A 146 -18.21 42.59 24.57
N PHE A 147 -19.03 43.18 23.74
CA PHE A 147 -19.94 42.35 22.95
C PHE A 147 -19.44 42.36 21.51
N LEU A 148 -19.31 41.16 20.96
CA LEU A 148 -18.85 40.98 19.60
C LEU A 148 -20.02 40.60 18.69
N PHE A 149 -20.48 41.59 17.91
CA PHE A 149 -21.60 41.42 16.98
C PHE A 149 -21.17 40.58 15.76
N ALA A 150 -21.43 39.26 15.83
CA ALA A 150 -21.08 38.28 14.77
C ALA A 150 -21.26 38.76 13.33
N GLN A 151 -22.40 39.38 13.06
CA GLN A 151 -22.72 39.88 11.74
C GLN A 151 -21.59 40.76 11.16
N TYR A 152 -20.87 41.46 12.04
CA TYR A 152 -19.77 42.34 11.64
C TYR A 152 -18.40 41.71 11.83
N TYR A 153 -18.27 40.82 12.81
CA TYR A 153 -16.99 40.14 13.04
C TYR A 153 -16.83 38.91 12.16
N HIS A 154 -17.81 38.69 11.27
CA HIS A 154 -17.80 37.58 10.33
C HIS A 154 -18.34 38.12 9.00
N PRO A 155 -17.69 39.15 8.45
CA PRO A 155 -18.14 39.72 7.18
C PRO A 155 -18.23 38.74 6.01
N ALA A 156 -17.37 37.73 6.00
CA ALA A 156 -17.37 36.75 4.92
C ALA A 156 -18.71 36.03 4.78
N MET A 157 -19.48 36.03 5.86
CA MET A 157 -20.77 35.35 5.83
C MET A 157 -21.76 35.93 4.82
N LYS A 158 -21.47 37.11 4.32
CA LYS A 158 -22.33 37.74 3.32
C LYS A 158 -22.37 36.89 2.06
N ASN A 159 -21.30 36.14 1.84
CA ASN A 159 -21.18 35.29 0.67
C ASN A 159 -22.16 34.12 0.67
N VAL A 160 -22.77 33.85 1.81
CA VAL A 160 -23.72 32.77 1.90
C VAL A 160 -25.10 33.29 2.36
N ALA A 161 -25.25 34.60 2.43
CA ALA A 161 -26.50 35.21 2.87
C ALA A 161 -27.70 34.94 1.95
N ASN A 162 -27.56 35.27 0.67
CA ASN A 162 -28.65 35.07 -0.29
C ASN A 162 -29.11 33.61 -0.31
N VAL A 163 -28.15 32.68 -0.19
CA VAL A 163 -28.49 31.27 -0.24
C VAL A 163 -29.28 30.85 0.98
N ARG A 164 -28.83 31.27 2.15
CA ARG A 164 -29.54 30.90 3.37
C ARG A 164 -30.92 31.57 3.43
N LYS A 165 -31.01 32.76 2.86
CA LYS A 165 -32.24 33.52 2.83
C LYS A 165 -33.29 32.82 1.97
N THR A 166 -32.87 32.38 0.78
CA THR A 166 -33.74 31.72 -0.18
C THR A 166 -34.18 30.33 0.26
N LEU A 167 -33.24 29.56 0.82
CA LEU A 167 -33.56 28.22 1.29
C LEU A 167 -34.56 28.30 2.43
N GLY A 168 -34.39 29.29 3.30
CA GLY A 168 -35.30 29.47 4.42
C GLY A 168 -35.36 28.33 5.42
N ILE A 169 -34.41 27.40 5.36
CA ILE A 169 -34.38 26.27 6.29
C ILE A 169 -33.11 26.41 7.10
N ARG A 170 -33.00 25.64 8.18
CA ARG A 170 -31.80 25.70 8.99
C ARG A 170 -30.70 24.94 8.26
N THR A 171 -29.45 25.37 8.43
CA THR A 171 -28.32 24.70 7.81
C THR A 171 -27.25 24.53 8.86
N ILE A 172 -26.08 24.06 8.44
CA ILE A 172 -24.97 23.86 9.33
C ILE A 172 -24.57 25.18 9.99
N PHE A 173 -24.85 26.29 9.31
CA PHE A 173 -24.50 27.62 9.81
C PHE A 173 -25.25 28.07 11.06
N ASN A 174 -26.48 27.59 11.21
CA ASN A 174 -27.29 27.95 12.37
C ASN A 174 -26.74 27.40 13.69
N ILE A 175 -25.72 26.55 13.62
CA ILE A 175 -25.14 26.00 14.84
C ILE A 175 -23.66 26.26 15.05
N LEU A 176 -23.04 27.00 14.13
CA LEU A 176 -21.62 27.28 14.23
C LEU A 176 -21.24 28.52 15.04
N GLY A 177 -22.07 29.55 14.98
CA GLY A 177 -21.78 30.77 15.70
C GLY A 177 -21.11 30.64 17.06
N PRO A 178 -21.68 29.85 17.97
CA PRO A 178 -21.05 29.72 19.28
C PRO A 178 -19.68 29.08 19.29
N LEU A 179 -19.29 28.46 18.17
CA LEU A 179 -17.98 27.81 18.10
C LEU A 179 -16.99 28.69 17.34
N THR A 180 -17.40 29.90 17.01
CA THR A 180 -16.54 30.81 16.26
C THR A 180 -16.36 32.17 16.93
N ASN A 181 -16.12 32.15 18.23
CA ASN A 181 -15.92 33.38 18.99
C ASN A 181 -14.71 34.15 18.43
N PRO A 182 -14.91 35.40 17.98
CA PRO A 182 -13.87 36.27 17.42
C PRO A 182 -12.69 36.56 18.36
N ALA A 183 -12.94 36.51 19.67
CA ALA A 183 -11.88 36.77 20.63
C ALA A 183 -11.15 35.48 20.95
N ASN A 184 -11.58 34.38 20.35
CA ASN A 184 -10.91 33.11 20.58
C ASN A 184 -10.96 32.72 22.08
N ALA A 185 -12.09 33.04 22.72
CA ALA A 185 -12.25 32.72 24.13
C ALA A 185 -12.14 31.21 24.38
N LYS A 186 -11.29 30.84 25.32
CA LYS A 186 -11.07 29.43 25.65
C LYS A 186 -12.07 28.86 26.67
N TYR A 187 -12.82 29.73 27.34
CA TYR A 187 -13.81 29.27 28.31
C TYR A 187 -15.17 29.65 27.78
N GLN A 188 -16.11 28.71 27.85
CA GLN A 188 -17.42 28.98 27.31
C GLN A 188 -18.50 28.06 27.83
N LEU A 189 -19.71 28.61 27.85
CA LEU A 189 -20.91 27.91 28.24
C LEU A 189 -21.79 28.06 27.00
N MET A 190 -22.10 26.96 26.32
CA MET A 190 -22.94 27.12 25.13
C MET A 190 -24.17 26.24 25.08
N GLY A 191 -25.31 26.90 25.00
CA GLY A 191 -26.55 26.15 24.90
C GLY A 191 -26.81 25.64 23.49
N VAL A 192 -27.51 24.52 23.43
CA VAL A 192 -27.90 23.86 22.19
C VAL A 192 -29.41 23.64 22.29
N PHE A 193 -30.10 23.49 21.15
CA PHE A 193 -31.54 23.31 21.21
C PHE A 193 -32.07 21.89 21.10
N SER A 194 -31.20 20.89 21.25
CA SER A 194 -31.65 19.51 21.19
C SER A 194 -30.57 18.57 21.68
N LYS A 195 -30.98 17.46 22.28
CA LYS A 195 -30.03 16.47 22.80
C LYS A 195 -29.12 15.96 21.69
N ASP A 196 -29.68 15.82 20.50
CA ASP A 196 -28.91 15.34 19.37
C ASP A 196 -27.72 16.24 19.06
N HIS A 197 -27.90 17.55 19.20
CA HIS A 197 -26.80 18.48 18.96
C HIS A 197 -25.81 18.45 20.11
N LEU A 198 -26.22 17.92 21.25
CA LEU A 198 -25.34 17.85 22.40
C LEU A 198 -24.15 16.97 22.12
N ASP A 199 -24.44 15.74 21.70
CA ASP A 199 -23.41 14.76 21.41
C ASP A 199 -22.52 15.19 20.25
N LEU A 200 -23.13 15.66 19.18
CA LEU A 200 -22.41 16.11 17.99
C LEU A 200 -21.52 17.33 18.23
N LEU A 201 -22.10 18.36 18.82
CA LEU A 201 -21.37 19.58 19.09
C LEU A 201 -20.31 19.40 20.16
N SER A 202 -20.59 18.54 21.13
CA SER A 202 -19.60 18.29 22.17
C SER A 202 -18.37 17.61 21.58
N LYS A 203 -18.57 16.69 20.64
CA LYS A 203 -17.46 15.99 20.01
C LYS A 203 -16.69 16.92 19.07
N SER A 204 -17.40 17.88 18.49
CA SER A 204 -16.76 18.83 17.60
C SER A 204 -15.97 19.78 18.49
N ALA A 205 -16.65 20.31 19.50
CA ALA A 205 -16.03 21.26 20.43
C ALA A 205 -14.77 20.65 21.02
N TYR A 206 -14.83 19.35 21.29
CA TYR A 206 -13.70 18.63 21.86
C TYR A 206 -12.44 18.89 21.06
N GLU A 207 -12.59 19.01 19.75
CA GLU A 207 -11.48 19.23 18.86
C GLU A 207 -11.28 20.68 18.43
N LEU A 208 -11.94 21.62 19.09
CA LEU A 208 -11.77 23.02 18.70
C LEU A 208 -10.81 23.81 19.57
N ASP A 209 -10.08 23.11 20.44
CA ASP A 209 -9.08 23.72 21.30
C ASP A 209 -9.56 24.68 22.39
N PHE A 210 -10.51 24.23 23.21
CA PHE A 210 -10.98 25.05 24.31
C PHE A 210 -10.21 24.60 25.54
N ASN A 211 -10.21 25.41 26.60
CA ASN A 211 -9.60 24.95 27.83
C ASN A 211 -10.76 24.19 28.45
N LYS A 212 -11.92 24.83 28.43
CA LYS A 212 -13.13 24.19 28.95
C LYS A 212 -14.40 24.79 28.38
N ILE A 213 -15.23 23.95 27.80
CA ILE A 213 -16.49 24.38 27.25
C ILE A 213 -17.56 23.47 27.81
N ILE A 214 -18.64 24.07 28.28
CA ILE A 214 -19.72 23.27 28.83
C ILE A 214 -20.91 23.43 27.92
N LEU A 215 -21.40 22.31 27.40
CA LEU A 215 -22.55 22.37 26.53
C LEU A 215 -23.78 21.92 27.32
N VAL A 216 -24.90 22.62 27.11
CA VAL A 216 -26.11 22.27 27.82
C VAL A 216 -27.38 22.31 26.99
N TYR A 217 -28.35 21.52 27.43
CA TYR A 217 -29.66 21.45 26.81
C TYR A 217 -30.63 21.38 27.98
N GLY A 218 -31.48 22.38 28.11
CA GLY A 218 -32.42 22.37 29.22
C GLY A 218 -33.87 22.13 28.82
N GLU A 219 -34.58 21.31 29.59
CA GLU A 219 -35.99 21.07 29.31
C GLU A 219 -36.68 22.43 29.51
N PRO A 220 -37.79 22.69 28.80
CA PRO A 220 -38.50 21.84 27.81
C PRO A 220 -37.94 21.94 26.40
N GLY A 221 -36.74 22.51 26.26
CA GLY A 221 -36.12 22.68 24.96
C GLY A 221 -35.55 24.07 24.92
N ILE A 222 -34.50 24.28 25.69
CA ILE A 222 -33.86 25.59 25.79
C ILE A 222 -32.35 25.44 25.68
N ASP A 223 -31.71 26.43 25.08
CA ASP A 223 -30.26 26.43 24.92
C ASP A 223 -29.63 27.14 26.12
N GLU A 224 -30.07 26.74 27.31
CA GLU A 224 -29.58 27.30 28.57
C GLU A 224 -29.82 26.26 29.65
N VAL A 225 -29.49 26.58 30.91
CA VAL A 225 -29.69 25.66 32.02
C VAL A 225 -31.20 25.70 32.35
N SER A 226 -31.79 24.52 32.46
CA SER A 226 -33.22 24.40 32.73
C SER A 226 -33.66 24.97 34.08
N PRO A 227 -34.54 25.97 34.05
CA PRO A 227 -35.03 26.58 35.29
C PRO A 227 -36.26 25.81 35.77
N ILE A 228 -36.73 24.86 34.97
CA ILE A 228 -37.94 24.09 35.32
C ILE A 228 -37.69 22.61 35.64
N GLY A 229 -36.64 22.02 35.05
CA GLY A 229 -36.36 20.62 35.30
C GLY A 229 -34.92 20.20 35.08
N ASN A 230 -34.73 19.20 34.21
CA ASN A 230 -33.40 18.69 33.92
C ASN A 230 -32.65 19.51 32.90
N THR A 231 -31.33 19.39 32.96
CA THR A 231 -30.42 20.06 32.06
C THR A 231 -29.39 19.00 31.72
N PHE A 232 -29.33 18.60 30.46
CA PHE A 232 -28.34 17.62 30.06
C PHE A 232 -27.12 18.39 29.62
N MET A 233 -26.02 18.06 30.25
CA MET A 233 -24.75 18.76 30.08
C MET A 233 -23.55 17.93 29.66
N LYS A 234 -22.70 18.53 28.84
CA LYS A 234 -21.48 17.86 28.40
C LYS A 234 -20.31 18.76 28.79
N ILE A 235 -19.45 18.27 29.66
CA ILE A 235 -18.30 19.06 30.05
C ILE A 235 -17.12 18.61 29.18
N VAL A 236 -16.68 19.53 28.33
CA VAL A 236 -15.58 19.25 27.40
C VAL A 236 -14.30 19.97 27.77
N SER A 237 -13.19 19.23 27.73
CA SER A 237 -11.88 19.77 28.06
C SER A 237 -10.81 18.88 27.46
N LYS A 238 -9.56 19.32 27.57
CA LYS A 238 -8.43 18.58 27.04
C LYS A 238 -8.44 17.13 27.54
N ARG A 239 -8.93 16.94 28.76
CA ARG A 239 -8.98 15.62 29.37
C ARG A 239 -10.11 14.71 28.86
N GLY A 240 -11.05 15.29 28.12
CA GLY A 240 -12.15 14.49 27.60
C GLY A 240 -13.54 15.11 27.69
N ILE A 241 -14.56 14.28 27.51
CA ILE A 241 -15.94 14.74 27.56
C ILE A 241 -16.73 14.12 28.70
N GLU A 242 -17.17 14.95 29.64
CA GLU A 242 -17.96 14.48 30.78
C GLU A 242 -19.44 14.57 30.49
N GLU A 243 -20.16 13.48 30.71
CA GLU A 243 -21.61 13.50 30.52
C GLU A 243 -22.18 13.85 31.89
N VAL A 244 -23.09 14.80 31.95
CA VAL A 244 -23.67 15.18 33.23
C VAL A 244 -25.14 15.60 33.17
N LYS A 245 -25.96 14.99 34.01
CA LYS A 245 -27.37 15.34 34.07
C LYS A 245 -27.55 16.17 35.32
N LEU A 246 -28.57 17.02 35.35
CA LEU A 246 -28.76 17.88 36.49
C LEU A 246 -30.22 18.29 36.59
N ASN A 247 -30.62 18.77 37.77
CA ASN A 247 -31.99 19.23 37.97
C ASN A 247 -31.90 20.60 38.64
N VAL A 248 -32.81 21.49 38.28
CA VAL A 248 -32.81 22.83 38.84
C VAL A 248 -32.87 22.78 40.38
N THR A 249 -33.35 21.68 40.93
CA THR A 249 -33.44 21.54 42.38
C THR A 249 -32.11 21.23 43.05
N ASP A 250 -31.08 20.97 42.25
CA ASP A 250 -29.75 20.70 42.82
C ASP A 250 -29.06 22.02 43.15
N PHE A 251 -29.67 23.12 42.72
CA PHE A 251 -29.13 24.44 42.99
C PHE A 251 -29.76 24.87 44.30
N GLY A 252 -30.69 24.04 44.78
CA GLY A 252 -31.36 24.31 46.03
C GLY A 252 -32.69 25.06 45.90
N ILE A 253 -32.93 25.62 44.73
CA ILE A 253 -34.17 26.36 44.51
C ILE A 253 -35.30 25.47 44.02
N SER A 254 -36.50 26.06 43.95
CA SER A 254 -37.70 25.38 43.48
C SER A 254 -37.87 25.67 41.98
N PRO A 255 -38.40 24.73 41.20
CA PRO A 255 -38.58 24.95 39.77
C PRO A 255 -39.36 26.22 39.45
N ILE A 256 -38.76 27.11 38.66
CA ILE A 256 -39.39 28.38 38.30
C ILE A 256 -40.47 28.19 37.24
N PRO A 257 -41.63 28.85 37.42
CA PRO A 257 -42.73 28.74 36.45
C PRO A 257 -42.34 29.43 35.15
N ILE A 258 -42.24 28.63 34.09
CA ILE A 258 -41.85 29.12 32.76
C ILE A 258 -42.52 30.42 32.33
N GLU A 259 -43.79 30.61 32.67
CA GLU A 259 -44.53 31.81 32.28
C GLU A 259 -43.86 33.11 32.75
N LYS A 260 -43.21 33.04 33.91
CA LYS A 260 -42.52 34.20 34.48
C LYS A 260 -41.21 34.56 33.77
N LEU A 261 -40.65 33.63 33.01
CA LEU A 261 -39.40 33.90 32.31
C LEU A 261 -39.58 34.41 30.88
N ILE A 262 -40.74 34.16 30.29
CA ILE A 262 -41.01 34.58 28.92
C ILE A 262 -41.27 36.08 28.76
N VAL A 263 -40.74 36.65 27.69
CA VAL A 263 -40.90 38.06 27.35
C VAL A 263 -41.31 38.13 25.87
N ASN A 264 -41.76 39.30 25.43
CA ASN A 264 -42.15 39.43 24.03
C ASN A 264 -41.73 40.82 23.56
N SER A 265 -40.47 41.18 23.85
CA SER A 265 -39.96 42.49 23.50
C SER A 265 -38.52 42.64 23.97
N ALA A 266 -37.69 43.33 23.20
CA ALA A 266 -36.31 43.55 23.59
C ALA A 266 -36.31 44.40 24.86
N GLU A 267 -37.09 45.46 24.85
CA GLU A 267 -37.17 46.31 26.02
C GLU A 267 -37.72 45.56 27.24
N ASP A 268 -38.74 44.72 27.05
CA ASP A 268 -39.29 43.97 28.18
C ASP A 268 -38.25 43.04 28.78
N SER A 269 -37.38 42.51 27.93
CA SER A 269 -36.33 41.61 28.37
C SER A 269 -35.27 42.41 29.16
N ALA A 270 -35.03 43.64 28.73
CA ALA A 270 -34.07 44.51 29.39
C ALA A 270 -34.60 44.84 30.78
N ILE A 271 -35.90 45.14 30.86
CA ILE A 271 -36.56 45.48 32.11
C ILE A 271 -36.54 44.33 33.12
N LYS A 272 -36.75 43.12 32.64
CA LYS A 272 -36.75 41.96 33.54
C LYS A 272 -35.37 41.62 34.06
N ILE A 273 -34.33 41.99 33.29
CA ILE A 273 -32.96 41.73 33.69
C ILE A 273 -32.57 42.73 34.78
N VAL A 274 -32.98 43.97 34.58
CA VAL A 274 -32.68 45.02 35.55
C VAL A 274 -33.49 44.84 36.84
N ARG A 275 -34.77 44.49 36.72
CA ARG A 275 -35.60 44.25 37.91
C ARG A 275 -34.95 43.11 38.68
N ALA A 276 -34.37 42.16 37.94
CA ALA A 276 -33.67 41.04 38.55
C ALA A 276 -32.41 41.57 39.25
N PHE A 277 -31.72 42.51 38.61
CA PHE A 277 -30.51 43.10 39.18
C PHE A 277 -30.85 43.95 40.42
N LEU A 278 -32.06 44.50 40.46
CA LEU A 278 -32.50 45.35 41.56
C LEU A 278 -33.13 44.59 42.74
N GLY A 279 -33.28 43.27 42.59
CA GLY A 279 -33.89 42.49 43.66
C GLY A 279 -35.41 42.48 43.51
N LYS A 280 -35.90 42.97 42.38
CA LYS A 280 -37.33 43.02 42.12
C LYS A 280 -37.85 41.96 41.13
N ASP A 281 -37.36 40.72 41.24
CA ASP A 281 -37.80 39.63 40.37
C ASP A 281 -36.97 38.39 40.65
N GLU A 282 -37.32 37.69 41.72
CA GLU A 282 -36.61 36.48 42.12
C GLU A 282 -36.47 35.44 41.03
N HIS A 283 -37.58 35.10 40.37
CA HIS A 283 -37.59 34.08 39.33
C HIS A 283 -36.54 34.30 38.23
N VAL A 284 -36.52 35.52 37.69
CA VAL A 284 -35.57 35.87 36.65
C VAL A 284 -34.14 35.81 37.19
N ALA A 285 -33.94 36.34 38.39
CA ALA A 285 -32.64 36.33 39.03
C ALA A 285 -32.23 34.91 39.37
N GLU A 286 -33.18 34.05 39.64
CA GLU A 286 -32.85 32.66 39.97
C GLU A 286 -32.41 31.97 38.69
N PHE A 287 -33.00 32.38 37.57
CA PHE A 287 -32.69 31.79 36.27
C PHE A 287 -31.34 32.32 35.79
N ILE A 288 -31.03 33.55 36.18
CA ILE A 288 -29.76 34.15 35.84
C ILE A 288 -28.65 33.47 36.62
N LYS A 289 -28.87 33.26 37.93
CA LYS A 289 -27.88 32.61 38.78
C LYS A 289 -27.59 31.15 38.46
N ILE A 290 -28.60 30.37 38.09
CA ILE A 290 -28.33 28.96 37.79
C ILE A 290 -27.51 28.82 36.50
N ASN A 291 -27.62 29.81 35.62
CA ASN A 291 -26.86 29.80 34.38
C ASN A 291 -25.43 30.26 34.67
N THR A 292 -25.30 31.29 35.50
CA THR A 292 -23.99 31.81 35.86
C THR A 292 -23.22 30.77 36.68
N ALA A 293 -23.94 29.97 37.47
CA ALA A 293 -23.31 28.96 38.29
C ALA A 293 -22.55 27.92 37.45
N VAL A 294 -23.13 27.50 36.33
CA VAL A 294 -22.47 26.54 35.48
C VAL A 294 -21.25 27.16 34.79
N ALA A 295 -21.34 28.44 34.44
CA ALA A 295 -20.24 29.15 33.80
C ALA A 295 -19.09 29.35 34.77
N LEU A 296 -19.44 29.58 36.04
CA LEU A 296 -18.44 29.76 37.09
C LEU A 296 -17.71 28.43 37.24
N PHE A 297 -18.44 27.34 37.09
CA PHE A 297 -17.83 26.03 37.20
C PHE A 297 -16.91 25.81 35.98
N ALA A 298 -17.28 26.40 34.85
CA ALA A 298 -16.49 26.28 33.63
C ALA A 298 -15.13 26.95 33.82
N LEU A 299 -15.16 28.12 34.46
CA LEU A 299 -13.93 28.87 34.76
C LEU A 299 -13.18 28.20 35.91
N ASP A 300 -13.80 27.19 36.51
CA ASP A 300 -13.21 26.47 37.64
C ASP A 300 -13.11 27.38 38.86
N ARG A 301 -14.02 28.34 39.00
CA ARG A 301 -13.99 29.24 40.15
C ARG A 301 -14.67 28.63 41.36
N VAL A 302 -15.48 27.60 41.12
CA VAL A 302 -16.19 26.92 42.20
C VAL A 302 -16.00 25.43 42.05
N GLY A 303 -16.15 24.70 43.14
CA GLY A 303 -15.96 23.25 43.08
C GLY A 303 -17.20 22.46 42.71
N ASP A 304 -18.37 23.11 42.72
CA ASP A 304 -19.62 22.45 42.39
C ASP A 304 -20.70 23.46 41.99
N PHE A 305 -21.84 22.95 41.51
CA PHE A 305 -22.93 23.81 41.07
C PHE A 305 -23.58 24.61 42.18
N ARG A 306 -23.67 24.01 43.36
CA ARG A 306 -24.26 24.68 44.51
C ARG A 306 -23.42 25.91 44.93
N GLU A 307 -22.10 25.73 44.98
CA GLU A 307 -21.22 26.85 45.35
C GLU A 307 -21.34 27.96 44.30
N GLY A 308 -21.43 27.57 43.03
CA GLY A 308 -21.55 28.52 41.95
C GLY A 308 -22.84 29.33 42.08
N TYR A 309 -23.92 28.68 42.50
CA TYR A 309 -25.19 29.37 42.65
C TYR A 309 -25.12 30.43 43.74
N GLU A 310 -24.47 30.09 44.85
CA GLU A 310 -24.33 31.03 45.96
C GLU A 310 -23.34 32.14 45.62
N TYR A 311 -22.36 31.82 44.78
CA TYR A 311 -21.39 32.82 44.35
C TYR A 311 -22.14 33.81 43.46
N ALA A 312 -22.97 33.29 42.56
CA ALA A 312 -23.76 34.11 41.65
C ALA A 312 -24.66 35.05 42.44
N ASP A 313 -25.08 34.61 43.61
CA ASP A 313 -25.93 35.45 44.43
C ASP A 313 -25.18 36.75 44.74
N HIS A 314 -23.90 36.63 45.05
CA HIS A 314 -23.08 37.80 45.37
C HIS A 314 -22.81 38.66 44.15
N LEU A 315 -22.64 38.01 43.00
CA LEU A 315 -22.38 38.75 41.78
C LEU A 315 -23.60 39.56 41.29
N ILE A 316 -24.79 39.00 41.40
CA ILE A 316 -25.96 39.74 40.93
C ILE A 316 -26.21 41.03 41.71
N GLU A 317 -25.80 41.06 42.97
CA GLU A 317 -25.94 42.24 43.83
C GLU A 317 -25.08 43.40 43.30
N LYS A 318 -24.07 43.08 42.51
CA LYS A 318 -23.18 44.11 42.00
C LYS A 318 -23.35 44.39 40.52
N SER A 319 -24.11 43.54 39.85
CA SER A 319 -24.30 43.65 38.40
C SER A 319 -24.88 44.91 37.80
N LEU A 320 -25.78 45.58 38.53
CA LEU A 320 -26.36 46.81 37.98
C LEU A 320 -25.30 47.91 37.86
N ASP A 321 -24.50 48.10 38.89
CA ASP A 321 -23.44 49.11 38.84
C ASP A 321 -22.45 48.72 37.75
N LYS A 322 -22.14 47.44 37.70
CA LYS A 322 -21.22 46.91 36.70
C LYS A 322 -21.77 47.25 35.31
N LEU A 323 -23.08 47.04 35.16
CA LEU A 323 -23.74 47.33 33.90
C LEU A 323 -23.58 48.81 33.54
N ASN A 324 -23.68 49.67 34.56
CA ASN A 324 -23.55 51.10 34.33
C ASN A 324 -22.12 51.45 33.90
N GLU A 325 -21.13 50.79 34.51
CA GLU A 325 -19.75 51.02 34.14
C GLU A 325 -19.52 50.65 32.68
N ILE A 326 -20.02 49.46 32.30
CA ILE A 326 -19.86 48.96 30.93
C ILE A 326 -20.50 49.88 29.89
N ILE A 327 -21.75 50.27 30.13
CA ILE A 327 -22.45 51.14 29.20
C ILE A 327 -21.87 52.55 29.15
N SER A 328 -21.41 53.05 30.29
CA SER A 328 -20.85 54.39 30.32
C SER A 328 -19.62 54.49 29.41
N MET A 329 -18.86 53.41 29.26
CA MET A 329 -17.69 53.41 28.41
C MET A 329 -18.06 53.17 26.94
N ASN A 330 -19.16 52.47 26.71
CA ASN A 330 -19.60 52.18 25.34
C ASN A 330 -21.12 52.14 25.26
N GLY A 331 -21.72 53.29 24.97
CA GLY A 331 -23.17 53.34 24.90
C GLY A 331 -23.73 54.55 25.63
N ASP A 332 -25.04 54.56 25.85
CA ASP A 332 -25.70 55.68 26.52
C ASP A 332 -26.34 55.32 27.86
N VAL A 333 -25.77 55.84 28.94
CA VAL A 333 -26.29 55.59 30.27
C VAL A 333 -27.68 56.19 30.51
N THR A 334 -28.08 57.14 29.67
CA THR A 334 -29.40 57.76 29.84
C THR A 334 -30.47 56.73 29.48
N LYS A 335 -30.16 55.84 28.54
CA LYS A 335 -31.10 54.80 28.12
C LYS A 335 -31.20 53.76 29.23
N LEU A 336 -30.12 53.58 29.97
CA LEU A 336 -30.11 52.62 31.06
C LEU A 336 -30.78 53.20 32.29
N LYS A 337 -30.68 54.52 32.46
CA LYS A 337 -31.30 55.18 33.60
C LYS A 337 -32.82 55.15 33.36
N THR A 338 -33.20 55.17 32.09
CA THR A 338 -34.59 55.12 31.69
C THR A 338 -35.17 53.74 31.95
N ILE A 339 -34.40 52.70 31.61
CA ILE A 339 -34.82 51.33 31.82
C ILE A 339 -34.95 51.14 33.34
N VAL A 340 -34.05 51.77 34.09
CA VAL A 340 -34.06 51.67 35.54
C VAL A 340 -35.23 52.45 36.13
N VAL A 341 -35.46 53.66 35.62
CA VAL A 341 -36.56 54.51 36.08
C VAL A 341 -37.76 53.68 36.48
N LYS A 342 -38.25 52.86 35.56
CA LYS A 342 -39.38 52.03 35.90
C LYS A 342 -39.12 50.55 35.64
N SER A 343 -38.53 49.92 36.64
CA SER A 343 -38.23 48.50 36.63
C SER A 343 -38.63 48.02 38.03
N MET B 1 47.47 -18.05 -2.36
CA MET B 1 46.35 -17.35 -1.66
C MET B 1 45.33 -16.78 -2.65
N ASN B 2 44.80 -17.64 -3.52
CA ASN B 2 43.80 -17.18 -4.47
C ASN B 2 42.47 -17.42 -3.79
N ILE B 3 41.75 -16.33 -3.56
CA ILE B 3 40.46 -16.40 -2.89
C ILE B 3 39.52 -17.47 -3.45
N ASN B 4 39.67 -17.82 -4.72
CA ASN B 4 38.80 -18.84 -5.32
C ASN B 4 39.19 -20.24 -4.87
N GLU B 5 40.47 -20.43 -4.57
CA GLU B 5 40.94 -21.73 -4.13
C GLU B 5 40.36 -21.98 -2.74
N ILE B 6 40.36 -20.93 -1.92
CA ILE B 6 39.85 -21.01 -0.56
C ILE B 6 38.34 -21.21 -0.56
N LEU B 7 37.64 -20.43 -1.37
CA LEU B 7 36.20 -20.54 -1.47
C LEU B 7 35.80 -21.97 -1.84
N LYS B 8 36.52 -22.57 -2.78
CA LYS B 8 36.23 -23.93 -3.19
C LYS B 8 36.56 -24.90 -2.07
N LYS B 9 37.52 -24.53 -1.24
CA LYS B 9 37.92 -25.38 -0.11
C LYS B 9 36.82 -25.35 0.95
N LEU B 10 36.31 -24.16 1.23
CA LEU B 10 35.24 -24.02 2.22
C LEU B 10 34.00 -24.75 1.71
N ILE B 11 33.67 -24.56 0.44
CA ILE B 11 32.50 -25.21 -0.15
C ILE B 11 32.56 -26.72 0.07
N ASN B 12 33.75 -27.30 -0.09
CA ASN B 12 33.89 -28.74 0.12
C ASN B 12 33.84 -29.07 1.60
N LYS B 13 33.72 -28.02 2.41
CA LYS B 13 33.63 -28.15 3.86
C LYS B 13 34.89 -28.68 4.55
N SER B 14 36.04 -28.14 4.16
CA SER B 14 37.31 -28.52 4.76
C SER B 14 37.88 -27.27 5.43
N ASP B 15 38.29 -27.40 6.70
CA ASP B 15 38.82 -26.26 7.45
C ASP B 15 40.14 -25.72 6.93
N LEU B 16 40.32 -24.41 7.04
CA LEU B 16 41.54 -23.74 6.58
C LEU B 16 42.65 -23.81 7.61
N GLU B 17 43.83 -23.34 7.20
CA GLU B 17 45.00 -23.30 8.07
C GLU B 17 45.02 -21.90 8.66
N ILE B 18 45.64 -21.73 9.82
CA ILE B 18 45.70 -20.43 10.47
C ILE B 18 46.21 -19.31 9.58
N ASN B 19 47.41 -19.46 9.00
CA ASN B 19 47.94 -18.40 8.14
C ASN B 19 47.09 -18.27 6.88
N GLU B 20 46.47 -19.37 6.49
CA GLU B 20 45.59 -19.40 5.32
C GLU B 20 44.40 -18.49 5.67
N ALA B 21 43.83 -18.73 6.84
CA ALA B 21 42.68 -17.95 7.32
C ALA B 21 43.09 -16.49 7.51
N GLU B 22 44.33 -16.28 7.96
CA GLU B 22 44.82 -14.93 8.20
C GLU B 22 44.98 -14.11 6.93
N GLU B 23 45.63 -14.66 5.91
CA GLU B 23 45.79 -13.92 4.66
C GLU B 23 44.41 -13.56 4.12
N LEU B 24 43.49 -14.51 4.21
CA LEU B 24 42.12 -14.29 3.75
C LEU B 24 41.46 -13.15 4.52
N ALA B 25 41.56 -13.19 5.84
CA ALA B 25 40.98 -12.14 6.69
C ALA B 25 41.59 -10.80 6.35
N LYS B 26 42.91 -10.77 6.16
CA LYS B 26 43.59 -9.52 5.80
C LYS B 26 43.07 -8.96 4.48
N ALA B 27 43.04 -9.81 3.46
CA ALA B 27 42.55 -9.40 2.14
C ALA B 27 41.17 -8.75 2.26
N ILE B 28 40.25 -9.45 2.93
CA ILE B 28 38.90 -8.96 3.12
C ILE B 28 38.85 -7.68 3.93
N ILE B 29 39.48 -7.67 5.09
CA ILE B 29 39.48 -6.48 5.94
C ILE B 29 40.13 -5.30 5.23
N ARG B 30 41.02 -5.60 4.29
CA ARG B 30 41.69 -4.57 3.50
C ARG B 30 40.82 -4.07 2.35
N GLY B 31 39.84 -4.87 1.97
CA GLY B 31 38.93 -4.47 0.89
C GLY B 31 39.44 -4.90 -0.47
N GLU B 32 40.32 -5.90 -0.47
CA GLU B 32 40.91 -6.44 -1.68
C GLU B 32 40.11 -7.65 -2.15
N VAL B 33 38.86 -7.73 -1.72
CA VAL B 33 37.97 -8.83 -2.10
C VAL B 33 36.61 -8.27 -2.46
N PRO B 34 36.12 -8.58 -3.67
CA PRO B 34 34.81 -8.09 -4.10
C PRO B 34 33.71 -8.44 -3.10
N GLU B 35 32.76 -7.53 -2.90
CA GLU B 35 31.67 -7.77 -1.98
C GLU B 35 31.01 -9.13 -2.23
N ILE B 36 30.82 -9.47 -3.50
CA ILE B 36 30.21 -10.75 -3.86
C ILE B 36 31.03 -11.91 -3.29
N LEU B 37 32.35 -11.74 -3.27
CA LEU B 37 33.22 -12.78 -2.76
C LEU B 37 33.35 -12.81 -1.24
N VAL B 38 33.28 -11.63 -0.60
CA VAL B 38 33.36 -11.58 0.86
C VAL B 38 32.12 -12.33 1.37
N SER B 39 30.97 -11.95 0.84
CA SER B 39 29.69 -12.54 1.18
C SER B 39 29.67 -14.06 1.09
N ALA B 40 30.20 -14.61 0.00
CA ALA B 40 30.22 -16.05 -0.20
C ALA B 40 31.12 -16.73 0.82
N ILE B 41 32.20 -16.07 1.17
CA ILE B 41 33.15 -16.62 2.12
C ILE B 41 32.55 -16.70 3.52
N LEU B 42 31.88 -15.63 3.94
CA LEU B 42 31.30 -15.61 5.27
C LEU B 42 30.21 -16.65 5.40
N VAL B 43 29.42 -16.81 4.34
CA VAL B 43 28.34 -17.80 4.33
C VAL B 43 28.89 -19.22 4.30
N ALA B 44 29.91 -19.44 3.50
CA ALA B 44 30.50 -20.76 3.39
C ALA B 44 31.08 -21.11 4.76
N LEU B 45 31.72 -20.10 5.35
CA LEU B 45 32.36 -20.19 6.66
C LEU B 45 31.31 -20.49 7.74
N ARG B 46 30.15 -19.83 7.69
CA ARG B 46 29.14 -20.11 8.68
C ARG B 46 28.45 -21.47 8.46
N MET B 47 28.05 -21.76 7.22
CA MET B 47 27.40 -23.03 6.93
C MET B 47 28.29 -24.25 7.11
N LYS B 48 29.61 -24.05 7.08
CA LYS B 48 30.53 -25.15 7.27
C LYS B 48 30.81 -25.29 8.76
N GLY B 49 30.74 -24.18 9.47
CA GLY B 49 31.01 -24.18 10.89
C GLY B 49 32.48 -23.82 11.08
N GLU B 50 32.73 -22.59 11.51
CA GLU B 50 34.11 -22.13 11.71
C GLU B 50 34.81 -22.97 12.75
N SER B 51 36.10 -23.20 12.50
CA SER B 51 36.92 -24.00 13.38
C SER B 51 37.89 -23.10 14.15
N LYS B 52 38.62 -23.71 15.07
CA LYS B 52 39.60 -23.02 15.90
C LYS B 52 40.62 -22.21 15.09
N ASN B 53 41.14 -22.82 14.03
CA ASN B 53 42.14 -22.19 13.18
C ASN B 53 41.64 -20.98 12.40
N GLU B 54 40.38 -21.01 11.95
CA GLU B 54 39.83 -19.90 11.21
C GLU B 54 39.52 -18.72 12.12
N ILE B 55 39.23 -19.01 13.38
CA ILE B 55 38.93 -17.97 14.35
C ILE B 55 40.25 -17.34 14.78
N VAL B 56 41.24 -18.20 15.00
CA VAL B 56 42.55 -17.70 15.40
C VAL B 56 43.08 -16.86 14.25
N GLY B 57 43.01 -17.42 13.04
CA GLY B 57 43.48 -16.73 11.87
C GLY B 57 42.86 -15.36 11.68
N PHE B 58 41.55 -15.26 11.86
CA PHE B 58 40.89 -13.96 11.72
C PHE B 58 41.26 -13.02 12.84
N ALA B 59 41.29 -13.53 14.06
CA ALA B 59 41.64 -12.72 15.23
C ALA B 59 43.02 -12.06 15.03
N ARG B 60 44.00 -12.87 14.63
CA ARG B 60 45.34 -12.35 14.39
C ARG B 60 45.34 -11.25 13.34
N ALA B 61 44.65 -11.51 12.23
CA ALA B 61 44.59 -10.55 11.15
C ALA B 61 44.06 -9.22 11.64
N MET B 62 42.98 -9.24 12.41
CA MET B 62 42.39 -8.01 12.93
C MET B 62 43.28 -7.30 13.91
N ARG B 63 43.95 -8.06 14.77
CA ARG B 63 44.85 -7.44 15.74
C ARG B 63 45.88 -6.63 14.96
N GLU B 64 46.61 -7.31 14.09
CA GLU B 64 47.64 -6.68 13.26
C GLU B 64 47.20 -5.46 12.47
N LEU B 65 45.98 -5.49 11.93
CA LEU B 65 45.46 -4.38 11.14
C LEU B 65 44.78 -3.31 11.98
N ALA B 66 44.72 -3.53 13.29
CA ALA B 66 44.08 -2.56 14.15
C ALA B 66 45.03 -1.49 14.63
N ILE B 67 44.46 -0.33 14.95
CA ILE B 67 45.23 0.78 15.49
C ILE B 67 45.62 0.32 16.89
N LYS B 68 46.93 0.14 17.12
CA LYS B 68 47.39 -0.33 18.42
C LYS B 68 47.85 0.72 19.42
N ILE B 69 47.93 0.28 20.68
CA ILE B 69 48.39 1.07 21.81
C ILE B 69 48.78 -0.08 22.73
N ASP B 70 49.80 0.11 23.56
CA ASP B 70 50.26 -0.99 24.40
C ASP B 70 50.07 -0.88 25.91
N VAL B 71 49.38 -1.89 26.46
CA VAL B 71 49.11 -1.99 27.88
C VAL B 71 48.76 -3.46 28.18
N PRO B 72 49.72 -4.38 28.03
CA PRO B 72 49.48 -5.81 28.29
C PRO B 72 49.15 -6.22 29.73
N ASN B 73 49.50 -5.36 30.70
CA ASN B 73 49.22 -5.63 32.12
C ASN B 73 47.77 -5.29 32.44
N ALA B 74 47.06 -4.79 31.44
CA ALA B 74 45.66 -4.40 31.58
C ALA B 74 44.74 -5.60 31.51
N ILE B 75 43.50 -5.38 31.95
CA ILE B 75 42.49 -6.42 31.88
C ILE B 75 41.34 -5.82 31.10
N ASP B 76 40.64 -6.66 30.34
CA ASP B 76 39.48 -6.22 29.58
C ASP B 76 38.35 -7.15 29.96
N THR B 77 37.12 -6.68 29.82
CA THR B 77 35.96 -7.49 30.18
C THR B 77 34.96 -7.62 29.03
N ALA B 78 35.47 -7.59 27.80
CA ALA B 78 34.60 -7.68 26.63
C ALA B 78 34.01 -9.07 26.44
N GLY B 79 32.71 -9.10 26.15
CA GLY B 79 32.05 -10.36 25.92
C GLY B 79 31.62 -10.41 24.46
N THR B 80 31.09 -11.54 24.01
CA THR B 80 30.62 -11.70 22.64
C THR B 80 29.50 -10.71 22.34
N GLY B 84 20.82 -11.66 23.73
CA GLY B 84 20.24 -10.33 23.77
C GLY B 84 19.04 -10.16 24.71
N LEU B 85 19.21 -10.57 25.98
CA LEU B 85 18.16 -10.45 26.99
C LEU B 85 17.86 -9.01 27.40
N GLY B 86 18.77 -8.09 27.08
CA GLY B 86 18.55 -6.71 27.43
C GLY B 86 18.96 -6.48 28.88
N THR B 87 19.83 -7.35 29.36
CA THR B 87 20.34 -7.28 30.73
C THR B 87 21.21 -6.02 30.88
N VAL B 88 21.40 -5.56 32.11
CA VAL B 88 22.22 -4.38 32.35
C VAL B 88 23.68 -4.69 32.00
N ASN B 89 24.40 -3.69 31.49
CA ASN B 89 25.79 -3.89 31.08
C ASN B 89 26.78 -3.98 32.23
N VAL B 90 26.93 -5.18 32.78
CA VAL B 90 27.85 -5.38 33.89
C VAL B 90 29.32 -5.39 33.55
N SER B 91 29.69 -5.90 32.38
CA SER B 91 31.09 -5.93 32.02
C SER B 91 31.66 -4.49 32.12
N THR B 92 30.81 -3.50 31.83
CA THR B 92 31.21 -2.09 31.91
C THR B 92 31.31 -1.61 33.35
N ALA B 93 30.31 -1.94 34.15
CA ALA B 93 30.31 -1.57 35.56
C ALA B 93 31.53 -2.24 36.16
N SER B 94 31.67 -3.52 35.86
CA SER B 94 32.79 -4.30 36.35
C SER B 94 34.13 -3.66 35.99
N ALA B 95 34.23 -3.13 34.77
CA ALA B 95 35.47 -2.51 34.33
C ALA B 95 35.84 -1.35 35.25
N ILE B 96 34.84 -0.60 35.71
CA ILE B 96 35.10 0.53 36.61
C ILE B 96 35.73 0.06 37.94
N LEU B 97 35.09 -0.88 38.64
CA LEU B 97 35.63 -1.35 39.92
C LEU B 97 37.05 -1.87 39.76
N LEU B 98 37.30 -2.57 38.66
CA LEU B 98 38.63 -3.12 38.41
C LEU B 98 39.71 -2.07 38.21
N SER B 99 39.34 -0.93 37.62
CA SER B 99 40.31 0.12 37.36
C SER B 99 40.90 0.69 38.63
N LEU B 100 40.28 0.36 39.76
CA LEU B 100 40.77 0.82 41.06
C LEU B 100 42.03 0.05 41.48
N VAL B 101 42.12 -1.22 41.08
CA VAL B 101 43.23 -2.05 41.47
C VAL B 101 44.03 -2.66 40.31
N ASN B 102 43.86 -2.11 39.12
CA ASN B 102 44.57 -2.61 37.95
C ASN B 102 44.17 -1.80 36.74
N PRO B 103 45.09 -1.60 35.79
CA PRO B 103 44.73 -0.84 34.61
C PRO B 103 43.67 -1.60 33.78
N VAL B 104 42.68 -0.88 33.30
CA VAL B 104 41.63 -1.51 32.52
C VAL B 104 41.62 -0.92 31.12
N ALA B 105 41.66 -1.81 30.13
CA ALA B 105 41.61 -1.43 28.72
C ALA B 105 40.38 -2.13 28.19
N LYS B 106 39.26 -1.41 28.20
CA LYS B 106 37.97 -1.94 27.78
C LYS B 106 37.65 -1.78 26.30
N HIS B 107 37.53 -2.92 25.62
CA HIS B 107 37.18 -2.94 24.19
C HIS B 107 35.67 -3.16 24.07
N GLY B 108 34.98 -2.25 23.40
CA GLY B 108 33.55 -2.39 23.23
C GLY B 108 33.01 -1.72 21.98
N ASN B 109 31.71 -1.89 21.75
CA ASN B 109 31.09 -1.31 20.58
C ASN B 109 29.70 -0.81 20.92
N ARG B 110 29.05 -0.19 19.94
CA ARG B 110 27.70 0.30 20.12
C ARG B 110 26.75 -0.86 19.86
N ALA B 111 25.60 -0.85 20.53
CA ALA B 111 24.61 -1.89 20.32
C ALA B 111 23.78 -1.43 19.12
N VAL B 112 23.73 -2.26 18.09
CA VAL B 112 22.97 -1.94 16.88
C VAL B 112 21.51 -1.62 17.19
N SER B 113 21.06 -2.07 18.35
CA SER B 113 19.67 -1.89 18.77
C SER B 113 19.40 -0.74 19.75
N GLY B 114 18.71 -1.07 20.84
CA GLY B 114 18.34 -0.10 21.85
C GLY B 114 19.43 0.27 22.84
N LYS B 115 20.61 0.61 22.29
CA LYS B 115 21.75 1.01 23.09
C LYS B 115 21.93 0.23 24.39
N SER B 116 22.29 -1.03 24.26
CA SER B 116 22.50 -1.88 25.42
C SER B 116 24.01 -2.15 25.48
N GLY B 117 24.73 -1.57 24.51
CA GLY B 117 26.17 -1.77 24.45
C GLY B 117 26.92 -0.91 25.42
N SER B 118 28.15 -1.32 25.73
CA SER B 118 28.99 -0.57 26.65
C SER B 118 29.31 0.82 26.10
N ALA B 119 29.58 0.91 24.81
CA ALA B 119 29.88 2.19 24.18
C ALA B 119 28.72 3.15 24.34
N ASP B 120 27.52 2.60 24.43
CA ASP B 120 26.32 3.42 24.59
C ASP B 120 26.13 3.86 26.05
N VAL B 121 26.32 2.93 26.98
CA VAL B 121 26.15 3.23 28.40
C VAL B 121 27.18 4.28 28.83
N LEU B 122 28.42 4.09 28.39
CA LEU B 122 29.47 5.03 28.70
C LEU B 122 29.10 6.41 28.22
N GLU B 123 28.74 6.50 26.94
CA GLU B 123 28.36 7.77 26.34
C GLU B 123 27.23 8.37 27.17
N ALA B 124 26.34 7.51 27.64
CA ALA B 124 25.23 7.95 28.46
C ALA B 124 25.75 8.48 29.81
N LEU B 125 26.81 7.89 30.34
CA LEU B 125 27.37 8.39 31.60
C LEU B 125 28.11 9.69 31.36
N GLY B 126 28.26 10.05 30.08
CA GLY B 126 28.96 11.29 29.76
C GLY B 126 30.40 11.09 29.34
N TYR B 127 30.78 9.83 29.13
CA TYR B 127 32.15 9.51 28.72
C TYR B 127 32.31 9.78 27.23
N ASN B 128 33.52 10.13 26.82
CA ASN B 128 33.83 10.42 25.42
C ASN B 128 34.36 9.15 24.76
N ILE B 129 33.43 8.30 24.30
CA ILE B 129 33.80 7.01 23.71
C ILE B 129 34.83 7.02 22.59
N ILE B 130 35.01 8.16 21.94
CA ILE B 130 36.02 8.24 20.89
C ILE B 130 37.31 8.72 21.55
N VAL B 131 38.24 7.80 21.79
CA VAL B 131 39.49 8.15 22.43
C VAL B 131 40.70 7.77 21.59
N PRO B 132 41.46 8.77 21.12
CA PRO B 132 42.67 8.65 20.30
C PRO B 132 43.78 7.86 20.98
N PRO B 133 44.50 7.02 20.22
CA PRO B 133 45.60 6.18 20.72
C PRO B 133 46.68 6.90 21.52
N GLU B 134 46.74 8.22 21.37
CA GLU B 134 47.74 8.99 22.11
C GLU B 134 47.14 9.44 23.44
N ARG B 135 45.93 9.97 23.40
CA ARG B 135 45.27 10.39 24.63
C ARG B 135 44.84 9.15 25.41
N ALA B 136 44.69 8.05 24.70
CA ALA B 136 44.25 6.80 25.32
C ALA B 136 45.26 6.31 26.33
N LYS B 137 46.54 6.28 25.95
CA LYS B 137 47.56 5.79 26.86
C LYS B 137 47.85 6.73 28.02
N GLU B 138 47.40 7.97 27.91
CA GLU B 138 47.61 8.95 28.97
C GLU B 138 46.47 8.83 29.98
N LEU B 139 45.29 8.45 29.49
CA LEU B 139 44.11 8.28 30.34
C LEU B 139 44.23 7.04 31.21
N VAL B 140 45.02 6.07 30.76
CA VAL B 140 45.20 4.84 31.52
C VAL B 140 46.21 5.06 32.64
N ASN B 141 47.02 6.11 32.53
CA ASN B 141 48.02 6.37 33.56
C ASN B 141 47.47 7.31 34.62
N LYS B 142 46.48 8.12 34.25
CA LYS B 142 45.89 9.05 35.20
C LYS B 142 44.71 8.45 35.96
N THR B 143 43.89 7.67 35.25
CA THR B 143 42.71 7.05 35.86
C THR B 143 42.73 5.52 35.81
N ASN B 144 43.72 4.94 35.14
CA ASN B 144 43.81 3.48 35.07
C ASN B 144 42.69 2.87 34.23
N PHE B 145 41.99 3.70 33.46
CA PHE B 145 40.88 3.23 32.66
C PHE B 145 40.82 3.86 31.26
N VAL B 146 40.30 3.10 30.31
CA VAL B 146 40.10 3.63 28.96
C VAL B 146 39.21 2.72 28.14
N PHE B 147 38.25 3.33 27.48
CA PHE B 147 37.35 2.57 26.63
C PHE B 147 37.87 2.67 25.21
N LEU B 148 38.15 1.52 24.60
CA LEU B 148 38.65 1.50 23.22
C LEU B 148 37.48 1.14 22.30
N PHE B 149 36.94 2.15 21.62
CA PHE B 149 35.82 1.99 20.70
C PHE B 149 36.21 1.10 19.51
N ALA B 150 35.52 -0.02 19.36
CA ALA B 150 35.81 -0.98 18.29
C ALA B 150 35.77 -0.42 16.87
N GLN B 151 34.76 0.40 16.60
CA GLN B 151 34.61 1.00 15.28
C GLN B 151 35.79 1.92 14.98
N TYR B 152 36.30 2.58 16.02
CA TYR B 152 37.41 3.51 15.90
C TYR B 152 38.77 2.82 15.78
N TYR B 153 39.05 1.86 16.66
CA TYR B 153 40.33 1.17 16.64
C TYR B 153 40.44 0.07 15.60
N HIS B 154 39.32 -0.22 14.95
CA HIS B 154 39.26 -1.24 13.91
C HIS B 154 38.61 -0.55 12.71
N PRO B 155 39.27 0.49 12.18
CA PRO B 155 38.76 1.25 11.03
C PRO B 155 38.57 0.38 9.80
N ALA B 156 39.50 -0.57 9.62
CA ALA B 156 39.46 -1.50 8.50
C ALA B 156 38.11 -2.23 8.38
N MET B 157 37.48 -2.47 9.53
CA MET B 157 36.20 -3.17 9.58
C MET B 157 35.11 -2.52 8.74
N LYS B 158 35.30 -1.25 8.38
CA LYS B 158 34.29 -0.56 7.58
C LYS B 158 34.23 -1.17 6.18
N ASN B 159 35.30 -1.85 5.78
CA ASN B 159 35.34 -2.48 4.47
C ASN B 159 34.43 -3.69 4.40
N VAL B 160 33.87 -4.09 5.53
CA VAL B 160 32.99 -5.25 5.57
C VAL B 160 31.64 -4.90 6.15
N ALA B 161 31.46 -3.63 6.49
CA ALA B 161 30.20 -3.17 7.06
C ALA B 161 29.01 -3.41 6.14
N ASN B 162 29.11 -2.91 4.91
CA ASN B 162 28.03 -3.08 3.94
C ASN B 162 27.66 -4.55 3.79
N VAL B 163 28.65 -5.40 3.52
CA VAL B 163 28.39 -6.82 3.34
C VAL B 163 27.66 -7.40 4.55
N ARG B 164 28.21 -7.17 5.74
CA ARG B 164 27.59 -7.69 6.95
C ARG B 164 26.18 -7.18 7.14
N LYS B 165 25.98 -5.89 6.90
CA LYS B 165 24.68 -5.27 7.06
C LYS B 165 23.65 -5.83 6.09
N THR B 166 24.03 -5.91 4.82
CA THR B 166 23.12 -6.41 3.81
C THR B 166 22.77 -7.87 4.06
N LEU B 167 23.76 -8.65 4.48
CA LEU B 167 23.53 -10.07 4.78
C LEU B 167 22.54 -10.21 5.93
N GLY B 168 22.72 -9.39 6.96
CA GLY B 168 21.83 -9.41 8.11
C GLY B 168 21.84 -10.68 8.93
N ILE B 169 22.85 -11.52 8.76
CA ILE B 169 22.92 -12.76 9.53
C ILE B 169 24.20 -12.71 10.35
N ARG B 170 24.34 -13.65 11.28
CA ARG B 170 25.55 -13.68 12.09
C ARG B 170 26.68 -14.39 11.36
N THR B 171 27.87 -13.80 11.43
CA THR B 171 29.05 -14.37 10.79
C THR B 171 30.13 -14.51 11.84
N ILE B 172 31.31 -14.89 11.38
CA ILE B 172 32.48 -15.09 12.23
C ILE B 172 32.92 -13.79 12.89
N PHE B 173 32.54 -12.65 12.30
CA PHE B 173 32.94 -11.36 12.86
C PHE B 173 32.14 -11.00 14.10
N ASN B 174 31.05 -11.72 14.33
CA ASN B 174 30.21 -11.47 15.49
C ASN B 174 30.75 -12.03 16.79
N ILE B 175 31.81 -12.84 16.71
CA ILE B 175 32.38 -13.40 17.92
C ILE B 175 33.86 -13.09 18.05
N LEU B 176 34.35 -12.10 17.31
CA LEU B 176 35.77 -11.79 17.38
C LEU B 176 36.12 -10.55 18.18
N GLY B 177 35.17 -9.65 18.36
CA GLY B 177 35.45 -8.43 19.11
C GLY B 177 36.27 -8.64 20.37
N PRO B 178 35.79 -9.48 21.31
CA PRO B 178 36.49 -9.76 22.57
C PRO B 178 37.90 -10.36 22.43
N LEU B 179 38.20 -10.90 21.26
CA LEU B 179 39.52 -11.50 21.03
C LEU B 179 40.45 -10.53 20.29
N THR B 180 39.94 -9.36 19.94
CA THR B 180 40.76 -8.40 19.22
C THR B 180 41.00 -7.06 19.94
N ASN B 181 41.25 -7.11 21.26
CA ASN B 181 41.53 -5.93 22.08
C ASN B 181 42.72 -5.17 21.49
N PRO B 182 42.55 -3.86 21.21
CA PRO B 182 43.58 -2.97 20.64
C PRO B 182 44.84 -2.81 21.49
N ALA B 183 44.67 -2.82 22.81
CA ALA B 183 45.79 -2.67 23.74
C ALA B 183 46.45 -4.03 23.95
N ASN B 184 45.85 -5.06 23.36
CA ASN B 184 46.35 -6.42 23.47
C ASN B 184 46.53 -6.85 24.93
N ALA B 185 45.57 -6.48 25.76
CA ALA B 185 45.59 -6.83 27.18
C ALA B 185 45.77 -8.34 27.32
N LYS B 186 46.61 -8.76 28.25
CA LYS B 186 46.86 -10.18 28.45
C LYS B 186 45.91 -10.86 29.44
N TYR B 187 45.09 -10.09 30.14
CA TYR B 187 44.17 -10.66 31.12
C TYR B 187 42.76 -10.32 30.71
N GLN B 188 41.84 -11.27 30.83
CA GLN B 188 40.48 -10.97 30.43
C GLN B 188 39.37 -11.89 30.87
N LEU B 189 38.21 -11.28 31.08
CA LEU B 189 37.01 -12.02 31.41
C LEU B 189 36.23 -11.89 30.09
N MET B 190 35.86 -13.00 29.49
CA MET B 190 35.13 -12.95 28.23
C MET B 190 33.83 -13.75 28.26
N GLY B 191 32.71 -13.07 28.10
CA GLY B 191 31.45 -13.77 28.10
C GLY B 191 31.09 -14.25 26.70
N VAL B 192 30.49 -15.44 26.61
CA VAL B 192 30.05 -16.01 25.33
C VAL B 192 28.55 -16.34 25.46
N PHE B 193 27.78 -16.12 24.40
CA PHE B 193 26.34 -16.38 24.48
C PHE B 193 25.88 -17.85 24.40
N SER B 194 26.79 -18.79 24.13
CA SER B 194 26.39 -20.22 24.08
C SER B 194 27.50 -21.17 24.50
N LYS B 195 27.12 -22.35 24.99
CA LYS B 195 28.10 -23.36 25.43
C LYS B 195 28.92 -23.97 24.30
N ASP B 196 28.34 -24.00 23.11
CA ASP B 196 29.02 -24.56 21.95
C ASP B 196 30.28 -23.75 21.68
N HIS B 197 30.08 -22.44 21.59
CA HIS B 197 31.19 -21.54 21.33
C HIS B 197 32.14 -21.45 22.51
N LEU B 198 31.73 -22.00 23.64
CA LEU B 198 32.59 -21.95 24.81
C LEU B 198 33.79 -22.82 24.46
N ASP B 199 33.53 -24.09 24.16
CA ASP B 199 34.60 -25.01 23.82
C ASP B 199 35.43 -24.47 22.66
N LEU B 200 34.75 -23.96 21.64
CA LEU B 200 35.39 -23.42 20.47
C LEU B 200 36.26 -22.20 20.75
N LEU B 201 35.70 -21.20 21.41
CA LEU B 201 36.44 -19.99 21.70
C LEU B 201 37.53 -20.15 22.75
N SER B 202 37.36 -21.06 23.69
CA SER B 202 38.41 -21.24 24.68
C SER B 202 39.62 -21.84 23.97
N LYS B 203 39.40 -22.83 23.11
CA LYS B 203 40.51 -23.45 22.37
C LYS B 203 41.19 -22.44 21.45
N SER B 204 40.39 -21.53 20.90
CA SER B 204 40.93 -20.51 20.03
C SER B 204 41.76 -19.54 20.84
N ALA B 205 41.29 -19.22 22.05
CA ALA B 205 42.00 -18.28 22.91
C ALA B 205 43.34 -18.85 23.36
N TYR B 206 43.39 -20.16 23.54
CA TYR B 206 44.59 -20.85 23.98
C TYR B 206 45.77 -20.67 23.03
N GLU B 207 45.54 -20.00 21.91
CA GLU B 207 46.61 -19.79 20.95
C GLU B 207 46.75 -18.34 20.56
N LEU B 208 46.08 -17.48 21.30
CA LEU B 208 46.15 -16.05 21.03
C LEU B 208 47.06 -15.33 22.02
N ASP B 209 47.81 -16.11 22.78
CA ASP B 209 48.80 -15.58 23.73
C ASP B 209 48.31 -14.76 24.92
N PHE B 210 47.40 -15.30 25.73
CA PHE B 210 46.90 -14.59 26.91
C PHE B 210 47.65 -15.12 28.11
N ASN B 211 47.67 -14.36 29.20
CA ASN B 211 48.28 -14.83 30.43
C ASN B 211 47.13 -15.51 31.15
N LYS B 212 45.97 -14.90 31.08
CA LYS B 212 44.79 -15.47 31.70
C LYS B 212 43.51 -14.91 31.13
N ILE B 213 42.76 -15.78 30.48
CA ILE B 213 41.48 -15.39 29.91
C ILE B 213 40.47 -16.38 30.46
N ILE B 214 39.43 -15.84 31.08
CA ILE B 214 38.37 -16.68 31.62
C ILE B 214 37.16 -16.48 30.73
N LEU B 215 36.63 -17.57 30.21
CA LEU B 215 35.45 -17.45 29.37
C LEU B 215 34.27 -17.99 30.18
N VAL B 216 33.13 -17.31 30.11
CA VAL B 216 31.97 -17.78 30.85
C VAL B 216 30.69 -17.69 30.07
N TYR B 217 29.82 -18.65 30.34
CA TYR B 217 28.49 -18.74 29.76
C TYR B 217 27.61 -18.85 30.98
N GLY B 218 26.64 -17.96 31.12
CA GLY B 218 25.78 -18.05 32.29
C GLY B 218 24.33 -18.26 31.95
N GLU B 219 23.65 -19.11 32.71
CA GLU B 219 22.22 -19.34 32.47
C GLU B 219 21.56 -17.99 32.75
N PRO B 220 20.43 -17.70 32.11
CA PRO B 220 19.63 -18.46 31.12
C PRO B 220 20.22 -18.48 29.71
N GLY B 221 21.40 -17.91 29.55
CA GLY B 221 22.04 -17.88 28.25
C GLY B 221 22.58 -16.49 27.97
N ILE B 222 23.48 -16.02 28.82
CA ILE B 222 24.06 -14.70 28.65
C ILE B 222 25.58 -14.76 28.66
N ASP B 223 26.21 -13.76 28.04
CA ASP B 223 27.67 -13.68 27.96
C ASP B 223 28.27 -13.03 29.21
N GLU B 224 27.77 -13.45 30.38
CA GLU B 224 28.24 -12.93 31.67
C GLU B 224 28.08 -14.02 32.74
N VAL B 225 28.57 -13.75 33.95
CA VAL B 225 28.41 -14.71 35.05
C VAL B 225 26.92 -14.75 35.41
N SER B 226 26.39 -15.95 35.60
CA SER B 226 24.96 -16.14 35.88
C SER B 226 24.42 -15.54 37.18
N PRO B 227 23.47 -14.61 37.07
CA PRO B 227 22.93 -14.03 38.29
C PRO B 227 21.83 -14.93 38.86
N ILE B 228 21.45 -15.98 38.11
CA ILE B 228 20.36 -16.85 38.55
C ILE B 228 20.69 -18.32 38.74
N GLY B 229 21.79 -18.79 38.17
CA GLY B 229 22.09 -20.19 38.35
C GLY B 229 23.50 -20.60 37.98
N ASN B 230 23.63 -21.58 37.09
CA ASN B 230 24.93 -22.04 36.68
C ASN B 230 25.66 -21.14 35.70
N THR B 231 26.97 -21.17 35.83
CA THR B 231 27.88 -20.42 35.01
C THR B 231 28.95 -21.41 34.63
N PHE B 232 29.12 -21.60 33.33
CA PHE B 232 30.15 -22.52 32.86
C PHE B 232 31.30 -21.68 32.38
N MET B 233 32.50 -22.04 32.80
CA MET B 233 33.67 -21.29 32.40
C MET B 233 34.86 -22.12 32.04
N LYS B 234 35.72 -21.55 31.21
CA LYS B 234 36.95 -22.20 30.79
C LYS B 234 38.04 -21.23 31.19
N ILE B 235 38.97 -21.66 32.03
CA ILE B 235 40.07 -20.79 32.43
C ILE B 235 41.21 -21.21 31.53
N VAL B 236 41.64 -20.27 30.71
CA VAL B 236 42.70 -20.52 29.73
C VAL B 236 44.00 -19.76 30.01
N SER B 237 45.13 -20.40 29.69
CA SER B 237 46.44 -19.80 29.88
C SER B 237 47.56 -20.72 29.42
N LYS B 238 48.79 -20.21 29.51
CA LYS B 238 49.98 -20.94 29.11
C LYS B 238 49.94 -22.44 29.45
N ARG B 239 49.55 -22.76 30.68
CA ARG B 239 49.50 -24.16 31.13
C ARG B 239 48.30 -24.99 30.60
N GLY B 240 47.37 -24.35 29.91
CA GLY B 240 46.23 -25.10 29.39
C GLY B 240 44.86 -24.50 29.64
N ILE B 241 43.85 -25.37 29.67
CA ILE B 241 42.47 -24.95 29.87
C ILE B 241 41.81 -25.71 31.02
N GLU B 242 41.05 -24.99 31.83
CA GLU B 242 40.37 -25.60 32.98
C GLU B 242 38.87 -25.34 32.96
N GLU B 243 38.10 -26.42 32.98
CA GLU B 243 36.64 -26.36 32.97
C GLU B 243 36.12 -26.14 34.38
N VAL B 244 35.38 -25.06 34.58
CA VAL B 244 34.82 -24.78 35.89
C VAL B 244 33.32 -24.53 35.83
N LYS B 245 32.57 -25.19 36.71
CA LYS B 245 31.13 -24.98 36.75
C LYS B 245 30.81 -24.33 38.09
N LEU B 246 30.23 -23.14 38.02
CA LEU B 246 29.89 -22.35 39.19
C LEU B 246 28.39 -22.11 39.27
N ASN B 247 27.90 -21.82 40.48
CA ASN B 247 26.49 -21.53 40.67
C ASN B 247 26.48 -20.20 41.39
N VAL B 248 25.54 -19.33 41.07
CA VAL B 248 25.49 -18.03 41.73
C VAL B 248 25.61 -18.16 43.25
N THR B 249 25.16 -19.31 43.77
CA THR B 249 25.21 -19.61 45.19
C THR B 249 26.63 -19.68 45.72
N ASP B 250 27.55 -20.29 44.96
CA ASP B 250 28.94 -20.41 45.37
C ASP B 250 29.61 -19.07 45.66
N PHE B 251 28.90 -17.99 45.35
CA PHE B 251 29.41 -16.65 45.62
C PHE B 251 28.91 -16.26 47.01
N GLY B 252 27.99 -17.07 47.53
CA GLY B 252 27.45 -16.81 48.84
C GLY B 252 26.23 -15.90 48.84
N ILE B 253 25.57 -15.79 47.70
CA ILE B 253 24.37 -14.95 47.60
C ILE B 253 23.19 -15.82 47.15
N SER B 254 22.04 -15.20 47.00
CA SER B 254 20.82 -15.87 46.56
C SER B 254 20.55 -15.45 45.12
N PRO B 255 20.03 -16.38 44.29
CA PRO B 255 19.74 -16.06 42.90
C PRO B 255 19.13 -14.67 42.77
N ILE B 256 19.63 -13.88 41.84
CA ILE B 256 19.14 -12.53 41.63
C ILE B 256 17.96 -12.62 40.65
N PRO B 257 16.77 -12.12 41.02
CA PRO B 257 15.63 -12.19 40.09
C PRO B 257 15.98 -11.46 38.80
N ILE B 258 15.76 -12.11 37.66
CA ILE B 258 16.12 -11.52 36.37
C ILE B 258 15.36 -10.26 35.98
N GLU B 259 14.11 -10.13 36.42
CA GLU B 259 13.29 -8.96 36.07
C GLU B 259 13.94 -7.66 36.50
N LYS B 260 14.74 -7.72 37.56
CA LYS B 260 15.39 -6.53 38.05
C LYS B 260 16.68 -6.15 37.37
N LEU B 261 17.29 -7.06 36.60
CA LEU B 261 18.53 -6.76 35.91
C LEU B 261 18.31 -6.33 34.44
N ILE B 262 17.07 -6.35 33.99
CA ILE B 262 16.77 -6.00 32.61
C ILE B 262 16.50 -4.51 32.38
N VAL B 263 17.20 -3.94 31.41
CA VAL B 263 17.06 -2.53 31.07
C VAL B 263 16.41 -2.39 29.69
N ASN B 264 16.14 -1.15 29.27
CA ASN B 264 15.52 -0.91 27.98
C ASN B 264 16.19 0.22 27.20
N SER B 265 17.27 0.74 27.75
CA SER B 265 18.00 1.82 27.10
C SER B 265 19.31 2.10 27.81
N ALA B 266 20.24 2.72 27.08
CA ALA B 266 21.55 3.07 27.62
C ALA B 266 21.42 3.96 28.85
N GLU B 267 20.47 4.87 28.82
CA GLU B 267 20.27 5.77 29.97
C GLU B 267 19.76 4.95 31.16
N ASP B 268 18.84 4.03 30.90
CA ASP B 268 18.29 3.19 31.96
C ASP B 268 19.41 2.33 32.55
N SER B 269 20.29 1.85 31.69
CA SER B 269 21.40 1.02 32.14
C SER B 269 22.32 1.88 33.00
N ALA B 270 22.59 3.10 32.52
CA ALA B 270 23.44 4.03 33.25
C ALA B 270 22.92 4.25 34.67
N ILE B 271 21.62 4.52 34.79
CA ILE B 271 21.00 4.74 36.09
C ILE B 271 21.14 3.53 37.02
N LYS B 272 20.78 2.35 36.54
CA LYS B 272 20.91 1.16 37.38
C LYS B 272 22.33 0.99 37.90
N ILE B 273 23.31 1.32 37.08
CA ILE B 273 24.69 1.17 37.51
C ILE B 273 25.04 2.19 38.58
N VAL B 274 24.60 3.43 38.40
CA VAL B 274 24.87 4.46 39.39
C VAL B 274 24.13 4.22 40.72
N ARG B 275 22.88 3.72 40.65
CA ARG B 275 22.12 3.43 41.85
C ARG B 275 22.83 2.34 42.63
N ALA B 276 23.43 1.40 41.91
CA ALA B 276 24.17 0.32 42.53
C ALA B 276 25.38 0.90 43.28
N PHE B 277 26.08 1.83 42.63
CA PHE B 277 27.25 2.46 43.23
C PHE B 277 26.84 3.30 44.45
N LEU B 278 25.61 3.82 44.41
CA LEU B 278 25.09 4.63 45.49
C LEU B 278 24.54 3.82 46.67
N GLY B 279 24.49 2.50 46.52
CA GLY B 279 23.97 1.65 47.58
C GLY B 279 22.46 1.51 47.52
N LYS B 280 21.84 2.12 46.53
CA LYS B 280 20.39 2.08 46.36
C LYS B 280 19.88 1.05 45.36
N ASP B 281 20.63 -0.04 45.17
CA ASP B 281 20.22 -1.09 44.23
C ASP B 281 21.08 -2.35 44.38
N GLU B 282 20.81 -3.08 45.45
CA GLU B 282 21.53 -4.30 45.80
C GLU B 282 21.60 -5.36 44.70
N HIS B 283 20.48 -5.61 44.03
CA HIS B 283 20.43 -6.62 42.98
C HIS B 283 21.42 -6.42 41.84
N VAL B 284 21.48 -5.20 41.30
CA VAL B 284 22.43 -4.92 40.24
C VAL B 284 23.84 -4.98 40.85
N ALA B 285 24.00 -4.43 42.05
CA ALA B 285 25.27 -4.42 42.77
C ALA B 285 25.80 -5.84 42.90
N GLU B 286 24.91 -6.77 43.25
CA GLU B 286 25.28 -8.15 43.40
C GLU B 286 25.70 -8.72 42.05
N PHE B 287 24.95 -8.37 41.01
CA PHE B 287 25.22 -8.85 39.68
C PHE B 287 26.61 -8.35 39.23
N ILE B 288 26.92 -7.11 39.58
CA ILE B 288 28.20 -6.52 39.23
C ILE B 288 29.33 -7.20 39.97
N LYS B 289 29.15 -7.45 41.26
CA LYS B 289 30.19 -8.08 42.05
C LYS B 289 30.51 -9.52 41.71
N ILE B 290 29.54 -10.28 41.23
CA ILE B 290 29.88 -11.67 40.91
C ILE B 290 30.72 -11.71 39.63
N ASN B 291 30.50 -10.74 38.73
CA ASN B 291 31.28 -10.69 37.49
C ASN B 291 32.70 -10.24 37.82
N THR B 292 32.80 -9.19 38.61
CA THR B 292 34.08 -8.69 39.05
C THR B 292 34.88 -9.75 39.80
N ALA B 293 34.21 -10.53 40.66
CA ALA B 293 34.92 -11.55 41.42
C ALA B 293 35.71 -12.48 40.49
N VAL B 294 35.08 -12.89 39.40
CA VAL B 294 35.70 -13.77 38.42
C VAL B 294 36.89 -13.07 37.73
N ALA B 295 36.76 -11.78 37.48
CA ALA B 295 37.82 -11.01 36.84
C ALA B 295 38.99 -10.87 37.82
N LEU B 296 38.63 -10.71 39.09
CA LEU B 296 39.58 -10.56 40.18
C LEU B 296 40.36 -11.86 40.27
N PHE B 297 39.69 -12.95 39.94
CA PHE B 297 40.31 -14.26 39.98
C PHE B 297 41.22 -14.39 38.76
N ALA B 298 40.81 -13.80 37.65
CA ALA B 298 41.60 -13.84 36.42
C ALA B 298 42.93 -13.13 36.65
N LEU B 299 42.93 -12.15 37.57
CA LEU B 299 44.14 -11.39 37.91
C LEU B 299 44.87 -12.01 39.09
N ASP B 300 44.44 -13.19 39.52
CA ASP B 300 45.04 -13.85 40.65
C ASP B 300 45.03 -12.94 41.88
N ARG B 301 44.07 -12.02 41.97
CA ARG B 301 44.02 -11.15 43.14
C ARG B 301 43.39 -11.86 44.34
N VAL B 302 42.60 -12.89 44.08
CA VAL B 302 41.95 -13.67 45.16
C VAL B 302 42.15 -15.18 44.96
N GLY B 303 42.01 -15.95 46.03
CA GLY B 303 42.19 -17.39 45.94
C GLY B 303 40.95 -18.15 45.46
N ASP B 304 39.77 -17.57 45.70
CA ASP B 304 38.52 -18.21 45.28
C ASP B 304 37.48 -17.16 44.91
N PHE B 305 36.33 -17.63 44.42
CA PHE B 305 35.26 -16.73 44.00
C PHE B 305 34.51 -16.03 45.14
N ARG B 306 34.45 -16.67 46.31
CA ARG B 306 33.79 -16.06 47.46
C ARG B 306 34.61 -14.82 47.88
N GLU B 307 35.92 -14.99 48.01
CA GLU B 307 36.82 -13.90 48.39
C GLU B 307 36.72 -12.76 47.35
N GLY B 308 36.63 -13.14 46.07
CA GLY B 308 36.50 -12.14 45.02
C GLY B 308 35.23 -11.32 45.21
N TYR B 309 34.14 -12.00 45.53
CA TYR B 309 32.86 -11.33 45.74
C TYR B 309 32.92 -10.33 46.91
N GLU B 310 33.53 -10.77 48.03
CA GLU B 310 33.68 -9.93 49.23
C GLU B 310 34.60 -8.75 48.93
N TYR B 311 35.62 -9.00 48.13
CA TYR B 311 36.56 -7.95 47.76
C TYR B 311 35.86 -6.95 46.86
N ALA B 312 35.03 -7.45 45.94
CA ALA B 312 34.31 -6.59 45.00
C ALA B 312 33.43 -5.60 45.77
N ASP B 313 33.09 -5.99 46.99
CA ASP B 313 32.27 -5.17 47.86
C ASP B 313 33.00 -3.89 48.23
N HIS B 314 34.27 -4.01 48.57
CA HIS B 314 35.07 -2.84 48.95
C HIS B 314 35.33 -1.93 47.74
N LEU B 315 35.34 -2.53 46.55
CA LEU B 315 35.59 -1.75 45.35
C LEU B 315 34.37 -0.99 44.91
N ILE B 316 33.19 -1.61 45.05
CA ILE B 316 31.98 -0.93 44.62
C ILE B 316 31.68 0.32 45.44
N GLU B 317 32.09 0.34 46.70
CA GLU B 317 31.86 1.51 47.54
C GLU B 317 32.65 2.73 47.06
N LYS B 318 33.74 2.49 46.33
CA LYS B 318 34.59 3.56 45.83
C LYS B 318 34.45 3.82 44.32
N SER B 319 33.58 3.05 43.67
CA SER B 319 33.42 3.19 42.23
C SER B 319 32.76 4.45 41.69
N LEU B 320 31.76 4.98 42.38
CA LEU B 320 31.11 6.20 41.91
C LEU B 320 32.13 7.34 41.88
N ASP B 321 33.04 7.34 42.85
CA ASP B 321 34.07 8.38 42.90
C ASP B 321 35.07 8.17 41.76
N LYS B 322 35.36 6.90 41.48
CA LYS B 322 36.28 6.57 40.41
C LYS B 322 35.64 6.99 39.08
N LEU B 323 34.39 6.57 38.89
CA LEU B 323 33.67 6.91 37.68
C LEU B 323 33.73 8.40 37.42
N ASN B 324 33.67 9.17 38.51
CA ASN B 324 33.70 10.62 38.40
C ASN B 324 35.06 11.15 37.97
N GLU B 325 36.15 10.54 38.41
CA GLU B 325 37.45 11.04 37.98
C GLU B 325 37.72 10.60 36.55
N ILE B 326 37.09 9.50 36.13
CA ILE B 326 37.26 8.99 34.77
C ILE B 326 36.56 9.89 33.76
N ILE B 327 35.31 10.25 34.07
CA ILE B 327 34.54 11.11 33.19
C ILE B 327 35.01 12.56 33.23
N SER B 328 35.52 13.00 34.37
CA SER B 328 35.99 14.37 34.49
C SER B 328 37.27 14.59 33.68
N MET B 329 37.98 13.50 33.39
CA MET B 329 39.21 13.60 32.63
C MET B 329 39.03 13.13 31.19
N ASN B 330 37.77 13.03 30.77
CA ASN B 330 37.43 12.60 29.42
C ASN B 330 35.92 12.59 29.21
N GLY B 331 35.35 13.76 28.98
CA GLY B 331 33.91 13.86 28.78
C GLY B 331 33.29 14.84 29.75
N ASP B 332 32.02 15.17 29.54
CA ASP B 332 31.33 16.13 30.40
C ASP B 332 30.84 15.47 31.69
N VAL B 333 30.91 16.22 32.78
CA VAL B 333 30.46 15.70 34.07
C VAL B 333 28.96 15.93 34.23
N THR B 334 28.20 15.50 33.23
CA THR B 334 26.75 15.60 33.28
C THR B 334 26.25 14.27 33.84
N LYS B 335 27.19 13.54 34.43
CA LYS B 335 26.91 12.27 35.06
C LYS B 335 26.14 12.67 36.31
N LEU B 336 26.36 13.90 36.73
CA LEU B 336 25.69 14.47 37.89
C LEU B 336 24.21 14.56 37.55
N LYS B 337 23.93 14.71 36.27
CA LYS B 337 22.56 14.81 35.80
C LYS B 337 21.91 13.44 35.96
N THR B 338 22.66 12.39 35.62
CA THR B 338 22.15 11.03 35.72
C THR B 338 22.06 10.64 37.20
N ILE B 339 23.16 10.84 37.93
CA ILE B 339 23.20 10.48 39.34
C ILE B 339 22.06 11.08 40.16
N VAL B 340 21.67 12.30 39.83
CA VAL B 340 20.58 12.96 40.54
C VAL B 340 19.25 12.28 40.24
N VAL B 341 19.23 11.50 39.16
CA VAL B 341 18.02 10.79 38.78
C VAL B 341 17.91 9.50 39.59
N LYS B 342 19.05 8.92 39.94
CA LYS B 342 19.06 7.70 40.74
C LYS B 342 18.66 8.02 42.16
N SER B 343 18.47 9.31 42.43
CA SER B 343 18.08 9.79 43.75
C SER B 343 16.99 8.92 44.35
N MET C 1 8.88 -10.84 -1.47
CA MET C 1 9.56 -12.17 -1.46
C MET C 1 10.17 -12.50 -0.10
N ASN C 2 10.91 -11.53 0.43
CA ASN C 2 11.61 -11.68 1.70
C ASN C 2 12.77 -12.64 1.52
N ILE C 3 13.84 -12.10 0.93
CA ILE C 3 15.06 -12.83 0.64
C ILE C 3 15.75 -13.31 1.90
N ASN C 4 15.80 -12.46 2.91
CA ASN C 4 16.45 -12.80 4.17
C ASN C 4 15.76 -13.98 4.83
N GLU C 5 14.43 -14.02 4.72
CA GLU C 5 13.64 -15.12 5.29
C GLU C 5 14.10 -16.41 4.60
N ILE C 6 14.38 -16.31 3.31
CA ILE C 6 14.82 -17.46 2.51
C ILE C 6 16.27 -17.85 2.81
N LEU C 7 17.13 -16.84 2.92
CA LEU C 7 18.54 -17.11 3.19
C LEU C 7 18.73 -17.87 4.50
N LYS C 8 17.97 -17.50 5.53
CA LYS C 8 18.10 -18.17 6.82
C LYS C 8 17.62 -19.61 6.70
N LYS C 9 16.58 -19.82 5.91
CA LYS C 9 16.05 -21.16 5.70
C LYS C 9 17.13 -22.04 5.07
N LEU C 10 18.00 -21.43 4.27
CA LEU C 10 19.08 -22.16 3.60
C LEU C 10 20.27 -22.38 4.53
N ILE C 11 20.57 -21.38 5.35
CA ILE C 11 21.68 -21.49 6.29
C ILE C 11 21.41 -22.60 7.30
N ASN C 12 20.13 -22.97 7.45
CA ASN C 12 19.79 -24.05 8.37
C ASN C 12 19.68 -25.35 7.59
N LYS C 13 19.92 -25.27 6.28
CA LYS C 13 19.90 -26.43 5.39
C LYS C 13 18.56 -27.10 5.15
N SER C 14 17.46 -26.34 5.20
CA SER C 14 16.14 -26.90 4.94
C SER C 14 15.78 -26.57 3.48
N ASP C 15 15.28 -27.56 2.74
CA ASP C 15 14.92 -27.34 1.35
C ASP C 15 13.71 -26.44 1.20
N LEU C 16 13.60 -25.82 0.03
CA LEU C 16 12.50 -24.93 -0.29
C LEU C 16 11.46 -25.70 -1.09
N GLU C 17 10.24 -25.19 -1.11
CA GLU C 17 9.18 -25.82 -1.89
C GLU C 17 9.41 -25.38 -3.33
N ILE C 18 8.77 -26.06 -4.27
CA ILE C 18 8.96 -25.71 -5.68
C ILE C 18 8.66 -24.24 -6.03
N ASN C 19 7.44 -23.79 -5.82
CA ASN C 19 7.07 -22.41 -6.15
C ASN C 19 7.84 -21.38 -5.32
N GLU C 20 8.33 -21.79 -4.16
CA GLU C 20 9.10 -20.90 -3.31
C GLU C 20 10.47 -20.70 -3.97
N ALA C 21 11.01 -21.77 -4.54
CA ALA C 21 12.30 -21.73 -5.22
C ALA C 21 12.10 -21.01 -6.56
N GLU C 22 10.92 -21.19 -7.15
CA GLU C 22 10.61 -20.54 -8.41
C GLU C 22 10.50 -19.03 -8.24
N GLU C 23 9.93 -18.59 -7.12
CA GLU C 23 9.81 -17.16 -6.85
C GLU C 23 11.19 -16.61 -6.55
N LEU C 24 12.00 -17.38 -5.84
CA LEU C 24 13.35 -16.94 -5.54
C LEU C 24 14.12 -16.72 -6.84
N ALA C 25 14.12 -17.76 -7.68
CA ALA C 25 14.78 -17.73 -8.97
C ALA C 25 14.37 -16.53 -9.79
N LYS C 26 13.06 -16.25 -9.84
CA LYS C 26 12.58 -15.12 -10.62
C LYS C 26 13.06 -13.81 -10.07
N ALA C 27 13.09 -13.68 -8.75
CA ALA C 27 13.55 -12.47 -8.13
C ALA C 27 14.97 -12.22 -8.61
N ILE C 28 15.80 -13.25 -8.49
CA ILE C 28 17.20 -13.20 -8.89
C ILE C 28 17.38 -12.89 -10.38
N ILE C 29 16.80 -13.73 -11.24
CA ILE C 29 16.94 -13.54 -12.68
C ILE C 29 16.42 -12.19 -13.14
N ARG C 30 15.51 -11.60 -12.37
CA ARG C 30 14.97 -10.28 -12.72
C ARG C 30 15.85 -9.16 -12.17
N GLY C 31 16.88 -9.52 -11.42
CA GLY C 31 17.77 -8.53 -10.85
C GLY C 31 17.16 -7.67 -9.75
N GLU C 32 16.22 -8.23 -9.00
CA GLU C 32 15.58 -7.50 -7.92
C GLU C 32 16.23 -7.77 -6.57
N VAL C 33 17.22 -8.64 -6.58
CA VAL C 33 17.93 -9.00 -5.35
C VAL C 33 19.34 -8.42 -5.38
N PRO C 34 19.81 -7.88 -4.25
CA PRO C 34 21.17 -7.32 -4.20
C PRO C 34 22.18 -8.42 -4.53
N GLU C 35 23.28 -8.05 -5.17
CA GLU C 35 24.31 -9.02 -5.55
C GLU C 35 24.91 -9.74 -4.36
N ILE C 36 25.02 -9.04 -3.24
CA ILE C 36 25.57 -9.61 -2.01
C ILE C 36 24.71 -10.79 -1.57
N LEU C 37 23.40 -10.61 -1.69
CA LEU C 37 22.46 -11.66 -1.31
C LEU C 37 22.35 -12.77 -2.35
N VAL C 38 22.36 -12.40 -3.63
CA VAL C 38 22.29 -13.41 -4.68
C VAL C 38 23.47 -14.35 -4.49
N SER C 39 24.64 -13.75 -4.25
CA SER C 39 25.87 -14.51 -4.05
C SER C 39 25.76 -15.44 -2.85
N ALA C 40 25.25 -14.91 -1.75
CA ALA C 40 25.09 -15.69 -0.52
C ALA C 40 24.11 -16.84 -0.70
N ILE C 41 23.01 -16.59 -1.40
CA ILE C 41 22.04 -17.64 -1.63
C ILE C 41 22.63 -18.73 -2.54
N LEU C 42 23.28 -18.35 -3.63
CA LEU C 42 23.85 -19.36 -4.51
C LEU C 42 24.85 -20.24 -3.75
N VAL C 43 25.66 -19.62 -2.90
CA VAL C 43 26.63 -20.39 -2.11
C VAL C 43 25.91 -21.23 -1.05
N ALA C 44 24.89 -20.65 -0.42
CA ALA C 44 24.13 -21.38 0.59
C ALA C 44 23.48 -22.57 -0.11
N LEU C 45 22.88 -22.29 -1.27
CA LEU C 45 22.21 -23.30 -2.06
C LEU C 45 23.15 -24.47 -2.33
N ARG C 46 24.37 -24.17 -2.76
CA ARG C 46 25.32 -25.23 -3.06
C ARG C 46 25.85 -25.98 -1.84
N MET C 47 26.03 -25.27 -0.72
CA MET C 47 26.55 -25.93 0.48
C MET C 47 25.51 -26.75 1.21
N LYS C 48 24.24 -26.47 0.94
CA LYS C 48 23.18 -27.24 1.56
C LYS C 48 23.01 -28.48 0.68
N GLY C 49 23.19 -28.29 -0.61
CA GLY C 49 23.00 -29.38 -1.56
C GLY C 49 21.62 -29.17 -2.13
N GLU C 50 21.56 -28.58 -3.32
CA GLU C 50 20.30 -28.31 -3.99
C GLU C 50 19.44 -29.57 -4.12
N SER C 51 18.15 -29.42 -3.87
CA SER C 51 17.20 -30.54 -3.94
C SER C 51 16.41 -30.55 -5.25
N LYS C 52 15.66 -31.62 -5.47
CA LYS C 52 14.84 -31.78 -6.66
C LYS C 52 13.90 -30.57 -6.82
N ASN C 53 13.23 -30.23 -5.73
CA ASN C 53 12.30 -29.11 -5.77
C ASN C 53 12.98 -27.80 -6.16
N GLU C 54 14.15 -27.52 -5.61
CA GLU C 54 14.86 -26.30 -5.94
C GLU C 54 15.18 -26.28 -7.43
N ILE C 55 15.69 -27.40 -7.93
CA ILE C 55 16.04 -27.47 -9.33
C ILE C 55 14.83 -27.25 -10.22
N VAL C 56 13.75 -27.97 -9.95
CA VAL C 56 12.55 -27.82 -10.73
C VAL C 56 12.10 -26.36 -10.67
N GLY C 57 12.15 -25.79 -9.49
CA GLY C 57 11.74 -24.40 -9.31
C GLY C 57 12.53 -23.48 -10.20
N PHE C 58 13.86 -23.56 -10.11
CA PHE C 58 14.69 -22.70 -10.94
C PHE C 58 14.47 -22.94 -12.43
N ALA C 59 14.32 -24.21 -12.81
CA ALA C 59 14.12 -24.54 -14.22
C ALA C 59 12.89 -23.83 -14.76
N ARG C 60 11.76 -23.96 -14.06
CA ARG C 60 10.53 -23.32 -14.49
C ARG C 60 10.65 -21.80 -14.49
N ALA C 61 11.45 -21.27 -13.57
CA ALA C 61 11.63 -19.83 -13.52
C ALA C 61 12.29 -19.36 -14.82
N MET C 62 13.41 -19.97 -15.18
CA MET C 62 14.12 -19.60 -16.40
C MET C 62 13.30 -19.82 -17.65
N ARG C 63 12.56 -20.93 -17.68
CA ARG C 63 11.72 -21.21 -18.83
C ARG C 63 10.72 -20.08 -19.03
N GLU C 64 10.05 -19.71 -17.95
CA GLU C 64 9.04 -18.65 -17.95
C GLU C 64 9.55 -17.28 -18.39
N LEU C 65 10.82 -17.01 -18.14
CA LEU C 65 11.40 -15.73 -18.52
C LEU C 65 12.19 -15.81 -19.83
N ALA C 66 12.22 -17.00 -20.43
CA ALA C 66 12.96 -17.21 -21.67
C ALA C 66 12.19 -16.88 -22.94
N ILE C 67 12.95 -16.53 -23.97
CA ILE C 67 12.37 -16.23 -25.28
C ILE C 67 12.15 -17.62 -25.91
N LYS C 68 10.90 -17.93 -26.23
CA LYS C 68 10.58 -19.25 -26.77
C LYS C 68 10.22 -19.32 -28.24
N ILE C 69 10.46 -20.49 -28.82
CA ILE C 69 10.14 -20.80 -30.20
C ILE C 69 9.55 -22.20 -30.05
N ASP C 70 8.65 -22.58 -30.94
CA ASP C 70 8.00 -23.87 -30.82
C ASP C 70 8.54 -24.95 -31.77
N VAL C 71 9.16 -25.96 -31.17
CA VAL C 71 9.72 -27.10 -31.91
C VAL C 71 9.89 -28.28 -30.93
N PRO C 72 8.78 -28.77 -30.35
CA PRO C 72 8.83 -29.88 -29.39
C PRO C 72 9.29 -31.19 -30.02
N ASN C 73 9.17 -31.27 -31.33
CA ASN C 73 9.56 -32.46 -32.09
C ASN C 73 11.08 -32.56 -32.27
N ALA C 74 11.78 -31.48 -31.91
CA ALA C 74 13.22 -31.44 -32.05
C ALA C 74 13.91 -32.11 -30.87
N ILE C 75 15.17 -32.46 -31.09
CA ILE C 75 15.98 -33.07 -30.06
C ILE C 75 17.14 -32.12 -29.79
N ASP C 76 17.67 -32.16 -28.57
CA ASP C 76 18.79 -31.32 -28.17
C ASP C 76 19.76 -32.26 -27.48
N THR C 77 21.03 -31.89 -27.40
CA THR C 77 22.04 -32.70 -26.74
C THR C 77 23.00 -31.72 -26.10
N ALA C 78 23.13 -31.78 -24.78
CA ALA C 78 24.01 -30.86 -24.07
C ALA C 78 24.35 -31.41 -22.70
N GLY C 79 25.47 -30.96 -22.15
CA GLY C 79 25.89 -31.41 -20.82
C GLY C 79 25.40 -30.48 -19.71
N GLY C 84 36.13 -30.47 -17.11
CA GLY C 84 37.30 -30.74 -16.28
C GLY C 84 38.43 -31.42 -17.04
N LEU C 85 38.08 -32.28 -18.00
CA LEU C 85 39.05 -33.00 -18.81
C LEU C 85 39.53 -32.27 -20.07
N GLY C 86 38.63 -31.53 -20.71
CA GLY C 86 39.02 -30.82 -21.91
C GLY C 86 38.82 -31.70 -23.12
N THR C 87 37.89 -32.64 -22.99
CA THR C 87 37.53 -33.58 -24.05
C THR C 87 36.86 -32.85 -25.20
N VAL C 88 36.89 -33.45 -26.38
CA VAL C 88 36.26 -32.85 -27.56
C VAL C 88 34.76 -32.67 -27.32
N ASN C 89 34.20 -31.59 -27.86
CA ASN C 89 32.78 -31.33 -27.69
C ASN C 89 31.94 -32.16 -28.66
N VAL C 90 31.65 -33.40 -28.27
CA VAL C 90 30.87 -34.28 -29.13
C VAL C 90 29.39 -33.97 -29.24
N SER C 91 28.80 -33.32 -28.25
CA SER C 91 27.38 -33.01 -28.35
C SER C 91 27.15 -32.13 -29.58
N THR C 92 28.10 -31.24 -29.86
CA THR C 92 28.00 -30.37 -31.02
C THR C 92 28.14 -31.20 -32.29
N ALA C 93 29.14 -32.08 -32.29
CA ALA C 93 29.40 -32.93 -33.44
C ALA C 93 28.25 -33.92 -33.59
N SER C 94 27.71 -34.37 -32.46
CA SER C 94 26.62 -35.32 -32.47
C SER C 94 25.33 -34.69 -32.95
N ALA C 95 25.22 -33.38 -32.78
CA ALA C 95 24.02 -32.66 -33.19
C ALA C 95 23.96 -32.55 -34.72
N ILE C 96 25.12 -32.50 -35.36
CA ILE C 96 25.16 -32.43 -36.82
C ILE C 96 24.60 -33.74 -37.36
N LEU C 97 25.18 -34.86 -36.89
CA LEU C 97 24.74 -36.16 -37.34
C LEU C 97 23.24 -36.30 -37.17
N LEU C 98 22.73 -35.86 -36.03
CA LEU C 98 21.31 -35.97 -35.76
C LEU C 98 20.40 -35.13 -36.66
N SER C 99 20.89 -33.99 -37.15
CA SER C 99 20.07 -33.14 -38.01
C SER C 99 19.75 -33.87 -39.30
N LEU C 100 20.51 -34.92 -39.57
CA LEU C 100 20.33 -35.73 -40.77
C LEU C 100 19.08 -36.60 -40.64
N VAL C 101 18.57 -36.77 -39.42
CA VAL C 101 17.38 -37.60 -39.25
C VAL C 101 16.29 -37.06 -38.33
N ASN C 102 16.43 -35.82 -37.86
CA ASN C 102 15.42 -35.27 -36.97
C ASN C 102 15.71 -33.79 -36.73
N PRO C 103 14.65 -33.00 -36.46
CA PRO C 103 14.93 -31.58 -36.20
C PRO C 103 15.76 -31.46 -34.93
N VAL C 104 16.82 -30.66 -35.00
CA VAL C 104 17.73 -30.46 -33.88
C VAL C 104 17.75 -28.98 -33.45
N ALA C 105 17.46 -28.73 -32.18
CA ALA C 105 17.45 -27.36 -31.66
C ALA C 105 18.47 -27.33 -30.52
N LYS C 106 19.73 -27.19 -30.91
CA LYS C 106 20.85 -27.18 -29.98
C LYS C 106 20.89 -25.95 -29.09
N HIS C 107 20.94 -26.18 -27.78
CA HIS C 107 21.01 -25.09 -26.80
C HIS C 107 22.46 -25.06 -26.29
N GLY C 108 23.11 -23.93 -26.43
CA GLY C 108 24.48 -23.86 -25.99
C GLY C 108 24.98 -22.48 -25.66
N ASN C 109 26.17 -22.44 -25.09
CA ASN C 109 26.75 -21.19 -24.69
C ASN C 109 28.23 -21.19 -25.02
N ARG C 110 28.90 -20.10 -24.68
CA ARG C 110 30.33 -20.00 -24.85
C ARG C 110 30.83 -20.49 -23.50
N ALA C 111 32.10 -20.87 -23.42
CA ALA C 111 32.67 -21.35 -22.19
C ALA C 111 33.67 -20.33 -21.64
N VAL C 112 33.74 -20.25 -20.32
CA VAL C 112 34.66 -19.32 -19.66
C VAL C 112 36.10 -19.82 -19.85
N SER C 113 36.29 -21.10 -19.54
CA SER C 113 37.59 -21.75 -19.63
C SER C 113 38.06 -22.03 -21.06
N GLY C 114 38.65 -21.01 -21.67
CA GLY C 114 39.17 -21.12 -23.02
C GLY C 114 38.35 -21.88 -24.04
N LYS C 115 37.53 -21.14 -24.78
CA LYS C 115 36.67 -21.69 -25.84
C LYS C 115 36.49 -23.20 -25.86
N SER C 116 35.51 -23.67 -25.10
CA SER C 116 35.20 -25.10 -25.02
C SER C 116 33.75 -25.22 -25.44
N GLY C 117 32.96 -24.25 -25.01
CA GLY C 117 31.54 -24.21 -25.29
C GLY C 117 31.17 -24.51 -26.73
N SER C 118 29.95 -25.02 -26.92
CA SER C 118 29.50 -25.35 -28.26
C SER C 118 29.31 -24.09 -29.08
N ALA C 119 29.03 -22.96 -28.43
CA ALA C 119 28.87 -21.73 -29.17
C ALA C 119 30.23 -21.35 -29.76
N ASP C 120 31.29 -21.60 -28.99
CA ASP C 120 32.64 -21.28 -29.44
C ASP C 120 33.07 -22.15 -30.61
N VAL C 121 32.69 -23.42 -30.57
CA VAL C 121 33.06 -24.34 -31.63
C VAL C 121 32.30 -24.05 -32.90
N LEU C 122 30.98 -23.91 -32.80
CA LEU C 122 30.16 -23.63 -33.96
C LEU C 122 30.66 -22.36 -34.65
N GLU C 123 31.02 -21.36 -33.86
CA GLU C 123 31.52 -20.11 -34.40
C GLU C 123 32.81 -20.41 -35.17
N ALA C 124 33.68 -21.22 -34.56
CA ALA C 124 34.93 -21.59 -35.19
C ALA C 124 34.63 -22.23 -36.55
N LEU C 125 33.53 -23.00 -36.63
CA LEU C 125 33.16 -23.65 -37.88
C LEU C 125 32.69 -22.67 -38.93
N GLY C 126 32.27 -21.48 -38.49
CA GLY C 126 31.80 -20.48 -39.44
C GLY C 126 30.33 -20.16 -39.23
N TYR C 127 29.68 -20.89 -38.33
CA TYR C 127 28.26 -20.68 -38.04
C TYR C 127 28.06 -19.33 -37.34
N ASN C 128 26.92 -18.70 -37.60
CA ASN C 128 26.61 -17.42 -36.98
C ASN C 128 25.65 -17.72 -35.82
N ILE C 129 26.22 -17.88 -34.62
CA ILE C 129 25.46 -18.27 -33.43
C ILE C 129 24.26 -17.44 -32.97
N ILE C 130 24.20 -16.17 -33.34
CA ILE C 130 23.06 -15.36 -32.94
C ILE C 130 21.95 -15.51 -33.96
N VAL C 131 20.93 -16.30 -33.63
CA VAL C 131 19.80 -16.55 -34.52
C VAL C 131 18.49 -16.00 -33.97
N PRO C 132 17.93 -14.95 -34.61
CA PRO C 132 16.67 -14.38 -34.13
C PRO C 132 15.58 -15.46 -34.22
N PRO C 133 14.73 -15.57 -33.20
CA PRO C 133 13.65 -16.56 -33.14
C PRO C 133 12.89 -16.80 -34.45
N GLU C 134 12.53 -15.73 -35.15
CA GLU C 134 11.80 -15.88 -36.41
C GLU C 134 12.65 -16.65 -37.41
N ARG C 135 13.90 -16.26 -37.59
CA ARG C 135 14.76 -16.98 -38.52
C ARG C 135 15.15 -18.32 -37.95
N ALA C 136 15.08 -18.44 -36.63
CA ALA C 136 15.43 -19.69 -35.99
C ALA C 136 14.51 -20.76 -36.54
N LYS C 137 13.21 -20.49 -36.46
CA LYS C 137 12.20 -21.43 -36.94
C LYS C 137 12.37 -21.76 -38.42
N GLU C 138 12.73 -20.76 -39.21
CA GLU C 138 12.93 -20.93 -40.64
C GLU C 138 14.09 -21.88 -40.97
N LEU C 139 15.25 -21.68 -40.34
CA LEU C 139 16.42 -22.52 -40.57
C LEU C 139 16.16 -23.97 -40.17
N VAL C 140 15.27 -24.17 -39.20
CA VAL C 140 14.94 -25.51 -38.72
C VAL C 140 14.26 -26.35 -39.79
N ASN C 141 13.29 -25.75 -40.50
CA ASN C 141 12.58 -26.46 -41.56
C ASN C 141 13.53 -26.76 -42.70
N LYS C 142 14.27 -25.74 -43.11
CA LYS C 142 15.21 -25.89 -44.21
C LYS C 142 16.32 -26.91 -43.96
N THR C 143 17.16 -26.66 -42.95
CA THR C 143 18.28 -27.56 -42.66
C THR C 143 18.09 -28.59 -41.54
N ASN C 144 16.99 -28.50 -40.82
CA ASN C 144 16.72 -29.44 -39.73
C ASN C 144 17.66 -29.27 -38.53
N PHE C 145 18.25 -28.09 -38.42
CA PHE C 145 19.18 -27.82 -37.35
C PHE C 145 19.19 -26.35 -36.99
N VAL C 146 19.30 -26.04 -35.72
CA VAL C 146 19.38 -24.66 -35.28
C VAL C 146 20.06 -24.55 -33.92
N PHE C 147 20.85 -23.50 -33.77
CA PHE C 147 21.56 -23.31 -32.52
C PHE C 147 20.89 -22.18 -31.75
N LEU C 148 20.55 -22.44 -30.49
CA LEU C 148 19.91 -21.42 -29.67
C LEU C 148 20.90 -20.88 -28.64
N PHE C 149 21.57 -19.80 -29.01
CA PHE C 149 22.57 -19.18 -28.13
C PHE C 149 21.90 -18.78 -26.81
N ALA C 150 22.32 -19.42 -25.73
CA ALA C 150 21.79 -19.17 -24.39
C ALA C 150 21.76 -17.69 -24.01
N GLN C 151 22.84 -16.98 -24.27
CA GLN C 151 22.91 -15.56 -23.91
C GLN C 151 21.98 -14.70 -24.77
N TYR C 152 21.38 -15.32 -25.77
CA TYR C 152 20.48 -14.59 -26.63
C TYR C 152 19.02 -14.95 -26.32
N TYR C 153 18.77 -16.23 -26.01
CA TYR C 153 17.41 -16.67 -25.70
C TYR C 153 17.01 -16.53 -24.23
N HIS C 154 17.97 -16.28 -23.35
CA HIS C 154 17.76 -16.07 -21.93
C HIS C 154 18.41 -14.74 -21.59
N PRO C 155 17.95 -13.64 -22.22
CA PRO C 155 18.52 -12.32 -21.96
C PRO C 155 18.50 -11.86 -20.50
N ALA C 156 17.57 -12.41 -19.71
CA ALA C 156 17.46 -12.05 -18.31
C ALA C 156 18.59 -12.64 -17.49
N MET C 157 19.25 -13.68 -18.01
CA MET C 157 20.36 -14.30 -17.31
C MET C 157 21.58 -13.40 -17.17
N LYS C 158 21.50 -12.20 -17.70
CA LYS C 158 22.62 -11.29 -17.59
C LYS C 158 22.60 -10.69 -16.19
N ASN C 159 21.39 -10.67 -15.60
CA ASN C 159 21.20 -10.13 -14.26
C ASN C 159 21.91 -10.94 -13.19
N VAL C 160 22.46 -12.08 -13.59
CA VAL C 160 23.18 -12.94 -12.67
C VAL C 160 24.62 -13.11 -13.14
N ALA C 161 24.91 -12.55 -14.31
CA ALA C 161 26.23 -12.66 -14.92
C ALA C 161 27.40 -12.23 -14.05
N ASN C 162 27.35 -11.03 -13.49
CA ASN C 162 28.46 -10.56 -12.67
C ASN C 162 28.79 -11.44 -11.46
N VAL C 163 27.76 -11.89 -10.75
CA VAL C 163 27.95 -12.74 -9.58
C VAL C 163 28.60 -14.07 -9.96
N ARG C 164 28.02 -14.75 -10.94
CA ARG C 164 28.54 -16.03 -11.39
C ARG C 164 29.97 -15.87 -11.86
N LYS C 165 30.24 -14.79 -12.56
CA LYS C 165 31.58 -14.50 -13.04
C LYS C 165 32.51 -14.41 -11.83
N THR C 166 32.17 -13.50 -10.92
CA THR C 166 32.95 -13.24 -9.72
C THR C 166 33.19 -14.45 -8.80
N LEU C 167 32.14 -15.22 -8.52
CA LEU C 167 32.28 -16.40 -7.67
C LEU C 167 33.27 -17.41 -8.24
N GLY C 168 33.20 -17.64 -9.54
CA GLY C 168 34.11 -18.59 -10.15
C GLY C 168 33.94 -20.01 -9.64
N ILE C 169 32.71 -20.39 -9.33
CA ILE C 169 32.45 -21.74 -8.86
C ILE C 169 31.13 -22.19 -9.44
N ARG C 170 30.88 -23.50 -9.42
CA ARG C 170 29.64 -24.00 -9.96
C ARG C 170 28.47 -23.75 -9.01
N THR C 171 27.34 -23.32 -9.59
CA THR C 171 26.12 -23.07 -8.84
C THR C 171 25.00 -23.87 -9.47
N ILE C 172 23.79 -23.60 -9.02
CA ILE C 172 22.62 -24.31 -9.52
C ILE C 172 22.40 -23.99 -11.01
N PHE C 173 22.87 -22.82 -11.45
CA PHE C 173 22.70 -22.43 -12.84
C PHE C 173 23.55 -23.24 -13.83
N ASN C 174 24.60 -23.89 -13.33
CA ASN C 174 25.47 -24.70 -14.17
C ASN C 174 24.90 -26.04 -14.59
N ILE C 175 23.80 -26.45 -13.96
CA ILE C 175 23.15 -27.70 -14.29
C ILE C 175 21.75 -27.42 -14.82
N LEU C 176 21.52 -26.16 -15.21
CA LEU C 176 20.20 -25.76 -15.69
C LEU C 176 20.06 -25.56 -17.20
N GLY C 177 21.18 -25.40 -17.90
CA GLY C 177 21.12 -25.19 -19.33
C GLY C 177 20.33 -26.26 -20.08
N PRO C 178 20.70 -27.53 -19.93
CA PRO C 178 19.99 -28.60 -20.62
C PRO C 178 18.51 -28.71 -20.24
N LEU C 179 18.13 -28.11 -19.12
CA LEU C 179 16.74 -28.20 -18.69
C LEU C 179 15.91 -27.03 -19.22
N THR C 180 16.57 -26.07 -19.83
CA THR C 180 15.86 -24.88 -20.31
C THR C 180 15.92 -24.58 -21.81
N ASN C 181 15.83 -25.62 -22.64
CA ASN C 181 15.86 -25.46 -24.09
C ASN C 181 14.80 -24.48 -24.57
N PRO C 182 15.22 -23.43 -25.31
CA PRO C 182 14.30 -22.40 -25.83
C PRO C 182 13.28 -22.87 -26.85
N ALA C 183 13.48 -24.04 -27.45
CA ALA C 183 12.55 -24.56 -28.45
C ALA C 183 11.62 -25.54 -27.78
N ASN C 184 11.78 -25.70 -26.48
CA ASN C 184 10.94 -26.61 -25.72
C ASN C 184 11.03 -28.00 -26.34
N ALA C 185 12.26 -28.41 -26.66
CA ALA C 185 12.50 -29.72 -27.25
C ALA C 185 12.12 -30.79 -26.24
N LYS C 186 11.41 -31.82 -26.70
CA LYS C 186 10.97 -32.89 -25.82
C LYS C 186 11.94 -34.06 -25.76
N TYR C 187 12.93 -34.06 -26.65
CA TYR C 187 13.93 -35.12 -26.70
C TYR C 187 15.30 -34.54 -26.42
N GLN C 188 15.87 -34.94 -25.29
CA GLN C 188 17.15 -34.42 -24.88
C GLN C 188 18.09 -35.45 -24.32
N LEU C 189 19.33 -35.38 -24.76
CA LEU C 189 20.40 -36.26 -24.28
C LEU C 189 21.10 -35.28 -23.34
N MET C 190 21.22 -35.64 -22.06
CA MET C 190 21.83 -34.76 -21.09
C MET C 190 22.97 -35.38 -20.31
N GLY C 191 24.10 -34.68 -20.26
CA GLY C 191 25.26 -35.17 -19.54
C GLY C 191 25.32 -34.66 -18.11
N VAL C 192 25.72 -35.55 -17.21
CA VAL C 192 25.83 -35.22 -15.80
C VAL C 192 27.24 -35.60 -15.30
N PHE C 193 27.78 -34.81 -14.38
CA PHE C 193 29.14 -35.07 -13.89
C PHE C 193 29.32 -36.07 -12.76
N SER C 194 28.26 -36.48 -12.09
CA SER C 194 28.41 -37.45 -11.00
C SER C 194 27.20 -38.36 -10.87
N LYS C 195 27.40 -39.54 -10.29
CA LYS C 195 26.30 -40.47 -10.13
C LYS C 195 25.22 -39.94 -9.19
N ASP C 196 25.56 -38.94 -8.39
CA ASP C 196 24.59 -38.35 -7.47
C ASP C 196 23.71 -37.39 -8.24
N HIS C 197 24.28 -36.69 -9.20
CA HIS C 197 23.51 -35.76 -10.01
C HIS C 197 22.61 -36.54 -10.97
N LEU C 198 22.94 -37.81 -11.22
CA LEU C 198 22.12 -38.64 -12.11
C LEU C 198 20.77 -38.84 -11.44
N ASP C 199 20.82 -39.27 -10.18
CA ASP C 199 19.62 -39.50 -9.40
C ASP C 199 18.87 -38.18 -9.23
N LEU C 200 19.60 -37.15 -8.81
CA LEU C 200 19.01 -35.83 -8.61
C LEU C 200 18.34 -35.25 -9.85
N LEU C 201 19.12 -35.02 -10.90
CA LEU C 201 18.60 -34.44 -12.13
C LEU C 201 17.57 -35.27 -12.90
N SER C 202 17.56 -36.59 -12.69
CA SER C 202 16.60 -37.40 -13.41
C SER C 202 15.22 -37.20 -12.78
N LYS C 203 15.15 -37.27 -11.46
CA LYS C 203 13.87 -37.08 -10.77
C LYS C 203 13.32 -35.69 -11.07
N SER C 204 14.20 -34.71 -11.23
CA SER C 204 13.77 -33.36 -11.52
C SER C 204 13.28 -33.29 -12.97
N ALA C 205 13.95 -34.00 -13.86
CA ALA C 205 13.59 -34.04 -15.28
C ALA C 205 12.23 -34.69 -15.42
N TYR C 206 12.01 -35.71 -14.62
CA TYR C 206 10.75 -36.44 -14.63
C TYR C 206 9.61 -35.45 -14.46
N GLU C 207 9.88 -34.38 -13.73
CA GLU C 207 8.88 -33.35 -13.45
C GLU C 207 8.97 -32.10 -14.32
N LEU C 208 9.91 -32.09 -15.26
CA LEU C 208 10.04 -30.92 -16.11
C LEU C 208 9.30 -31.10 -17.42
N ASP C 209 8.49 -32.16 -17.48
CA ASP C 209 7.66 -32.45 -18.64
C ASP C 209 8.34 -32.73 -19.97
N PHE C 210 9.14 -33.78 -20.03
CA PHE C 210 9.81 -34.16 -21.27
C PHE C 210 9.09 -35.37 -21.86
N ASN C 211 9.31 -35.65 -23.15
CA ASN C 211 8.73 -36.85 -23.74
C ASN C 211 9.76 -37.93 -23.49
N LYS C 212 11.01 -37.58 -23.69
CA LYS C 212 12.09 -38.51 -23.43
C LYS C 212 13.41 -37.77 -23.33
N ILE C 213 14.01 -37.86 -22.15
CA ILE C 213 15.30 -37.26 -21.90
C ILE C 213 16.18 -38.37 -21.31
N ILE C 214 17.40 -38.48 -21.82
CA ILE C 214 18.30 -39.50 -21.34
C ILE C 214 19.44 -38.82 -20.62
N LEU C 215 19.68 -39.17 -19.36
CA LEU C 215 20.77 -38.54 -18.65
C LEU C 215 21.92 -39.55 -18.61
N VAL C 216 23.10 -39.10 -19.04
CA VAL C 216 24.25 -40.01 -19.05
C VAL C 216 25.41 -39.51 -18.21
N TYR C 217 26.07 -40.47 -17.57
CA TYR C 217 27.24 -40.20 -16.77
C TYR C 217 28.21 -41.27 -17.25
N GLY C 218 29.37 -40.87 -17.73
CA GLY C 218 30.34 -41.85 -18.21
C GLY C 218 31.67 -41.85 -17.47
N GLU C 219 32.34 -43.00 -17.42
CA GLU C 219 33.63 -43.06 -16.76
C GLU C 219 34.63 -42.35 -17.65
N PRO C 220 35.71 -41.81 -17.07
CA PRO C 220 36.07 -41.81 -15.65
C PRO C 220 35.45 -40.66 -14.85
N GLY C 221 34.42 -40.02 -15.40
CA GLY C 221 33.79 -38.91 -14.71
C GLY C 221 33.41 -37.78 -15.65
N ILE C 222 32.88 -38.13 -16.82
CA ILE C 222 32.49 -37.15 -17.81
C ILE C 222 30.98 -37.12 -18.06
N ASP C 223 30.48 -35.96 -18.48
CA ASP C 223 29.06 -35.77 -18.75
C ASP C 223 28.66 -36.18 -20.17
N GLU C 224 29.15 -37.34 -20.61
CA GLU C 224 28.82 -37.87 -21.93
C GLU C 224 29.14 -39.36 -21.91
N VAL C 225 28.76 -40.09 -22.96
CA VAL C 225 29.00 -41.53 -22.99
C VAL C 225 30.50 -41.88 -22.94
N SER C 226 30.83 -42.77 -22.01
CA SER C 226 32.21 -43.19 -21.77
C SER C 226 32.95 -43.79 -22.94
N PRO C 227 34.10 -43.20 -23.29
CA PRO C 227 34.90 -43.74 -24.39
C PRO C 227 35.81 -44.84 -23.87
N ILE C 228 36.10 -44.82 -22.57
CA ILE C 228 37.00 -45.80 -21.97
C ILE C 228 36.34 -46.95 -21.24
N GLY C 229 35.08 -46.78 -20.84
CA GLY C 229 34.45 -47.86 -20.13
C GLY C 229 32.94 -47.82 -19.94
N ASN C 230 32.51 -47.90 -18.68
CA ASN C 230 31.10 -47.92 -18.32
C ASN C 230 30.36 -46.58 -18.38
N THR C 231 29.12 -46.63 -18.87
CA THR C 231 28.24 -45.47 -18.94
C THR C 231 26.97 -45.80 -18.14
N PHE C 232 26.51 -44.85 -17.34
CA PHE C 232 25.29 -45.05 -16.56
C PHE C 232 24.28 -44.04 -17.01
N MET C 233 23.04 -44.47 -17.20
CA MET C 233 22.05 -43.52 -17.64
C MET C 233 20.66 -43.76 -17.08
N LYS C 234 19.87 -42.69 -17.12
CA LYS C 234 18.50 -42.72 -16.66
C LYS C 234 17.66 -42.36 -17.87
N ILE C 235 16.68 -43.21 -18.19
CA ILE C 235 15.80 -42.91 -19.30
C ILE C 235 14.50 -42.42 -18.66
N VAL C 236 14.28 -41.12 -18.74
CA VAL C 236 13.13 -40.47 -18.16
C VAL C 236 12.07 -40.18 -19.19
N SER C 237 10.84 -40.59 -18.89
CA SER C 237 9.73 -40.35 -19.78
C SER C 237 8.48 -40.13 -18.95
N LYS C 238 7.36 -39.84 -19.62
CA LYS C 238 6.10 -39.62 -18.93
C LYS C 238 5.78 -40.85 -18.09
N ARG C 239 6.40 -41.98 -18.44
CA ARG C 239 6.14 -43.21 -17.70
C ARG C 239 7.29 -43.75 -16.85
N GLY C 240 7.86 -42.90 -16.00
CA GLY C 240 8.92 -43.36 -15.12
C GLY C 240 10.35 -43.13 -15.54
N ILE C 241 11.25 -43.67 -14.71
CA ILE C 241 12.68 -43.54 -14.92
C ILE C 241 13.34 -44.91 -15.03
N GLU C 242 13.80 -45.24 -16.23
CA GLU C 242 14.47 -46.51 -16.50
C GLU C 242 15.97 -46.32 -16.24
N GLU C 243 16.62 -47.37 -15.74
CA GLU C 243 18.04 -47.31 -15.44
C GLU C 243 18.77 -48.19 -16.46
N VAL C 244 19.90 -47.70 -16.96
CA VAL C 244 20.65 -48.49 -17.92
C VAL C 244 22.14 -48.36 -17.64
N LYS C 245 22.82 -49.49 -17.64
CA LYS C 245 24.26 -49.54 -17.41
C LYS C 245 24.84 -50.02 -18.71
N LEU C 246 26.02 -49.52 -19.08
CA LEU C 246 26.57 -49.90 -20.36
C LEU C 246 28.10 -49.80 -20.43
N ASN C 247 28.73 -50.68 -21.21
CA ASN C 247 30.17 -50.59 -21.38
C ASN C 247 30.44 -50.17 -22.81
N VAL C 248 31.57 -49.50 -23.04
CA VAL C 248 31.90 -49.01 -24.37
C VAL C 248 32.02 -50.13 -25.43
N THR C 249 32.41 -51.33 -25.01
CA THR C 249 32.51 -52.44 -25.95
C THR C 249 31.14 -53.01 -26.36
N ASP C 250 30.06 -52.53 -25.73
CA ASP C 250 28.72 -52.99 -26.08
C ASP C 250 28.28 -52.29 -27.35
N PHE C 251 29.08 -51.33 -27.81
CA PHE C 251 28.77 -50.62 -29.03
C PHE C 251 29.41 -51.35 -30.19
N GLY C 252 30.31 -52.27 -29.88
CA GLY C 252 30.98 -53.04 -30.92
C GLY C 252 32.42 -52.61 -31.14
N ILE C 253 32.86 -51.60 -30.39
CA ILE C 253 34.23 -51.11 -30.53
C ILE C 253 35.08 -51.36 -29.29
N SER C 254 36.36 -51.02 -29.41
CA SER C 254 37.31 -51.16 -28.32
C SER C 254 37.44 -49.83 -27.60
N PRO C 255 37.84 -49.87 -26.33
CA PRO C 255 37.99 -48.63 -25.58
C PRO C 255 38.83 -47.59 -26.31
N ILE C 256 38.31 -46.36 -26.34
CA ILE C 256 39.01 -45.26 -26.98
C ILE C 256 39.92 -44.61 -25.95
N PRO C 257 41.23 -44.48 -26.28
CA PRO C 257 42.21 -43.86 -25.39
C PRO C 257 41.85 -42.39 -25.17
N ILE C 258 41.29 -42.10 -24.00
CA ILE C 258 40.85 -40.75 -23.63
C ILE C 258 41.85 -39.63 -23.95
N GLU C 259 43.14 -39.97 -24.05
CA GLU C 259 44.17 -38.99 -24.35
C GLU C 259 43.98 -38.37 -25.73
N LYS C 260 43.57 -39.21 -26.69
CA LYS C 260 43.36 -38.80 -28.07
C LYS C 260 42.08 -38.00 -28.32
N LEU C 261 41.30 -37.74 -27.27
CA LEU C 261 40.05 -36.99 -27.44
C LEU C 261 40.15 -35.59 -26.86
N ILE C 262 41.35 -35.23 -26.42
CA ILE C 262 41.57 -33.92 -25.82
C ILE C 262 41.68 -32.79 -26.85
N VAL C 263 41.25 -31.59 -26.47
CA VAL C 263 41.31 -30.41 -27.34
C VAL C 263 41.84 -29.23 -26.49
N ASN C 264 42.24 -28.14 -27.13
CA ASN C 264 42.76 -27.03 -26.37
C ASN C 264 42.08 -25.72 -26.68
N SER C 265 41.33 -25.70 -27.77
CA SER C 265 40.64 -24.48 -28.16
C SER C 265 39.43 -24.81 -29.02
N ALA C 266 38.58 -23.80 -29.25
CA ALA C 266 37.38 -23.95 -30.05
C ALA C 266 37.74 -24.40 -31.48
N GLU C 267 38.74 -23.77 -32.06
CA GLU C 267 39.16 -24.14 -33.42
C GLU C 267 39.79 -25.53 -33.41
N ASP C 268 40.42 -25.89 -32.30
CA ASP C 268 41.05 -27.19 -32.18
C ASP C 268 39.97 -28.28 -32.21
N SER C 269 38.85 -28.01 -31.55
CA SER C 269 37.72 -28.96 -31.52
C SER C 269 37.09 -29.03 -32.90
N ALA C 270 37.01 -27.87 -33.55
CA ALA C 270 36.46 -27.77 -34.90
C ALA C 270 37.25 -28.68 -35.82
N ILE C 271 38.57 -28.48 -35.81
CA ILE C 271 39.49 -29.26 -36.62
C ILE C 271 39.34 -30.73 -36.28
N LYS C 272 39.30 -31.05 -34.99
CA LYS C 272 39.14 -32.43 -34.55
C LYS C 272 37.89 -33.05 -35.17
N ILE C 273 36.76 -32.36 -35.01
CA ILE C 273 35.49 -32.82 -35.52
C ILE C 273 35.47 -33.09 -37.03
N VAL C 274 36.01 -32.16 -37.80
CA VAL C 274 36.04 -32.31 -39.25
C VAL C 274 36.95 -33.44 -39.74
N ARG C 275 38.04 -33.70 -39.02
CA ARG C 275 38.91 -34.81 -39.41
C ARG C 275 38.03 -36.04 -39.28
N ALA C 276 37.28 -36.10 -38.18
CA ALA C 276 36.37 -37.23 -37.94
C ALA C 276 35.34 -37.34 -39.06
N PHE C 277 34.83 -36.20 -39.51
CA PHE C 277 33.84 -36.19 -40.60
C PHE C 277 34.51 -36.52 -41.94
N LEU C 278 35.83 -36.40 -41.98
CA LEU C 278 36.60 -36.68 -43.19
C LEU C 278 37.13 -38.12 -43.20
N GLY C 279 37.07 -38.78 -42.05
CA GLY C 279 37.56 -40.14 -41.95
C GLY C 279 39.04 -40.16 -41.64
N LYS C 280 39.53 -39.11 -40.99
CA LYS C 280 40.94 -38.99 -40.64
C LYS C 280 41.22 -39.02 -39.12
N ASP C 281 40.31 -39.60 -38.35
CA ASP C 281 40.48 -39.71 -36.91
C ASP C 281 39.35 -40.57 -36.35
N GLU C 282 39.60 -41.88 -36.32
CA GLU C 282 38.61 -42.84 -35.85
C GLU C 282 38.30 -42.74 -34.36
N HIS C 283 39.27 -42.34 -33.55
CA HIS C 283 39.02 -42.19 -32.11
C HIS C 283 37.90 -41.19 -31.91
N VAL C 284 38.09 -40.00 -32.47
CA VAL C 284 37.10 -38.94 -32.38
C VAL C 284 35.78 -39.36 -33.00
N ALA C 285 35.82 -39.93 -34.19
CA ALA C 285 34.61 -40.37 -34.86
C ALA C 285 33.88 -41.46 -34.07
N GLU C 286 34.65 -42.36 -33.45
CA GLU C 286 34.05 -43.43 -32.67
C GLU C 286 33.32 -42.81 -31.50
N PHE C 287 34.01 -41.87 -30.85
CA PHE C 287 33.46 -41.18 -29.71
C PHE C 287 32.17 -40.47 -30.11
N ILE C 288 32.23 -39.75 -31.23
CA ILE C 288 31.07 -39.03 -31.73
C ILE C 288 29.94 -40.00 -31.99
N LYS C 289 30.30 -41.15 -32.56
CA LYS C 289 29.32 -42.18 -32.90
C LYS C 289 28.67 -42.90 -31.73
N ILE C 290 29.41 -43.13 -30.64
CA ILE C 290 28.79 -43.82 -29.51
C ILE C 290 27.82 -42.87 -28.80
N ASN C 291 28.12 -41.58 -28.82
CA ASN C 291 27.27 -40.58 -28.20
C ASN C 291 25.98 -40.42 -29.01
N THR C 292 26.13 -40.23 -30.32
CA THR C 292 24.99 -40.12 -31.22
C THR C 292 24.14 -41.37 -31.11
N ALA C 293 24.78 -42.51 -30.89
CA ALA C 293 24.05 -43.78 -30.80
C ALA C 293 23.00 -43.72 -29.69
N VAL C 294 23.39 -43.16 -28.54
CA VAL C 294 22.49 -43.07 -27.41
C VAL C 294 21.32 -42.12 -27.74
N ALA C 295 21.60 -41.04 -28.46
CA ALA C 295 20.56 -40.08 -28.83
C ALA C 295 19.56 -40.71 -29.78
N LEU C 296 20.06 -41.55 -30.69
CA LEU C 296 19.21 -42.24 -31.67
C LEU C 296 18.26 -43.12 -30.89
N PHE C 297 18.78 -43.67 -29.80
CA PHE C 297 18.02 -44.56 -28.93
C PHE C 297 16.88 -43.80 -28.27
N ALA C 298 17.12 -42.52 -27.98
CA ALA C 298 16.12 -41.68 -27.33
C ALA C 298 14.99 -41.31 -28.30
N LEU C 299 15.34 -41.17 -29.58
CA LEU C 299 14.35 -40.84 -30.59
C LEU C 299 13.57 -42.11 -30.94
N ASP C 300 14.15 -43.24 -30.61
CA ASP C 300 13.56 -44.55 -30.86
C ASP C 300 13.66 -44.93 -32.33
N ARG C 301 14.79 -44.58 -32.93
CA ARG C 301 15.04 -44.91 -34.33
C ARG C 301 15.82 -46.20 -34.34
N VAL C 302 16.26 -46.61 -33.16
CA VAL C 302 17.04 -47.83 -33.01
C VAL C 302 16.55 -48.59 -31.79
N GLY C 303 16.71 -49.92 -31.82
CA GLY C 303 16.26 -50.74 -30.71
C GLY C 303 17.34 -51.12 -29.72
N ASP C 304 18.60 -51.06 -30.15
CA ASP C 304 19.72 -51.39 -29.27
C ASP C 304 20.92 -50.48 -29.56
N PHE C 305 21.97 -50.60 -28.75
CA PHE C 305 23.13 -49.75 -28.88
C PHE C 305 24.14 -49.99 -30.00
N ARG C 306 24.50 -51.25 -30.26
CA ARG C 306 25.45 -51.49 -31.35
C ARG C 306 24.81 -51.12 -32.69
N GLU C 307 23.47 -51.10 -32.71
CA GLU C 307 22.75 -50.74 -33.91
C GLU C 307 22.87 -49.24 -34.08
N GLY C 308 22.61 -48.50 -33.00
CA GLY C 308 22.72 -47.05 -33.01
C GLY C 308 24.11 -46.61 -33.44
N TYR C 309 25.13 -47.39 -33.07
CA TYR C 309 26.51 -47.08 -33.45
C TYR C 309 26.72 -47.44 -34.92
N GLU C 310 26.00 -48.45 -35.40
CA GLU C 310 26.12 -48.86 -36.80
C GLU C 310 25.35 -47.87 -37.66
N TYR C 311 24.25 -47.37 -37.10
CA TYR C 311 23.42 -46.41 -37.80
C TYR C 311 24.20 -45.09 -37.92
N ALA C 312 24.75 -44.64 -36.79
CA ALA C 312 25.52 -43.41 -36.73
C ALA C 312 26.77 -43.55 -37.60
N ASP C 313 27.26 -44.78 -37.74
CA ASP C 313 28.45 -45.03 -38.54
C ASP C 313 28.18 -44.59 -39.99
N HIS C 314 26.93 -44.63 -40.41
CA HIS C 314 26.56 -44.24 -41.76
C HIS C 314 26.33 -42.74 -41.84
N LEU C 315 25.66 -42.21 -40.82
CA LEU C 315 25.37 -40.78 -40.79
C LEU C 315 26.63 -39.90 -40.84
N ILE C 316 27.65 -40.26 -40.09
CA ILE C 316 28.86 -39.47 -40.07
C ILE C 316 29.48 -39.34 -41.47
N GLU C 317 29.05 -40.19 -42.39
CA GLU C 317 29.57 -40.18 -43.77
C GLU C 317 28.92 -39.05 -44.58
N LYS C 318 27.78 -38.56 -44.10
CA LYS C 318 27.07 -37.48 -44.77
C LYS C 318 27.10 -36.22 -43.92
N SER C 319 27.84 -36.28 -42.82
CA SER C 319 27.92 -35.13 -41.90
C SER C 319 28.63 -33.90 -42.44
N LEU C 320 29.74 -34.08 -43.14
CA LEU C 320 30.44 -32.92 -43.68
C LEU C 320 29.53 -32.22 -44.69
N ASP C 321 28.75 -32.98 -45.45
CA ASP C 321 27.83 -32.38 -46.42
C ASP C 321 26.86 -31.48 -45.68
N LYS C 322 26.22 -32.06 -44.67
CA LYS C 322 25.24 -31.34 -43.85
C LYS C 322 25.90 -30.16 -43.16
N LEU C 323 27.10 -30.38 -42.62
CA LEU C 323 27.78 -29.29 -41.94
C LEU C 323 27.98 -28.15 -42.94
N ASN C 324 28.09 -28.51 -44.21
CA ASN C 324 28.28 -27.49 -45.22
C ASN C 324 27.00 -26.73 -45.52
N GLU C 325 25.89 -27.44 -45.69
CA GLU C 325 24.63 -26.76 -45.98
C GLU C 325 24.14 -25.95 -44.77
N ILE C 326 24.36 -26.46 -43.57
CA ILE C 326 23.94 -25.77 -42.34
C ILE C 326 24.66 -24.43 -42.24
N ILE C 327 25.95 -24.43 -42.51
CA ILE C 327 26.72 -23.21 -42.43
C ILE C 327 26.39 -22.27 -43.58
N SER C 328 26.29 -22.83 -44.78
CA SER C 328 25.97 -22.04 -45.98
C SER C 328 24.74 -21.18 -45.74
N MET C 329 23.70 -21.75 -45.14
CA MET C 329 22.49 -21.00 -44.91
C MET C 329 22.57 -19.99 -43.75
N ASN C 330 23.44 -20.24 -42.79
CA ASN C 330 23.56 -19.33 -41.65
C ASN C 330 24.98 -19.12 -41.16
N GLY C 331 25.82 -18.53 -41.99
CA GLY C 331 27.20 -18.28 -41.60
C GLY C 331 28.16 -18.10 -42.75
N ASP C 332 29.46 -18.21 -42.45
CA ASP C 332 30.53 -18.05 -43.44
C ASP C 332 31.10 -19.42 -43.85
N VAL C 333 30.72 -19.87 -45.05
CA VAL C 333 31.20 -21.15 -45.57
C VAL C 333 32.70 -21.13 -45.84
N THR C 334 33.22 -19.97 -46.21
CA THR C 334 34.64 -19.86 -46.49
C THR C 334 35.41 -20.28 -45.24
N LYS C 335 35.03 -19.70 -44.10
CA LYS C 335 35.68 -20.03 -42.84
C LYS C 335 35.65 -21.54 -42.56
N LEU C 336 34.55 -22.18 -42.95
CA LEU C 336 34.44 -23.63 -42.77
C LEU C 336 35.52 -24.35 -43.58
N LYS C 337 35.75 -23.87 -44.81
CA LYS C 337 36.73 -24.47 -45.71
C LYS C 337 38.20 -24.33 -45.31
N THR C 338 38.56 -23.23 -44.65
CA THR C 338 39.96 -23.09 -44.23
C THR C 338 40.14 -24.12 -43.12
N ILE C 339 39.05 -24.42 -42.43
CA ILE C 339 39.05 -25.40 -41.34
C ILE C 339 39.13 -26.78 -41.97
N VAL C 340 38.42 -26.97 -43.08
CA VAL C 340 38.43 -28.24 -43.79
C VAL C 340 39.87 -28.49 -44.24
N VAL C 341 40.53 -27.42 -44.68
CA VAL C 341 41.91 -27.48 -45.14
C VAL C 341 42.88 -27.86 -44.02
N LYS C 342 42.67 -27.33 -42.83
CA LYS C 342 43.55 -27.66 -41.71
C LYS C 342 43.32 -29.09 -41.28
N SER C 343 42.17 -29.64 -41.64
CA SER C 343 41.83 -31.02 -41.30
C SER C 343 42.32 -31.92 -42.41
N SER C 344 43.30 -31.43 -43.17
CA SER C 344 43.85 -32.17 -44.32
C SER C 344 42.71 -32.40 -45.31
N GLY C 345 42.79 -33.49 -46.08
CA GLY C 345 41.77 -33.84 -47.06
C GLY C 345 40.67 -32.82 -47.31
N MET D 1 -49.69 25.51 -3.45
CA MET D 1 -48.37 25.03 -3.97
C MET D 1 -47.23 26.00 -3.65
N ASN D 2 -46.65 25.86 -2.45
CA ASN D 2 -45.55 26.71 -2.03
C ASN D 2 -44.24 25.91 -2.04
N ILE D 3 -43.24 26.44 -2.74
CA ILE D 3 -41.93 25.80 -2.88
C ILE D 3 -41.24 25.54 -1.56
N ASN D 4 -41.28 26.53 -0.68
CA ASN D 4 -40.65 26.41 0.62
C ASN D 4 -41.26 25.27 1.43
N GLU D 5 -42.58 25.11 1.33
CA GLU D 5 -43.29 24.02 2.03
C GLU D 5 -42.88 22.67 1.43
N ILE D 6 -42.75 22.62 0.10
CA ILE D 6 -42.33 21.41 -0.58
C ILE D 6 -40.92 21.05 -0.11
N LEU D 7 -40.06 22.06 0.01
CA LEU D 7 -38.69 21.80 0.44
C LEU D 7 -38.60 21.27 1.87
N LYS D 8 -39.44 21.77 2.78
CA LYS D 8 -39.41 21.27 4.16
C LYS D 8 -39.92 19.85 4.19
N LYS D 9 -40.90 19.58 3.33
CA LYS D 9 -41.47 18.25 3.23
C LYS D 9 -40.36 17.28 2.81
N LEU D 10 -39.58 17.68 1.81
CA LEU D 10 -38.49 16.86 1.30
C LEU D 10 -37.37 16.72 2.32
N ILE D 11 -37.05 17.81 3.01
CA ILE D 11 -36.00 17.71 4.00
C ILE D 11 -36.40 16.67 5.04
N ASN D 12 -37.69 16.58 5.32
CA ASN D 12 -38.16 15.61 6.30
C ASN D 12 -38.33 14.23 5.70
N LYS D 13 -37.83 14.07 4.49
CA LYS D 13 -37.87 12.80 3.77
C LYS D 13 -39.26 12.18 3.65
N SER D 14 -40.25 13.02 3.38
CA SER D 14 -41.61 12.52 3.20
C SER D 14 -41.96 12.68 1.71
N ASP D 15 -42.48 11.61 1.12
CA ASP D 15 -42.84 11.63 -0.30
C ASP D 15 -43.93 12.62 -0.68
N LEU D 16 -43.90 13.04 -1.94
CA LEU D 16 -44.87 13.98 -2.47
C LEU D 16 -46.02 13.24 -3.14
N GLU D 17 -47.16 13.91 -3.22
CA GLU D 17 -48.34 13.36 -3.88
C GLU D 17 -48.13 13.58 -5.37
N ILE D 18 -48.88 12.87 -6.21
CA ILE D 18 -48.71 13.02 -7.65
C ILE D 18 -48.86 14.44 -8.16
N ASN D 19 -50.02 15.07 -7.93
CA ASN D 19 -50.23 16.43 -8.44
C ASN D 19 -49.36 17.46 -7.75
N GLU D 20 -48.93 17.14 -6.54
CA GLU D 20 -48.06 18.02 -5.78
C GLU D 20 -46.72 18.05 -6.55
N ALA D 21 -46.28 16.87 -6.97
CA ALA D 21 -45.05 16.73 -7.73
C ALA D 21 -45.19 17.36 -9.11
N GLU D 22 -46.35 17.14 -9.74
CA GLU D 22 -46.62 17.69 -11.06
C GLU D 22 -46.66 19.21 -11.09
N GLU D 23 -47.18 19.83 -10.03
CA GLU D 23 -47.21 21.29 -9.96
C GLU D 23 -45.79 21.77 -9.69
N LEU D 24 -45.06 21.02 -8.88
CA LEU D 24 -43.67 21.37 -8.56
C LEU D 24 -42.81 21.34 -9.83
N ALA D 25 -42.95 20.28 -10.61
CA ALA D 25 -42.18 20.11 -11.85
C ALA D 25 -42.59 21.18 -12.86
N LYS D 26 -43.86 21.54 -12.89
CA LYS D 26 -44.30 22.58 -13.81
C LYS D 26 -43.65 23.90 -13.46
N ALA D 27 -43.74 24.28 -12.19
CA ALA D 27 -43.16 25.52 -11.72
C ALA D 27 -41.67 25.54 -12.04
N ILE D 28 -41.02 24.40 -11.86
CA ILE D 28 -39.60 24.29 -12.13
C ILE D 28 -39.31 24.43 -13.63
N ILE D 29 -39.99 23.63 -14.43
CA ILE D 29 -39.75 23.65 -15.87
C ILE D 29 -40.16 24.95 -16.57
N ARG D 30 -41.05 25.71 -15.95
CA ARG D 30 -41.51 26.96 -16.51
C ARG D 30 -40.61 28.10 -16.10
N GLY D 31 -39.64 27.81 -15.24
CA GLY D 31 -38.70 28.84 -14.80
C GLY D 31 -39.22 29.77 -13.71
N GLU D 32 -40.23 29.33 -12.99
CA GLU D 32 -40.82 30.14 -11.94
C GLU D 32 -40.14 30.00 -10.58
N VAL D 33 -39.27 28.99 -10.45
CA VAL D 33 -38.56 28.78 -9.18
C VAL D 33 -37.12 29.30 -9.23
N PRO D 34 -36.68 30.00 -8.18
CA PRO D 34 -35.30 30.52 -8.15
C PRO D 34 -34.30 29.37 -8.31
N GLU D 35 -33.20 29.62 -9.00
CA GLU D 35 -32.18 28.58 -9.22
C GLU D 35 -31.71 27.93 -7.93
N ILE D 36 -31.63 28.70 -6.86
CA ILE D 36 -31.21 28.16 -5.56
C ILE D 36 -32.17 27.08 -5.03
N LEU D 37 -33.47 27.28 -5.17
CA LEU D 37 -34.45 26.31 -4.71
C LEU D 37 -34.59 25.13 -5.66
N VAL D 38 -34.43 25.36 -6.96
CA VAL D 38 -34.50 24.26 -7.91
C VAL D 38 -33.37 23.31 -7.51
N SER D 39 -32.23 23.90 -7.18
CA SER D 39 -31.05 23.14 -6.79
C SER D 39 -31.33 22.31 -5.54
N ALA D 40 -31.77 22.99 -4.48
CA ALA D 40 -32.07 22.34 -3.20
C ALA D 40 -33.08 21.22 -3.39
N ILE D 41 -34.15 21.49 -4.14
CA ILE D 41 -35.17 20.48 -4.39
C ILE D 41 -34.63 19.26 -5.14
N LEU D 42 -33.86 19.47 -6.20
CA LEU D 42 -33.31 18.35 -6.97
C LEU D 42 -32.38 17.49 -6.09
N VAL D 43 -31.59 18.13 -5.24
CA VAL D 43 -30.68 17.42 -4.34
C VAL D 43 -31.44 16.68 -3.23
N ALA D 44 -32.43 17.36 -2.66
CA ALA D 44 -33.26 16.80 -1.61
C ALA D 44 -33.99 15.59 -2.16
N LEU D 45 -34.54 15.76 -3.37
CA LEU D 45 -35.29 14.72 -4.06
C LEU D 45 -34.42 13.48 -4.23
N ARG D 46 -33.19 13.68 -4.69
CA ARG D 46 -32.31 12.54 -4.87
C ARG D 46 -31.86 11.90 -3.56
N MET D 47 -31.54 12.73 -2.57
CA MET D 47 -31.10 12.21 -1.28
C MET D 47 -32.23 11.58 -0.47
N LYS D 48 -33.46 11.96 -0.77
CA LYS D 48 -34.60 11.39 -0.10
C LYS D 48 -34.85 10.05 -0.80
N GLY D 49 -34.66 10.08 -2.12
CA GLY D 49 -34.89 8.92 -2.96
C GLY D 49 -36.22 9.15 -3.64
N GLU D 50 -36.21 9.66 -4.87
CA GLU D 50 -37.46 9.94 -5.59
C GLU D 50 -38.39 8.72 -5.57
N SER D 51 -39.68 8.99 -5.47
CA SER D 51 -40.64 7.90 -5.42
C SER D 51 -41.50 7.81 -6.67
N LYS D 52 -42.28 6.74 -6.76
CA LYS D 52 -43.14 6.52 -7.90
C LYS D 52 -44.01 7.74 -8.21
N ASN D 53 -44.70 8.26 -7.20
CA ASN D 53 -45.56 9.43 -7.40
C ASN D 53 -44.78 10.63 -7.92
N GLU D 54 -43.53 10.75 -7.48
CA GLU D 54 -42.69 11.85 -7.92
C GLU D 54 -42.38 11.69 -9.41
N ILE D 55 -41.83 10.54 -9.79
CA ILE D 55 -41.49 10.26 -11.18
C ILE D 55 -42.70 10.49 -12.08
N VAL D 56 -43.85 9.95 -11.68
CA VAL D 56 -45.06 10.11 -12.49
C VAL D 56 -45.49 11.58 -12.60
N GLY D 57 -45.35 12.34 -11.53
CA GLY D 57 -45.73 13.73 -11.58
C GLY D 57 -44.80 14.51 -12.50
N PHE D 58 -43.50 14.28 -12.38
CA PHE D 58 -42.57 15.00 -13.24
C PHE D 58 -42.75 14.60 -14.70
N ALA D 59 -42.93 13.30 -14.97
CA ALA D 59 -43.13 12.84 -16.33
C ALA D 59 -44.35 13.49 -16.93
N ARG D 60 -45.43 13.56 -16.18
CA ARG D 60 -46.65 14.19 -16.72
C ARG D 60 -46.49 15.69 -16.93
N ALA D 61 -45.66 16.33 -16.11
CA ALA D 61 -45.44 17.76 -16.26
C ALA D 61 -44.72 17.98 -17.59
N MET D 62 -43.64 17.23 -17.80
CA MET D 62 -42.87 17.35 -19.03
C MET D 62 -43.66 17.04 -20.28
N ARG D 63 -44.57 16.07 -20.20
CA ARG D 63 -45.40 15.75 -21.34
C ARG D 63 -46.36 16.89 -21.64
N GLU D 64 -46.90 17.49 -20.60
CA GLU D 64 -47.84 18.59 -20.81
C GLU D 64 -47.19 19.76 -21.54
N LEU D 65 -45.99 20.12 -21.10
CA LEU D 65 -45.24 21.23 -21.66
C LEU D 65 -44.46 20.91 -22.93
N ALA D 66 -44.42 19.64 -23.33
CA ALA D 66 -43.69 19.24 -24.53
C ALA D 66 -44.40 19.52 -25.86
N ILE D 67 -43.60 19.51 -26.93
CA ILE D 67 -44.12 19.71 -28.28
C ILE D 67 -44.46 18.30 -28.76
N LYS D 68 -45.68 18.09 -29.23
CA LYS D 68 -46.08 16.76 -29.62
C LYS D 68 -46.49 16.51 -31.06
N ILE D 69 -46.18 15.30 -31.51
CA ILE D 69 -46.55 14.83 -32.84
C ILE D 69 -47.26 13.51 -32.51
N ASP D 70 -48.08 13.01 -33.43
CA ASP D 70 -48.82 11.80 -33.13
C ASP D 70 -48.44 10.53 -33.88
N VAL D 71 -47.94 9.56 -33.13
CA VAL D 71 -47.55 8.26 -33.67
C VAL D 71 -47.53 7.27 -32.49
N PRO D 72 -48.70 6.99 -31.90
CA PRO D 72 -48.77 6.05 -30.77
C PRO D 72 -48.27 4.66 -31.13
N ASN D 73 -48.59 4.22 -32.34
CA ASN D 73 -48.19 2.92 -32.89
C ASN D 73 -46.67 2.74 -32.88
N ALA D 74 -45.94 3.85 -32.82
CA ALA D 74 -44.48 3.80 -32.83
C ALA D 74 -43.86 3.18 -31.60
N ILE D 75 -42.59 2.83 -31.74
CA ILE D 75 -41.81 2.24 -30.66
C ILE D 75 -40.57 3.10 -30.43
N ASP D 76 -40.09 3.13 -29.19
CA ASP D 76 -38.91 3.90 -28.85
C ASP D 76 -37.94 2.99 -28.11
N THR D 77 -36.65 3.30 -28.18
CA THR D 77 -35.64 2.53 -27.49
C THR D 77 -34.66 3.53 -26.91
N ALA D 78 -34.92 3.96 -25.69
CA ALA D 78 -34.06 4.94 -25.03
C ALA D 78 -33.80 4.51 -23.60
N GLY D 79 -32.54 4.56 -23.19
CA GLY D 79 -32.19 4.20 -21.84
C GLY D 79 -32.12 5.46 -21.01
N THR D 80 -31.78 5.32 -19.74
CA THR D 80 -31.69 6.48 -18.86
C THR D 80 -30.31 7.10 -18.95
N GLY D 81 -29.33 6.28 -19.31
CA GLY D 81 -27.97 6.75 -19.41
C GLY D 81 -27.19 6.14 -18.27
N GLY D 82 -27.05 6.88 -17.17
CA GLY D 82 -26.32 6.37 -16.02
C GLY D 82 -24.81 6.46 -16.18
N ASP D 83 -24.10 6.53 -15.06
CA ASP D 83 -22.64 6.61 -15.08
C ASP D 83 -22.04 5.20 -15.13
N GLY D 84 -21.31 4.89 -16.19
CA GLY D 84 -20.72 3.57 -16.31
C GLY D 84 -19.72 3.37 -17.43
N LEU D 85 -19.45 2.10 -17.69
CA LEU D 85 -18.51 1.63 -18.71
C LEU D 85 -18.42 2.50 -19.97
N GLY D 86 -19.51 2.59 -20.72
CA GLY D 86 -19.49 3.39 -21.92
C GLY D 86 -19.46 2.49 -23.14
N THR D 87 -20.46 1.62 -23.23
CA THR D 87 -20.58 0.67 -24.34
C THR D 87 -21.01 1.38 -25.62
N VAL D 88 -21.09 0.62 -26.71
CA VAL D 88 -21.52 1.19 -27.99
C VAL D 88 -23.02 1.51 -27.96
N ASN D 89 -23.41 2.56 -28.68
CA ASN D 89 -24.82 2.99 -28.72
C ASN D 89 -25.74 2.02 -29.45
N VAL D 90 -26.07 0.91 -28.80
CA VAL D 90 -26.96 -0.09 -29.40
C VAL D 90 -28.39 0.38 -29.60
N SER D 91 -28.91 1.18 -28.67
CA SER D 91 -30.28 1.67 -28.77
C SER D 91 -30.50 2.40 -30.10
N THR D 92 -29.45 3.01 -30.62
CA THR D 92 -29.55 3.73 -31.89
C THR D 92 -29.49 2.78 -33.10
N ALA D 93 -28.67 1.75 -33.02
CA ALA D 93 -28.56 0.81 -34.14
C ALA D 93 -29.78 -0.09 -34.10
N SER D 94 -30.14 -0.52 -32.88
CA SER D 94 -31.31 -1.37 -32.69
C SER D 94 -32.55 -0.65 -33.20
N ALA D 95 -32.52 0.67 -33.16
CA ALA D 95 -33.63 1.47 -33.64
C ALA D 95 -33.66 1.48 -35.18
N ILE D 96 -32.51 1.23 -35.80
CA ILE D 96 -32.46 1.20 -37.26
C ILE D 96 -33.11 -0.08 -37.76
N LEU D 97 -32.81 -1.20 -37.11
CA LEU D 97 -33.39 -2.47 -37.51
C LEU D 97 -34.90 -2.44 -37.34
N LEU D 98 -35.34 -1.85 -36.22
CA LEU D 98 -36.77 -1.78 -35.94
C LEU D 98 -37.59 -0.99 -36.95
N SER D 99 -37.00 0.01 -37.59
CA SER D 99 -37.75 0.79 -38.58
C SER D 99 -38.10 -0.10 -39.77
N LEU D 100 -37.39 -1.22 -39.89
CA LEU D 100 -37.61 -2.18 -40.96
C LEU D 100 -38.92 -2.96 -40.74
N VAL D 101 -39.41 -2.92 -39.50
CA VAL D 101 -40.63 -3.66 -39.17
C VAL D 101 -41.71 -2.85 -38.44
N ASN D 102 -41.43 -1.59 -38.12
CA ASN D 102 -42.41 -0.77 -37.40
C ASN D 102 -41.95 0.68 -37.30
N PRO D 103 -42.88 1.63 -37.33
CA PRO D 103 -42.47 3.03 -37.22
C PRO D 103 -41.71 3.22 -35.91
N VAL D 104 -40.63 3.98 -35.97
CA VAL D 104 -39.81 4.23 -34.80
C VAL D 104 -39.71 5.72 -34.54
N ALA D 105 -40.06 6.14 -33.33
CA ALA D 105 -39.97 7.54 -32.95
C ALA D 105 -38.94 7.58 -31.83
N LYS D 106 -37.68 7.65 -32.23
CA LYS D 106 -36.56 7.66 -31.29
C LYS D 106 -36.38 8.99 -30.59
N HIS D 107 -36.39 8.94 -29.27
CA HIS D 107 -36.25 10.11 -28.41
C HIS D 107 -34.82 10.05 -27.88
N GLY D 108 -34.07 11.12 -28.08
CA GLY D 108 -32.70 11.12 -27.61
C GLY D 108 -32.14 12.50 -27.34
N ASN D 109 -30.85 12.53 -26.99
CA ASN D 109 -30.21 13.79 -26.66
C ASN D 109 -28.70 13.70 -26.93
N ARG D 110 -28.00 14.80 -26.70
CA ARG D 110 -26.54 14.86 -26.85
C ARG D 110 -26.00 14.49 -25.47
N ALA D 111 -24.86 13.83 -25.43
CA ALA D 111 -24.27 13.45 -24.16
C ALA D 111 -23.39 14.61 -23.70
N VAL D 112 -23.25 14.73 -22.38
CA VAL D 112 -22.46 15.80 -21.79
C VAL D 112 -20.97 15.72 -22.09
N SER D 113 -20.41 14.52 -22.10
CA SER D 113 -18.98 14.36 -22.35
C SER D 113 -18.57 13.82 -23.73
N GLY D 114 -17.90 12.65 -23.72
CA GLY D 114 -17.42 12.03 -24.94
C GLY D 114 -18.38 11.76 -26.08
N LYS D 115 -19.54 12.43 -26.07
CA LYS D 115 -20.56 12.26 -27.11
C LYS D 115 -21.03 10.81 -27.23
N SER D 116 -21.61 10.32 -26.15
CA SER D 116 -22.13 8.95 -26.08
C SER D 116 -23.65 8.97 -26.25
N GLY D 117 -24.19 10.16 -26.48
CA GLY D 117 -25.63 10.29 -26.66
C GLY D 117 -26.07 9.96 -28.07
N SER D 118 -27.26 9.40 -28.21
CA SER D 118 -27.77 9.04 -29.52
C SER D 118 -27.80 10.22 -30.50
N ALA D 119 -28.05 11.43 -30.02
CA ALA D 119 -28.08 12.58 -30.90
C ALA D 119 -26.70 12.82 -31.51
N ASP D 120 -25.66 12.47 -30.76
CA ASP D 120 -24.28 12.65 -31.23
C ASP D 120 -23.89 11.60 -32.25
N VAL D 121 -24.27 10.36 -31.98
CA VAL D 121 -23.99 9.26 -32.89
C VAL D 121 -24.70 9.50 -34.22
N LEU D 122 -25.99 9.80 -34.16
CA LEU D 122 -26.77 10.05 -35.36
C LEU D 122 -26.19 11.20 -36.15
N GLU D 123 -25.72 12.21 -35.44
CA GLU D 123 -25.10 13.36 -36.09
C GLU D 123 -23.82 12.91 -36.77
N ALA D 124 -23.13 11.97 -36.13
CA ALA D 124 -21.88 11.42 -36.66
C ALA D 124 -22.16 10.64 -37.96
N LEU D 125 -23.32 10.00 -38.03
CA LEU D 125 -23.69 9.25 -39.23
C LEU D 125 -24.18 10.20 -40.33
N GLY D 126 -24.35 11.47 -39.99
CA GLY D 126 -24.81 12.45 -40.98
C GLY D 126 -26.27 12.87 -40.90
N TYR D 127 -26.97 12.38 -39.88
CA TYR D 127 -28.39 12.69 -39.66
C TYR D 127 -28.61 14.14 -39.17
N ASN D 128 -29.69 14.77 -39.63
CA ASN D 128 -30.02 16.12 -39.20
C ASN D 128 -30.93 15.90 -38.00
N ILE D 129 -30.38 16.07 -36.80
CA ILE D 129 -31.11 15.83 -35.56
C ILE D 129 -32.24 16.82 -35.23
N ILE D 130 -32.25 17.95 -35.91
CA ILE D 130 -33.29 18.93 -35.67
C ILE D 130 -34.39 18.78 -36.70
N VAL D 131 -35.43 18.02 -36.33
CA VAL D 131 -36.54 17.77 -37.22
C VAL D 131 -37.84 18.39 -36.73
N PRO D 132 -38.28 19.48 -37.39
CA PRO D 132 -39.53 20.15 -36.99
C PRO D 132 -40.71 19.15 -37.08
N PRO D 133 -41.68 19.27 -36.16
CA PRO D 133 -42.85 18.39 -36.10
C PRO D 133 -43.58 18.09 -37.40
N GLU D 134 -43.78 19.08 -38.24
CA GLU D 134 -44.46 18.82 -39.50
C GLU D 134 -43.65 17.82 -40.33
N ARG D 135 -42.34 18.03 -40.44
CA ARG D 135 -41.51 17.13 -41.22
C ARG D 135 -41.23 15.80 -40.52
N ALA D 136 -41.19 15.82 -39.20
CA ALA D 136 -40.94 14.60 -38.47
C ALA D 136 -42.03 13.57 -38.83
N LYS D 137 -43.29 14.01 -38.85
CA LYS D 137 -44.40 13.11 -39.18
C LYS D 137 -44.28 12.62 -40.62
N GLU D 138 -43.73 13.47 -41.46
CA GLU D 138 -43.52 13.16 -42.87
C GLU D 138 -42.46 12.06 -43.00
N LEU D 139 -41.37 12.20 -42.25
CA LEU D 139 -40.27 11.23 -42.27
C LEU D 139 -40.62 9.87 -41.71
N VAL D 140 -41.57 9.81 -40.78
CA VAL D 140 -41.93 8.52 -40.21
C VAL D 140 -42.81 7.77 -41.18
N ASN D 141 -43.56 8.50 -41.99
CA ASN D 141 -44.43 7.86 -42.96
C ASN D 141 -43.65 7.35 -44.17
N LYS D 142 -42.54 8.01 -44.49
CA LYS D 142 -41.72 7.58 -45.62
C LYS D 142 -40.60 6.62 -45.23
N THR D 143 -39.95 6.85 -44.09
CA THR D 143 -38.87 5.97 -43.69
C THR D 143 -39.17 5.10 -42.48
N ASN D 144 -40.26 5.43 -41.78
CA ASN D 144 -40.65 4.67 -40.58
C ASN D 144 -39.66 4.95 -39.46
N PHE D 145 -38.95 6.06 -39.56
CA PHE D 145 -37.98 6.42 -38.55
C PHE D 145 -37.80 7.92 -38.51
N VAL D 146 -37.70 8.44 -37.29
CA VAL D 146 -37.49 9.84 -37.10
C VAL D 146 -36.79 9.99 -35.76
N PHE D 147 -35.90 10.95 -35.67
CA PHE D 147 -35.24 11.15 -34.41
C PHE D 147 -35.84 12.40 -33.80
N LEU D 148 -36.20 12.32 -32.53
CA LEU D 148 -36.79 13.45 -31.84
C LEU D 148 -35.75 13.96 -30.84
N PHE D 149 -35.23 15.14 -31.11
CA PHE D 149 -34.21 15.74 -30.26
C PHE D 149 -34.87 16.37 -29.03
N ALA D 150 -34.57 15.81 -27.85
CA ALA D 150 -35.11 16.28 -26.56
C ALA D 150 -35.04 17.80 -26.41
N GLN D 151 -33.87 18.37 -26.62
CA GLN D 151 -33.69 19.80 -26.47
C GLN D 151 -34.55 20.59 -27.46
N TYR D 152 -35.07 19.91 -28.48
CA TYR D 152 -35.88 20.59 -29.45
C TYR D 152 -37.37 20.38 -29.15
N TYR D 153 -37.74 19.17 -28.75
CA TYR D 153 -39.14 18.90 -28.44
C TYR D 153 -39.54 19.21 -27.00
N HIS D 154 -38.57 19.61 -26.18
CA HIS D 154 -38.81 19.98 -24.78
C HIS D 154 -38.13 21.32 -24.59
N PRO D 155 -38.55 22.35 -25.34
CA PRO D 155 -37.93 23.66 -25.21
C PRO D 155 -37.96 24.25 -23.81
N ALA D 156 -38.96 23.89 -23.01
CA ALA D 156 -39.04 24.43 -21.65
C ALA D 156 -37.95 23.90 -20.76
N MET D 157 -37.34 22.78 -21.15
CA MET D 157 -36.26 22.19 -20.36
C MET D 157 -35.02 23.06 -20.27
N LYS D 158 -34.90 24.04 -21.15
CA LYS D 158 -33.77 24.94 -21.12
C LYS D 158 -33.84 25.74 -19.82
N ASN D 159 -35.01 25.73 -19.17
CA ASN D 159 -35.17 26.46 -17.92
C ASN D 159 -34.49 25.78 -16.75
N VAL D 160 -34.18 24.51 -16.89
CA VAL D 160 -33.50 23.78 -15.81
C VAL D 160 -32.03 23.45 -16.19
N ALA D 161 -31.64 23.83 -17.40
CA ALA D 161 -30.30 23.53 -17.92
C ALA D 161 -29.11 24.03 -17.11
N ASN D 162 -29.11 25.30 -16.76
CA ASN D 162 -27.98 25.83 -15.99
C ASN D 162 -27.79 25.16 -14.64
N VAL D 163 -28.89 24.90 -13.93
CA VAL D 163 -28.81 24.25 -12.62
C VAL D 163 -28.25 22.84 -12.78
N ARG D 164 -28.83 22.09 -13.71
CA ARG D 164 -28.39 20.72 -13.97
C ARG D 164 -26.92 20.70 -14.36
N LYS D 165 -26.56 21.66 -15.21
CA LYS D 165 -25.20 21.82 -15.67
C LYS D 165 -24.29 22.07 -14.46
N THR D 166 -24.59 23.12 -13.70
CA THR D 166 -23.78 23.46 -12.55
C THR D 166 -23.66 22.35 -11.51
N LEU D 167 -24.78 21.75 -11.11
CA LEU D 167 -24.73 20.67 -10.12
C LEU D 167 -23.79 19.57 -10.57
N GLY D 168 -23.95 19.12 -11.82
CA GLY D 168 -23.10 18.08 -12.35
C GLY D 168 -23.29 16.70 -11.72
N ILE D 169 -24.47 16.45 -11.16
CA ILE D 169 -24.74 15.15 -10.57
C ILE D 169 -26.06 14.73 -11.17
N ARG D 170 -26.35 13.43 -11.12
CA ARG D 170 -27.60 12.95 -11.69
C ARG D 170 -28.79 13.34 -10.82
N THR D 171 -29.89 13.71 -11.47
CA THR D 171 -31.09 14.08 -10.75
C THR D 171 -32.27 13.31 -11.32
N ILE D 172 -33.46 13.70 -10.91
CA ILE D 172 -34.67 13.04 -11.36
C ILE D 172 -34.84 13.21 -12.88
N PHE D 173 -34.33 14.30 -13.43
CA PHE D 173 -34.47 14.52 -14.86
C PHE D 173 -33.70 13.51 -15.71
N ASN D 174 -32.64 12.92 -15.13
CA ASN D 174 -31.85 11.94 -15.85
C ASN D 174 -32.50 10.57 -16.05
N ILE D 175 -33.72 10.38 -15.56
CA ILE D 175 -34.40 9.10 -15.74
C ILE D 175 -35.79 9.30 -16.34
N LEU D 176 -36.07 10.54 -16.70
CA LEU D 176 -37.35 10.92 -17.28
C LEU D 176 -37.34 10.95 -18.81
N GLY D 177 -36.16 11.15 -19.40
CA GLY D 177 -36.05 11.20 -20.86
C GLY D 177 -36.86 10.13 -21.58
N PRO D 178 -36.64 8.85 -21.26
CA PRO D 178 -37.40 7.80 -21.94
C PRO D 178 -38.91 7.70 -21.65
N LEU D 179 -39.38 8.39 -20.62
CA LEU D 179 -40.80 8.33 -20.31
C LEU D 179 -41.48 9.56 -20.85
N THR D 180 -40.77 10.34 -21.66
CA THR D 180 -41.36 11.55 -22.19
C THR D 180 -41.28 11.71 -23.70
N ASN D 181 -41.51 10.59 -24.39
CA ASN D 181 -41.48 10.55 -25.85
C ASN D 181 -42.50 11.52 -26.45
N PRO D 182 -42.04 12.50 -27.24
CA PRO D 182 -42.90 13.51 -27.89
C PRO D 182 -43.93 12.95 -28.89
N ALA D 183 -43.67 11.74 -29.40
CA ALA D 183 -44.59 11.11 -30.36
C ALA D 183 -45.59 10.24 -29.60
N ASN D 184 -45.39 10.16 -28.28
CA ASN D 184 -46.26 9.39 -27.41
C ASN D 184 -46.29 7.92 -27.82
N ALA D 185 -45.12 7.38 -28.16
CA ALA D 185 -44.99 5.99 -28.55
C ALA D 185 -45.49 5.10 -27.41
N LYS D 186 -46.35 4.14 -27.75
CA LYS D 186 -46.92 3.25 -26.76
C LYS D 186 -46.09 2.00 -26.52
N TYR D 187 -45.06 1.80 -27.33
CA TYR D 187 -44.20 0.63 -27.17
C TYR D 187 -42.79 1.11 -26.90
N GLN D 188 -42.12 0.49 -25.95
CA GLN D 188 -40.78 0.94 -25.65
C GLN D 188 -39.88 -0.03 -24.93
N LEU D 189 -38.59 0.07 -25.24
CA LEU D 189 -37.59 -0.75 -24.60
C LEU D 189 -36.73 0.25 -23.85
N MET D 190 -37.04 0.43 -22.57
CA MET D 190 -36.33 1.38 -21.74
C MET D 190 -35.24 0.75 -20.91
N GLY D 191 -33.99 1.14 -21.16
CA GLY D 191 -32.86 0.62 -20.41
C GLY D 191 -32.70 1.40 -19.12
N VAL D 192 -32.39 0.69 -18.04
CA VAL D 192 -32.23 1.31 -16.73
C VAL D 192 -30.86 0.99 -16.19
N PHE D 193 -30.31 1.88 -15.37
CA PHE D 193 -28.98 1.64 -14.86
C PHE D 193 -28.84 0.90 -13.54
N SER D 194 -29.94 0.52 -12.89
CA SER D 194 -29.81 -0.20 -11.64
C SER D 194 -31.02 -1.05 -11.33
N LYS D 195 -30.78 -2.18 -10.68
CA LYS D 195 -31.88 -3.08 -10.32
C LYS D 195 -32.97 -2.38 -9.52
N ASP D 196 -32.59 -1.34 -8.78
CA ASP D 196 -33.57 -0.60 -8.01
C ASP D 196 -34.45 0.22 -8.92
N HIS D 197 -33.81 1.06 -9.74
CA HIS D 197 -34.55 1.89 -10.67
C HIS D 197 -35.45 1.01 -11.53
N LEU D 198 -35.10 -0.27 -11.63
CA LEU D 198 -35.87 -1.23 -12.42
C LEU D 198 -37.28 -1.34 -11.84
N ASP D 199 -37.35 -1.49 -10.53
CA ASP D 199 -38.62 -1.62 -9.84
C ASP D 199 -39.31 -0.27 -9.73
N LEU D 200 -38.53 0.76 -9.43
CA LEU D 200 -39.08 2.11 -9.30
C LEU D 200 -39.69 2.59 -10.61
N LEU D 201 -38.91 2.52 -11.68
CA LEU D 201 -39.37 2.98 -12.99
C LEU D 201 -40.46 2.11 -13.59
N SER D 202 -40.54 0.85 -13.18
CA SER D 202 -41.59 -0.03 -13.72
C SER D 202 -42.94 0.33 -13.10
N LYS D 203 -42.98 0.55 -11.79
CA LYS D 203 -44.22 0.91 -11.13
C LYS D 203 -44.68 2.29 -11.62
N SER D 204 -43.72 3.11 -12.04
CA SER D 204 -44.03 4.45 -12.55
C SER D 204 -44.58 4.35 -13.96
N ALA D 205 -44.00 3.47 -14.77
CA ALA D 205 -44.44 3.28 -16.14
C ALA D 205 -45.87 2.75 -16.14
N TYR D 206 -46.15 1.85 -15.21
CA TYR D 206 -47.49 1.28 -15.11
C TYR D 206 -48.55 2.37 -15.05
N GLU D 207 -48.20 3.51 -14.46
CA GLU D 207 -49.13 4.62 -14.35
C GLU D 207 -48.87 5.71 -15.37
N LEU D 208 -47.97 5.47 -16.31
CA LEU D 208 -47.66 6.48 -17.31
C LEU D 208 -48.47 6.31 -18.59
N ASP D 209 -49.14 5.16 -18.73
CA ASP D 209 -50.02 4.91 -19.86
C ASP D 209 -49.43 4.35 -21.17
N PHE D 210 -48.65 3.28 -21.07
CA PHE D 210 -48.07 2.65 -22.25
C PHE D 210 -48.84 1.38 -22.56
N ASN D 211 -48.81 0.93 -23.82
CA ASN D 211 -49.48 -0.31 -24.17
C ASN D 211 -48.56 -1.40 -23.64
N LYS D 212 -47.28 -1.28 -23.95
CA LYS D 212 -46.28 -2.23 -23.49
C LYS D 212 -44.88 -1.62 -23.49
N ILE D 213 -44.28 -1.59 -22.30
CA ILE D 213 -42.94 -1.06 -22.17
C ILE D 213 -42.14 -2.11 -21.43
N ILE D 214 -40.90 -2.29 -21.83
CA ILE D 214 -40.04 -3.27 -21.19
C ILE D 214 -38.83 -2.53 -20.68
N LEU D 215 -38.54 -2.69 -19.39
CA LEU D 215 -37.39 -2.05 -18.80
C LEU D 215 -36.36 -3.13 -18.58
N VAL D 216 -35.11 -2.82 -18.88
CA VAL D 216 -34.04 -3.80 -18.74
C VAL D 216 -32.79 -3.26 -18.06
N TYR D 217 -32.09 -4.15 -17.37
CA TYR D 217 -30.85 -3.81 -16.70
C TYR D 217 -29.82 -4.88 -17.13
N GLY D 218 -28.69 -4.44 -17.68
CA GLY D 218 -27.67 -5.38 -18.12
C GLY D 218 -26.72 -5.76 -17.01
N GLU D 219 -26.55 -7.07 -16.79
CA GLU D 219 -25.72 -7.60 -15.71
C GLU D 219 -24.37 -6.95 -15.41
N PRO D 220 -23.62 -6.54 -16.44
CA PRO D 220 -22.33 -5.91 -16.13
C PRO D 220 -22.55 -4.63 -15.31
N GLY D 221 -23.63 -3.94 -15.65
CA GLY D 221 -24.00 -2.67 -15.03
C GLY D 221 -24.29 -1.76 -16.21
N ILE D 222 -25.13 -2.27 -17.12
CA ILE D 222 -25.50 -1.57 -18.35
C ILE D 222 -26.99 -1.27 -18.46
N ASP D 223 -27.32 -0.16 -19.10
CA ASP D 223 -28.72 0.21 -19.29
C ASP D 223 -29.22 -0.42 -20.59
N GLU D 224 -28.76 -1.64 -20.86
CA GLU D 224 -29.14 -2.36 -22.07
C GLU D 224 -29.14 -3.86 -21.78
N VAL D 225 -29.53 -4.65 -22.78
CA VAL D 225 -29.55 -6.11 -22.65
C VAL D 225 -28.10 -6.55 -22.42
N SER D 226 -27.87 -7.36 -21.40
CA SER D 226 -26.52 -7.79 -21.06
C SER D 226 -25.83 -8.70 -22.06
N PRO D 227 -24.61 -8.30 -22.50
CA PRO D 227 -23.74 -9.01 -23.45
C PRO D 227 -22.99 -10.18 -22.81
N ILE D 228 -22.84 -10.15 -21.49
CA ILE D 228 -22.11 -11.20 -20.77
C ILE D 228 -22.95 -12.17 -19.96
N GLY D 229 -23.82 -11.65 -19.10
CA GLY D 229 -24.62 -12.53 -18.29
C GLY D 229 -26.11 -12.33 -18.33
N ASN D 230 -26.71 -12.28 -17.14
CA ASN D 230 -28.16 -12.12 -17.02
C ASN D 230 -28.64 -10.69 -17.29
N THR D 231 -29.91 -10.59 -17.66
CA THR D 231 -30.54 -9.32 -17.94
C THR D 231 -31.84 -9.31 -17.17
N PHE D 232 -31.94 -8.38 -16.22
CA PHE D 232 -33.14 -8.29 -15.42
C PHE D 232 -34.13 -7.40 -16.13
N MET D 233 -35.32 -7.94 -16.28
CA MET D 233 -36.38 -7.30 -17.03
C MET D 233 -37.70 -7.07 -16.29
N LYS D 234 -38.47 -6.13 -16.82
CA LYS D 234 -39.78 -5.80 -16.28
C LYS D 234 -40.62 -5.49 -17.52
N ILE D 235 -41.70 -6.22 -17.69
CA ILE D 235 -42.58 -6.03 -18.82
C ILE D 235 -43.91 -5.51 -18.31
N VAL D 236 -44.07 -4.20 -18.38
CA VAL D 236 -45.29 -3.56 -17.90
C VAL D 236 -46.27 -3.27 -19.04
N SER D 237 -47.53 -3.59 -18.77
CA SER D 237 -48.62 -3.40 -19.72
C SER D 237 -49.84 -2.97 -18.92
N LYS D 238 -50.94 -2.68 -19.61
CA LYS D 238 -52.16 -2.24 -18.93
C LYS D 238 -52.68 -3.30 -17.97
N ARG D 239 -52.11 -4.51 -18.01
CA ARG D 239 -52.58 -5.58 -17.12
C ARG D 239 -51.59 -6.05 -16.07
N GLY D 240 -50.57 -5.26 -15.78
CA GLY D 240 -49.61 -5.66 -14.76
C GLY D 240 -48.16 -5.55 -15.15
N ILE D 241 -47.30 -6.04 -14.26
CA ILE D 241 -45.86 -5.99 -14.46
C ILE D 241 -45.26 -7.38 -14.28
N GLU D 242 -44.70 -7.90 -15.36
CA GLU D 242 -44.08 -9.22 -15.33
C GLU D 242 -42.58 -9.13 -15.07
N GLU D 243 -42.09 -9.99 -14.18
CA GLU D 243 -40.67 -10.03 -13.87
C GLU D 243 -40.04 -11.09 -14.76
N VAL D 244 -38.89 -10.78 -15.36
CA VAL D 244 -38.22 -11.72 -16.23
C VAL D 244 -36.71 -11.66 -16.13
N LYS D 245 -36.07 -12.79 -15.86
CA LYS D 245 -34.62 -12.85 -15.79
C LYS D 245 -34.18 -13.49 -17.10
N LEU D 246 -32.93 -13.27 -17.50
CA LEU D 246 -32.47 -13.80 -18.78
C LEU D 246 -30.95 -13.74 -18.97
N ASN D 247 -30.33 -14.88 -19.26
CA ASN D 247 -28.89 -14.93 -19.49
C ASN D 247 -28.65 -14.68 -20.97
N VAL D 248 -27.44 -14.31 -21.35
CA VAL D 248 -27.13 -14.02 -22.74
C VAL D 248 -27.29 -15.24 -23.65
N THR D 249 -27.09 -16.42 -23.08
CA THR D 249 -27.18 -17.66 -23.84
C THR D 249 -28.59 -18.08 -24.23
N ASP D 250 -29.59 -17.53 -23.56
CA ASP D 250 -30.98 -17.87 -23.86
C ASP D 250 -31.37 -17.39 -25.27
N PHE D 251 -30.43 -16.71 -25.91
CA PHE D 251 -30.63 -16.19 -27.25
C PHE D 251 -29.98 -17.18 -28.22
N GLY D 252 -29.10 -18.01 -27.66
CA GLY D 252 -28.39 -19.00 -28.45
C GLY D 252 -27.03 -18.47 -28.86
N ILE D 253 -26.33 -17.85 -27.91
CA ILE D 253 -25.02 -17.27 -28.19
C ILE D 253 -24.06 -17.47 -27.02
N SER D 254 -22.78 -17.24 -27.28
CA SER D 254 -21.75 -17.36 -26.26
C SER D 254 -21.38 -15.96 -25.80
N PRO D 255 -21.14 -15.78 -24.50
CA PRO D 255 -20.78 -14.48 -23.93
C PRO D 255 -19.93 -13.62 -24.84
N ILE D 256 -20.41 -12.42 -25.13
CA ILE D 256 -19.71 -11.48 -25.99
C ILE D 256 -18.66 -10.73 -25.17
N PRO D 257 -17.39 -10.83 -25.58
CA PRO D 257 -16.28 -10.15 -24.90
C PRO D 257 -16.48 -8.64 -24.86
N ILE D 258 -16.70 -8.11 -23.67
CA ILE D 258 -16.93 -6.68 -23.48
C ILE D 258 -15.89 -5.76 -24.14
N GLU D 259 -14.63 -6.20 -24.17
CA GLU D 259 -13.56 -5.40 -24.76
C GLU D 259 -13.94 -4.85 -26.13
N LYS D 260 -14.52 -5.70 -26.97
CA LYS D 260 -14.91 -5.32 -28.31
C LYS D 260 -16.15 -4.42 -28.37
N LEU D 261 -16.93 -4.42 -27.29
CA LEU D 261 -18.14 -3.60 -27.26
C LEU D 261 -17.96 -2.22 -26.63
N ILE D 262 -16.74 -1.86 -26.26
CA ILE D 262 -16.49 -0.56 -25.64
C ILE D 262 -16.06 0.50 -26.64
N VAL D 263 -16.56 1.73 -26.43
CA VAL D 263 -16.29 2.87 -27.30
C VAL D 263 -15.87 4.09 -26.47
N ASN D 264 -15.23 5.07 -27.11
CA ASN D 264 -14.79 6.28 -26.42
C ASN D 264 -15.08 7.59 -27.14
N SER D 265 -16.17 7.59 -27.91
CA SER D 265 -16.61 8.77 -28.65
C SER D 265 -17.80 8.42 -29.53
N ALA D 266 -18.43 9.45 -30.09
CA ALA D 266 -19.59 9.27 -30.94
C ALA D 266 -19.20 8.62 -32.27
N GLU D 267 -18.03 8.96 -32.79
CA GLU D 267 -17.59 8.39 -34.06
C GLU D 267 -17.24 6.91 -33.99
N ASP D 268 -16.58 6.50 -32.91
CA ASP D 268 -16.21 5.09 -32.77
C ASP D 268 -17.48 4.27 -32.68
N SER D 269 -18.51 4.88 -32.12
CA SER D 269 -19.80 4.20 -31.97
C SER D 269 -20.42 4.11 -33.36
N ALA D 270 -20.41 5.22 -34.08
CA ALA D 270 -20.96 5.28 -35.44
C ALA D 270 -20.21 4.28 -36.33
N ILE D 271 -18.89 4.29 -36.23
CA ILE D 271 -18.05 3.38 -37.01
C ILE D 271 -18.31 1.91 -36.68
N LYS D 272 -18.31 1.56 -35.40
CA LYS D 272 -18.55 0.19 -34.98
C LYS D 272 -19.91 -0.28 -35.46
N ILE D 273 -20.92 0.56 -35.25
CA ILE D 273 -22.29 0.26 -35.66
C ILE D 273 -22.31 -0.14 -37.12
N VAL D 274 -21.83 0.77 -37.97
CA VAL D 274 -21.78 0.52 -39.40
C VAL D 274 -21.01 -0.76 -39.68
N ARG D 275 -19.81 -0.88 -39.12
CA ARG D 275 -18.99 -2.06 -39.31
C ARG D 275 -19.80 -3.34 -39.05
N ALA D 276 -20.69 -3.31 -38.07
CA ALA D 276 -21.51 -4.48 -37.76
C ALA D 276 -22.56 -4.70 -38.86
N PHE D 277 -23.03 -3.60 -39.46
CA PHE D 277 -24.03 -3.67 -40.54
C PHE D 277 -23.36 -4.23 -41.80
N LEU D 278 -22.05 -4.01 -41.89
CA LEU D 278 -21.27 -4.48 -43.02
C LEU D 278 -20.78 -5.89 -42.73
N GLY D 279 -21.33 -6.52 -41.70
CA GLY D 279 -20.95 -7.87 -41.36
C GLY D 279 -19.48 -8.03 -41.01
N LYS D 280 -18.76 -6.92 -40.86
CA LYS D 280 -17.35 -6.94 -40.52
C LYS D 280 -17.09 -6.96 -39.01
N ASP D 281 -18.12 -7.21 -38.21
CA ASP D 281 -17.95 -7.25 -36.76
C ASP D 281 -19.03 -8.05 -36.04
N GLU D 282 -18.78 -9.35 -35.90
CA GLU D 282 -19.71 -10.25 -35.25
C GLU D 282 -20.19 -9.75 -33.88
N HIS D 283 -19.27 -9.62 -32.93
CA HIS D 283 -19.59 -9.17 -31.57
C HIS D 283 -20.56 -8.00 -31.49
N VAL D 284 -20.15 -6.85 -32.02
CA VAL D 284 -21.01 -5.67 -32.00
C VAL D 284 -22.34 -5.96 -32.66
N ALA D 285 -22.34 -6.81 -33.68
CA ALA D 285 -23.56 -7.16 -34.38
C ALA D 285 -24.44 -8.06 -33.52
N GLU D 286 -23.80 -8.96 -32.77
CA GLU D 286 -24.54 -9.87 -31.89
C GLU D 286 -25.16 -9.09 -30.72
N PHE D 287 -24.43 -8.06 -30.27
CA PHE D 287 -24.88 -7.20 -29.19
C PHE D 287 -26.14 -6.46 -29.64
N ILE D 288 -26.08 -5.88 -30.84
CA ILE D 288 -27.20 -5.15 -31.41
C ILE D 288 -28.45 -6.01 -31.55
N LYS D 289 -28.23 -7.26 -31.96
CA LYS D 289 -29.30 -8.22 -32.17
C LYS D 289 -30.05 -8.64 -30.93
N ILE D 290 -29.34 -8.91 -29.84
CA ILE D 290 -29.99 -9.31 -28.60
C ILE D 290 -30.88 -8.17 -28.09
N ASN D 291 -30.40 -6.93 -28.27
CA ASN D 291 -31.17 -5.78 -27.84
C ASN D 291 -32.40 -5.60 -28.73
N THR D 292 -32.23 -5.86 -30.03
CA THR D 292 -33.32 -5.75 -31.00
C THR D 292 -34.33 -6.87 -30.78
N ALA D 293 -33.85 -8.02 -30.32
CA ALA D 293 -34.71 -9.18 -30.06
C ALA D 293 -35.80 -8.84 -29.03
N VAL D 294 -35.39 -8.18 -27.96
CA VAL D 294 -36.31 -7.78 -26.89
C VAL D 294 -37.31 -6.75 -27.40
N ALA D 295 -36.81 -5.74 -28.12
CA ALA D 295 -37.68 -4.70 -28.67
C ALA D 295 -38.77 -5.34 -29.52
N LEU D 296 -38.42 -6.40 -30.23
CA LEU D 296 -39.36 -7.12 -31.09
C LEU D 296 -40.38 -7.86 -30.24
N PHE D 297 -39.94 -8.37 -29.10
CA PHE D 297 -40.84 -9.08 -28.21
C PHE D 297 -41.85 -8.10 -27.62
N ALA D 298 -41.41 -6.86 -27.42
CA ALA D 298 -42.31 -5.84 -26.87
C ALA D 298 -43.39 -5.50 -27.90
N LEU D 299 -43.03 -5.56 -29.19
CA LEU D 299 -43.98 -5.31 -30.26
C LEU D 299 -44.88 -6.52 -30.40
N ASP D 300 -44.61 -7.54 -29.59
CA ASP D 300 -45.36 -8.78 -29.61
C ASP D 300 -45.49 -9.40 -31.00
N ARG D 301 -44.48 -9.16 -31.84
CA ARG D 301 -44.49 -9.71 -33.18
C ARG D 301 -43.81 -11.07 -33.14
N VAL D 302 -42.88 -11.19 -32.19
CA VAL D 302 -42.13 -12.42 -31.97
C VAL D 302 -42.51 -12.94 -30.57
N GLY D 303 -42.87 -14.22 -30.48
CA GLY D 303 -43.29 -14.77 -29.20
C GLY D 303 -42.21 -15.37 -28.32
N ASP D 304 -40.95 -15.24 -28.73
CA ASP D 304 -39.85 -15.80 -27.95
C ASP D 304 -38.57 -14.97 -28.15
N PHE D 305 -37.67 -15.03 -27.17
CA PHE D 305 -36.43 -14.27 -27.25
C PHE D 305 -35.39 -14.84 -28.20
N ARG D 306 -35.41 -16.15 -28.41
CA ARG D 306 -34.46 -16.80 -29.32
C ARG D 306 -34.94 -16.48 -30.74
N GLU D 307 -36.26 -16.50 -30.91
CA GLU D 307 -36.88 -16.21 -32.19
C GLU D 307 -36.63 -14.76 -32.59
N GLY D 308 -36.79 -13.85 -31.62
CA GLY D 308 -36.55 -12.45 -31.89
C GLY D 308 -35.13 -12.21 -32.38
N TYR D 309 -34.17 -12.88 -31.74
CA TYR D 309 -32.77 -12.74 -32.12
C TYR D 309 -32.58 -13.21 -33.55
N GLU D 310 -33.32 -14.24 -33.92
CA GLU D 310 -33.25 -14.81 -35.27
C GLU D 310 -33.82 -13.82 -36.29
N TYR D 311 -34.97 -13.25 -36.01
CA TYR D 311 -35.57 -12.29 -36.94
C TYR D 311 -34.70 -11.06 -37.02
N ALA D 312 -33.98 -10.76 -35.94
CA ALA D 312 -33.09 -9.61 -35.91
C ALA D 312 -31.93 -9.87 -36.87
N ASP D 313 -31.62 -11.15 -37.08
CA ASP D 313 -30.54 -11.55 -37.98
C ASP D 313 -30.88 -11.11 -39.41
N HIS D 314 -32.13 -11.33 -39.80
CA HIS D 314 -32.59 -10.94 -41.13
C HIS D 314 -32.56 -9.43 -41.22
N LEU D 315 -33.07 -8.77 -40.20
CA LEU D 315 -33.14 -7.32 -40.16
C LEU D 315 -31.82 -6.61 -40.40
N ILE D 316 -30.78 -7.02 -39.69
CA ILE D 316 -29.48 -6.37 -39.82
C ILE D 316 -28.95 -6.39 -41.26
N GLU D 317 -29.49 -7.29 -42.07
CA GLU D 317 -29.06 -7.42 -43.45
C GLU D 317 -29.52 -6.22 -44.29
N LYS D 318 -30.72 -5.74 -44.04
CA LYS D 318 -31.26 -4.58 -44.76
C LYS D 318 -30.92 -3.30 -43.99
N SER D 319 -30.17 -3.44 -42.90
CA SER D 319 -29.80 -2.32 -42.05
C SER D 319 -28.97 -1.17 -42.61
N LEU D 320 -27.91 -1.45 -43.35
CA LEU D 320 -27.12 -0.36 -43.90
C LEU D 320 -27.95 0.31 -44.99
N ASP D 321 -28.70 -0.48 -45.74
CA ASP D 321 -29.54 0.05 -46.80
C ASP D 321 -30.54 1.00 -46.16
N LYS D 322 -31.18 0.52 -45.10
CA LYS D 322 -32.16 1.31 -44.37
C LYS D 322 -31.49 2.58 -43.88
N LEU D 323 -30.29 2.43 -43.32
CA LEU D 323 -29.53 3.56 -42.81
C LEU D 323 -29.25 4.58 -43.92
N ASN D 324 -28.96 4.08 -45.12
CA ASN D 324 -28.68 4.98 -46.23
C ASN D 324 -29.89 5.83 -46.57
N GLU D 325 -31.04 5.21 -46.74
CA GLU D 325 -32.24 5.95 -47.09
C GLU D 325 -32.62 6.94 -45.97
N ILE D 326 -32.46 6.51 -44.71
CA ILE D 326 -32.80 7.35 -43.58
C ILE D 326 -31.97 8.63 -43.61
N ILE D 327 -30.67 8.47 -43.82
CA ILE D 327 -29.79 9.61 -43.85
C ILE D 327 -29.92 10.47 -45.10
N SER D 328 -30.01 9.83 -46.26
CA SER D 328 -30.13 10.57 -47.51
C SER D 328 -31.36 11.47 -47.54
N MET D 329 -32.42 11.05 -46.84
CA MET D 329 -33.65 11.84 -46.79
C MET D 329 -33.65 12.95 -45.74
N ASN D 330 -32.85 12.79 -44.69
CA ASN D 330 -32.77 13.79 -43.63
C ASN D 330 -31.35 13.83 -43.09
N GLY D 331 -30.44 14.39 -43.89
CA GLY D 331 -29.06 14.46 -43.49
C GLY D 331 -28.10 14.46 -44.66
N ASP D 332 -26.81 14.31 -44.33
CA ASP D 332 -25.73 14.31 -45.30
C ASP D 332 -25.16 12.90 -45.52
N VAL D 333 -25.40 12.35 -46.70
CA VAL D 333 -24.91 11.01 -47.06
C VAL D 333 -23.38 10.96 -47.13
N THR D 334 -22.77 12.12 -47.38
CA THR D 334 -21.32 12.23 -47.47
C THR D 334 -20.68 11.63 -46.23
N LYS D 335 -21.00 12.20 -45.06
CA LYS D 335 -20.47 11.71 -43.80
C LYS D 335 -20.74 10.23 -43.64
N LEU D 336 -21.98 9.84 -43.86
CA LEU D 336 -22.33 8.43 -43.74
C LEU D 336 -21.36 7.56 -44.50
N LYS D 337 -21.04 7.96 -45.73
CA LYS D 337 -20.14 7.20 -46.56
C LYS D 337 -18.68 7.31 -46.14
N THR D 338 -18.26 8.48 -45.66
CA THR D 338 -16.89 8.60 -45.20
C THR D 338 -16.73 7.75 -43.93
N ILE D 339 -17.85 7.42 -43.30
CA ILE D 339 -17.85 6.58 -42.09
C ILE D 339 -17.87 5.14 -42.55
N VAL D 340 -18.60 4.87 -43.64
CA VAL D 340 -18.66 3.52 -44.18
C VAL D 340 -17.23 3.16 -44.58
N VAL D 341 -16.52 4.16 -45.11
CA VAL D 341 -15.14 3.98 -45.52
C VAL D 341 -14.21 3.86 -44.31
N LYS D 342 -14.39 4.75 -43.32
CA LYS D 342 -13.55 4.71 -42.12
C LYS D 342 -13.79 3.39 -41.40
N SER D 343 -14.89 2.74 -41.74
CA SER D 343 -15.26 1.46 -41.15
C SER D 343 -15.08 0.39 -42.21
N SER D 344 -14.42 0.76 -43.30
CA SER D 344 -14.19 -0.14 -44.44
C SER D 344 -15.59 -0.54 -44.94
N GLY D 345 -15.97 -0.04 -46.11
CA GLY D 345 -17.29 -0.33 -46.65
C GLY D 345 -17.39 -1.44 -47.69
C BE2 E . -23.87 35.82 10.80
O BE2 E . -25.02 35.79 10.31
OXT BE2 E . -23.14 36.91 10.74
C1 BE2 E . -23.24 34.63 11.45
CA BE2 E . -23.95 33.38 11.59
C3 BE2 E . -23.33 32.27 12.21
N BE2 E . -25.22 33.19 11.11
C4 BE2 E . -22.03 32.39 12.72
C5 BE2 E . -21.31 33.61 12.62
C6 BE2 E . -21.91 34.71 12.00
C BE2 F . 33.00 -3.49 14.23
O BE2 F . 31.81 -3.67 13.94
OXT BE2 F . 33.55 -2.30 14.06
C1 BE2 F . 33.87 -4.56 14.79
CA BE2 F . 33.38 -5.90 15.02
C3 BE2 F . 34.25 -6.90 15.55
N BE2 F . 32.10 -6.28 14.76
C4 BE2 F . 35.58 -6.59 15.85
C5 BE2 F . 36.10 -5.29 15.63
C6 BE2 F . 35.25 -4.29 15.11
C BE2 G . 31.42 -6.10 18.60
O BE2 G . 30.39 -6.79 18.68
OXT BE2 G . 31.65 -5.34 17.55
C1 BE2 G . 32.46 -6.06 19.67
CA BE2 G . 32.33 -6.85 20.87
C3 BE2 G . 33.33 -6.80 21.88
N BE2 G . 31.26 -7.66 21.13
C4 BE2 G . 34.47 -5.99 21.68
C5 BE2 G . 34.63 -5.22 20.52
C6 BE2 G . 33.64 -5.25 19.52
C BE2 H . 25.43 -23.40 -19.85
O BE2 H . 26.28 -23.95 -19.12
OXT BE2 H . 25.25 -22.11 -19.83
C1 BE2 H . 24.58 -24.16 -20.78
CA BE2 H . 24.71 -25.59 -20.89
C3 BE2 H . 23.88 -26.32 -21.80
N BE2 H . 25.60 -26.31 -20.16
C4 BE2 H . 22.94 -25.62 -22.59
C5 BE2 H . 22.80 -24.22 -22.49
C6 BE2 H . 23.60 -23.49 -21.61
C BE2 I . 23.76 -17.95 -19.55
O BE2 I . 24.94 -17.91 -19.15
OXT BE2 I . 23.27 -16.97 -20.28
C1 BE2 I . 22.84 -19.08 -19.24
CA BE2 I . 23.27 -20.21 -18.45
C3 BE2 I . 22.37 -21.28 -18.17
N BE2 I . 24.52 -20.33 -17.93
C4 BE2 I . 21.06 -21.23 -18.67
C5 BE2 I . 20.61 -20.13 -19.45
C6 BE2 I . 21.49 -19.07 -19.73
C BE2 J . -31.73 12.46 -21.62
O BE2 J . -31.02 11.89 -20.77
OXT BE2 J . -31.71 13.76 -21.75
C1 BE2 J . -32.64 11.74 -22.52
CA BE2 J . -32.73 10.30 -22.48
C3 BE2 J . -33.62 9.63 -23.36
N BE2 J . -32.01 9.55 -21.62
C4 BE2 J . -34.39 10.36 -24.28
C5 BE2 J . -34.31 11.77 -24.34
C6 BE2 J . -33.44 12.46 -23.47
C BE2 K . -33.15 18.12 -22.24
O BE2 K . -31.96 18.23 -21.89
OXT BE2 K . -33.67 18.98 -23.09
C1 BE2 K . -34.04 17.04 -21.72
CA BE2 K . -33.57 16.06 -20.79
C3 BE2 K . -34.45 15.03 -20.31
N BE2 K . -32.29 16.05 -20.32
C4 BE2 K . -35.77 15.00 -20.76
C5 BE2 K . -36.27 15.95 -21.68
C6 BE2 K . -35.41 16.96 -22.17
#